data_6ECM
# 
_entry.id   6ECM 
# 
_audit_conform.dict_name       mmcif_pdbx.dic 
_audit_conform.dict_version    5.379 
_audit_conform.dict_location   http://mmcif.pdb.org/dictionaries/ascii/mmcif_pdbx.dic 
# 
loop_
_database_2.database_id 
_database_2.database_code 
_database_2.pdbx_database_accession 
_database_2.pdbx_DOI 
PDB   6ECM         pdb_00006ecm 10.2210/pdb6ecm/pdb 
WWPDB D_1000236083 ?            ?                   
# 
_pdbx_database_status.status_code                     REL 
_pdbx_database_status.status_code_sf                  REL 
_pdbx_database_status.status_code_mr                  ? 
_pdbx_database_status.entry_id                        6ECM 
_pdbx_database_status.recvd_initial_deposition_date   2018-08-08 
_pdbx_database_status.SG_entry                        N 
_pdbx_database_status.deposit_site                    RCSB 
_pdbx_database_status.process_site                    RCSB 
_pdbx_database_status.status_code_cs                  ? 
_pdbx_database_status.methods_development_category    ? 
_pdbx_database_status.pdb_format_compatible           Y 
_pdbx_database_status.status_code_nmr_data            ? 
# 
loop_
_audit_author.name 
_audit_author.pdbx_ordinal 
_audit_author.identifier_ORCID 
'Chandra, M.'   1 0000-0003-2382-5024 
'Collins, B.M.' 2 0000-0002-6070-3774 
# 
_citation.abstract                  ? 
_citation.abstract_id_CAS           ? 
_citation.book_id_ISBN              ? 
_citation.book_publisher            ? 
_citation.book_publisher_city       ? 
_citation.book_title                ? 
_citation.coordinate_linkage        ? 
_citation.country                   UK 
_citation.database_id_Medline       ? 
_citation.details                   ? 
_citation.id                        primary 
_citation.journal_abbrev            'Nat Commun' 
_citation.journal_id_ASTM           ? 
_citation.journal_id_CSD            ? 
_citation.journal_id_ISSN           2041-1723 
_citation.journal_full              ? 
_citation.journal_issue             ? 
_citation.journal_volume            10 
_citation.language                  ? 
_citation.page_first                1528 
_citation.page_last                 1528 
_citation.title                     
'Classification of the human phox homology (PX) domains based on their phosphoinositide binding specificities.' 
_citation.year                      2019 
_citation.database_id_CSD           ? 
_citation.pdbx_database_id_DOI      10.1038/s41467-019-09355-y 
_citation.pdbx_database_id_PubMed   30948714 
_citation.unpublished_flag          ? 
# 
loop_
_citation_author.citation_id 
_citation_author.name 
_citation_author.ordinal 
_citation_author.identifier_ORCID 
primary 'Chandra, M.'    1  ?                   
primary 'Chin, Y.K.'     2  ?                   
primary 'Mas, C.'        3  ?                   
primary 'Feathers, J.R.' 4  ?                   
primary 'Paul, B.'       5  ?                   
primary 'Datta, S.'      6  ?                   
primary 'Chen, K.E.'     7  0000-0003-1106-1629 
primary 'Jia, X.'        8  0000-0003-0133-8321 
primary 'Yang, Z.'       9  ?                   
primary 'Norwood, S.J.'  10 ?                   
primary 'Mohanty, B.'    11 ?                   
primary 'Bugarcic, A.'   12 ?                   
primary 'Teasdale, R.D.' 13 ?                   
primary 'Henne, W.M.'    14 ?                   
primary 'Mobli, M.'      15 0000-0003-2420-4262 
primary 'Collins, B.M.'  16 ?                   
# 
_cell.angle_alpha                  90.00 
_cell.angle_alpha_esd              ? 
_cell.angle_beta                   90.00 
_cell.angle_beta_esd               ? 
_cell.angle_gamma                  90.00 
_cell.angle_gamma_esd              ? 
_cell.entry_id                     6ECM 
_cell.details                      ? 
_cell.formula_units_Z              ? 
_cell.length_a                     54.498 
_cell.length_a_esd                 ? 
_cell.length_b                     54.498 
_cell.length_b_esd                 ? 
_cell.length_c                     83.580 
_cell.length_c_esd                 ? 
_cell.volume                       ? 
_cell.volume_esd                   ? 
_cell.Z_PDB                        8 
_cell.reciprocal_angle_alpha       ? 
_cell.reciprocal_angle_beta        ? 
_cell.reciprocal_angle_gamma       ? 
_cell.reciprocal_angle_alpha_esd   ? 
_cell.reciprocal_angle_beta_esd    ? 
_cell.reciprocal_angle_gamma_esd   ? 
_cell.reciprocal_length_a          ? 
_cell.reciprocal_length_b          ? 
_cell.reciprocal_length_c          ? 
_cell.reciprocal_length_a_esd      ? 
_cell.reciprocal_length_b_esd      ? 
_cell.reciprocal_length_c_esd      ? 
_cell.pdbx_unique_axis             ? 
# 
_symmetry.entry_id                         6ECM 
_symmetry.cell_setting                     ? 
_symmetry.Int_Tables_number                96 
_symmetry.space_group_name_Hall            ? 
_symmetry.space_group_name_H-M             'P 43 21 2' 
_symmetry.pdbx_full_space_group_name_H-M   ? 
# 
loop_
_entity.id 
_entity.type 
_entity.src_method 
_entity.pdbx_description 
_entity.formula_weight 
_entity.pdbx_number_of_molecules 
_entity.pdbx_ec 
_entity.pdbx_mutation 
_entity.pdbx_fragment 
_entity.details 
1 polymer     man 'Sorting nexin-15' 15134.136 1 ? ? ? ? 
2 non-polymer syn 'SULFATE ION'      96.063    1 ? ? ? ? 
3 water       nat water              18.015    9 ? ? ? ? 
# 
_entity_poly.entity_id                      1 
_entity_poly.type                           'polypeptide(L)' 
_entity_poly.nstd_linkage                   no 
_entity_poly.nstd_monomer                   no 
_entity_poly.pdbx_seq_one_letter_code       
;GSMSRQAKDDFLRHYTVSDPRTHPKGYTEYKVTAQFISKKDPEDVKEVVVWKRYSDFRKLHGDLAYTHRNLFRRLEEFPA
FPRAQVFGRFEASVIEERRKGAEDLLRFTVHIPALNNSPQLKEFFRGG
;
_entity_poly.pdbx_seq_one_letter_code_can   
;GSMSRQAKDDFLRHYTVSDPRTHPKGYTEYKVTAQFISKKDPEDVKEVVVWKRYSDFRKLHGDLAYTHRNLFRRLEEFPA
FPRAQVFGRFEASVIEERRKGAEDLLRFTVHIPALNNSPQLKEFFRGG
;
_entity_poly.pdbx_strand_id                 A 
_entity_poly.pdbx_target_identifier         ? 
# 
loop_
_entity_poly_seq.entity_id 
_entity_poly_seq.num 
_entity_poly_seq.mon_id 
_entity_poly_seq.hetero 
1 1   GLY n 
1 2   SER n 
1 3   MET n 
1 4   SER n 
1 5   ARG n 
1 6   GLN n 
1 7   ALA n 
1 8   LYS n 
1 9   ASP n 
1 10  ASP n 
1 11  PHE n 
1 12  LEU n 
1 13  ARG n 
1 14  HIS n 
1 15  TYR n 
1 16  THR n 
1 17  VAL n 
1 18  SER n 
1 19  ASP n 
1 20  PRO n 
1 21  ARG n 
1 22  THR n 
1 23  HIS n 
1 24  PRO n 
1 25  LYS n 
1 26  GLY n 
1 27  TYR n 
1 28  THR n 
1 29  GLU n 
1 30  TYR n 
1 31  LYS n 
1 32  VAL n 
1 33  THR n 
1 34  ALA n 
1 35  GLN n 
1 36  PHE n 
1 37  ILE n 
1 38  SER n 
1 39  LYS n 
1 40  LYS n 
1 41  ASP n 
1 42  PRO n 
1 43  GLU n 
1 44  ASP n 
1 45  VAL n 
1 46  LYS n 
1 47  GLU n 
1 48  VAL n 
1 49  VAL n 
1 50  VAL n 
1 51  TRP n 
1 52  LYS n 
1 53  ARG n 
1 54  TYR n 
1 55  SER n 
1 56  ASP n 
1 57  PHE n 
1 58  ARG n 
1 59  LYS n 
1 60  LEU n 
1 61  HIS n 
1 62  GLY n 
1 63  ASP n 
1 64  LEU n 
1 65  ALA n 
1 66  TYR n 
1 67  THR n 
1 68  HIS n 
1 69  ARG n 
1 70  ASN n 
1 71  LEU n 
1 72  PHE n 
1 73  ARG n 
1 74  ARG n 
1 75  LEU n 
1 76  GLU n 
1 77  GLU n 
1 78  PHE n 
1 79  PRO n 
1 80  ALA n 
1 81  PHE n 
1 82  PRO n 
1 83  ARG n 
1 84  ALA n 
1 85  GLN n 
1 86  VAL n 
1 87  PHE n 
1 88  GLY n 
1 89  ARG n 
1 90  PHE n 
1 91  GLU n 
1 92  ALA n 
1 93  SER n 
1 94  VAL n 
1 95  ILE n 
1 96  GLU n 
1 97  GLU n 
1 98  ARG n 
1 99  ARG n 
1 100 LYS n 
1 101 GLY n 
1 102 ALA n 
1 103 GLU n 
1 104 ASP n 
1 105 LEU n 
1 106 LEU n 
1 107 ARG n 
1 108 PHE n 
1 109 THR n 
1 110 VAL n 
1 111 HIS n 
1 112 ILE n 
1 113 PRO n 
1 114 ALA n 
1 115 LEU n 
1 116 ASN n 
1 117 ASN n 
1 118 SER n 
1 119 PRO n 
1 120 GLN n 
1 121 LEU n 
1 122 LYS n 
1 123 GLU n 
1 124 PHE n 
1 125 PHE n 
1 126 ARG n 
1 127 GLY n 
1 128 GLY n 
# 
_entity_src_gen.entity_id                          1 
_entity_src_gen.pdbx_src_id                        1 
_entity_src_gen.pdbx_alt_source_flag               sample 
_entity_src_gen.pdbx_seq_type                      'Biological sequence' 
_entity_src_gen.pdbx_beg_seq_num                   1 
_entity_src_gen.pdbx_end_seq_num                   128 
_entity_src_gen.gene_src_common_name               Human 
_entity_src_gen.gene_src_genus                     ? 
_entity_src_gen.pdbx_gene_src_gene                 SNX15 
_entity_src_gen.gene_src_species                   ? 
_entity_src_gen.gene_src_strain                    ? 
_entity_src_gen.gene_src_tissue                    ? 
_entity_src_gen.gene_src_tissue_fraction           ? 
_entity_src_gen.gene_src_details                   ? 
_entity_src_gen.pdbx_gene_src_fragment             ? 
_entity_src_gen.pdbx_gene_src_scientific_name      'Homo sapiens' 
_entity_src_gen.pdbx_gene_src_ncbi_taxonomy_id     9606 
_entity_src_gen.pdbx_gene_src_variant              ? 
_entity_src_gen.pdbx_gene_src_cell_line            ? 
_entity_src_gen.pdbx_gene_src_atcc                 ? 
_entity_src_gen.pdbx_gene_src_organ                ? 
_entity_src_gen.pdbx_gene_src_organelle            ? 
_entity_src_gen.pdbx_gene_src_cell                 ? 
_entity_src_gen.pdbx_gene_src_cellular_location    ? 
_entity_src_gen.host_org_common_name               ? 
_entity_src_gen.pdbx_host_org_scientific_name      'Escherichia coli' 
_entity_src_gen.pdbx_host_org_ncbi_taxonomy_id     562 
_entity_src_gen.host_org_genus                     ? 
_entity_src_gen.pdbx_host_org_gene                 ? 
_entity_src_gen.pdbx_host_org_organ                ? 
_entity_src_gen.host_org_species                   ? 
_entity_src_gen.pdbx_host_org_tissue               ? 
_entity_src_gen.pdbx_host_org_tissue_fraction      ? 
_entity_src_gen.pdbx_host_org_strain               ? 
_entity_src_gen.pdbx_host_org_variant              ? 
_entity_src_gen.pdbx_host_org_cell_line            ? 
_entity_src_gen.pdbx_host_org_atcc                 ? 
_entity_src_gen.pdbx_host_org_culture_collection   ? 
_entity_src_gen.pdbx_host_org_cell                 ? 
_entity_src_gen.pdbx_host_org_organelle            ? 
_entity_src_gen.pdbx_host_org_cellular_location    ? 
_entity_src_gen.pdbx_host_org_vector_type          ? 
_entity_src_gen.pdbx_host_org_vector               ? 
_entity_src_gen.host_org_details                   ? 
_entity_src_gen.expression_system_id               ? 
_entity_src_gen.plasmid_name                       ? 
_entity_src_gen.plasmid_details                    ? 
_entity_src_gen.pdbx_description                   ? 
# 
_struct_ref.id                         1 
_struct_ref.db_name                    UNP 
_struct_ref.db_code                    SNX15_HUMAN 
_struct_ref.pdbx_db_accession          Q9NRS6 
_struct_ref.pdbx_db_isoform            ? 
_struct_ref.entity_id                  1 
_struct_ref.pdbx_seq_one_letter_code   
;MSRQAKDDFLRHYTVSDPRTHPKGYTEYKVTAQFISKKDPEDVKEVVVWKRYSDFRKLHGDLAYTHRNLFRRLEEFPAFP
RAQVFGRFEASVIEERRKGAEDLLRFTVHIPALNNSPQLKEFFRGG
;
_struct_ref.pdbx_align_begin           1 
# 
_struct_ref_seq.align_id                      1 
_struct_ref_seq.ref_id                        1 
_struct_ref_seq.pdbx_PDB_id_code              6ECM 
_struct_ref_seq.pdbx_strand_id                A 
_struct_ref_seq.seq_align_beg                 3 
_struct_ref_seq.pdbx_seq_align_beg_ins_code   ? 
_struct_ref_seq.seq_align_end                 128 
_struct_ref_seq.pdbx_seq_align_end_ins_code   ? 
_struct_ref_seq.pdbx_db_accession             Q9NRS6 
_struct_ref_seq.db_align_beg                  1 
_struct_ref_seq.pdbx_db_align_beg_ins_code    ? 
_struct_ref_seq.db_align_end                  126 
_struct_ref_seq.pdbx_db_align_end_ins_code    ? 
_struct_ref_seq.pdbx_auth_seq_align_beg       1 
_struct_ref_seq.pdbx_auth_seq_align_end       126 
# 
loop_
_struct_ref_seq_dif.align_id 
_struct_ref_seq_dif.pdbx_pdb_id_code 
_struct_ref_seq_dif.mon_id 
_struct_ref_seq_dif.pdbx_pdb_strand_id 
_struct_ref_seq_dif.seq_num 
_struct_ref_seq_dif.pdbx_pdb_ins_code 
_struct_ref_seq_dif.pdbx_seq_db_name 
_struct_ref_seq_dif.pdbx_seq_db_accession_code 
_struct_ref_seq_dif.db_mon_id 
_struct_ref_seq_dif.pdbx_seq_db_seq_num 
_struct_ref_seq_dif.details 
_struct_ref_seq_dif.pdbx_auth_seq_num 
_struct_ref_seq_dif.pdbx_ordinal 
1 6ECM GLY A 1 ? UNP Q9NRS6 ? ? 'expression tag' -1 1 
1 6ECM SER A 2 ? UNP Q9NRS6 ? ? 'expression tag' 0  2 
# 
loop_
_chem_comp.id 
_chem_comp.type 
_chem_comp.mon_nstd_flag 
_chem_comp.name 
_chem_comp.pdbx_synonyms 
_chem_comp.formula 
_chem_comp.formula_weight 
ALA 'L-peptide linking' y ALANINE         ? 'C3 H7 N O2'     89.093  
ARG 'L-peptide linking' y ARGININE        ? 'C6 H15 N4 O2 1' 175.209 
ASN 'L-peptide linking' y ASPARAGINE      ? 'C4 H8 N2 O3'    132.118 
ASP 'L-peptide linking' y 'ASPARTIC ACID' ? 'C4 H7 N O4'     133.103 
GLN 'L-peptide linking' y GLUTAMINE       ? 'C5 H10 N2 O3'   146.144 
GLU 'L-peptide linking' y 'GLUTAMIC ACID' ? 'C5 H9 N O4'     147.129 
GLY 'peptide linking'   y GLYCINE         ? 'C2 H5 N O2'     75.067  
HIS 'L-peptide linking' y HISTIDINE       ? 'C6 H10 N3 O2 1' 156.162 
HOH non-polymer         . WATER           ? 'H2 O'           18.015  
ILE 'L-peptide linking' y ISOLEUCINE      ? 'C6 H13 N O2'    131.173 
LEU 'L-peptide linking' y LEUCINE         ? 'C6 H13 N O2'    131.173 
LYS 'L-peptide linking' y LYSINE          ? 'C6 H15 N2 O2 1' 147.195 
MET 'L-peptide linking' y METHIONINE      ? 'C5 H11 N O2 S'  149.211 
PHE 'L-peptide linking' y PHENYLALANINE   ? 'C9 H11 N O2'    165.189 
PRO 'L-peptide linking' y PROLINE         ? 'C5 H9 N O2'     115.130 
SER 'L-peptide linking' y SERINE          ? 'C3 H7 N O3'     105.093 
SO4 non-polymer         . 'SULFATE ION'   ? 'O4 S -2'        96.063  
THR 'L-peptide linking' y THREONINE       ? 'C4 H9 N O3'     119.119 
TRP 'L-peptide linking' y TRYPTOPHAN      ? 'C11 H12 N2 O2'  204.225 
TYR 'L-peptide linking' y TYROSINE        ? 'C9 H11 N O3'    181.189 
VAL 'L-peptide linking' y VALINE          ? 'C5 H11 N O2'    117.146 
# 
_exptl.absorpt_coefficient_mu     ? 
_exptl.absorpt_correction_T_max   ? 
_exptl.absorpt_correction_T_min   ? 
_exptl.absorpt_correction_type    ? 
_exptl.absorpt_process_details    ? 
_exptl.entry_id                   6ECM 
_exptl.crystals_number            1 
_exptl.details                    ? 
_exptl.method                     'X-RAY DIFFRACTION' 
_exptl.method_details             ? 
# 
_exptl_crystal.colour                      ? 
_exptl_crystal.density_diffrn              ? 
_exptl_crystal.density_Matthews            2.05 
_exptl_crystal.density_method              ? 
_exptl_crystal.density_percent_sol         40.01 
_exptl_crystal.description                 ? 
_exptl_crystal.F_000                       ? 
_exptl_crystal.id                          1 
_exptl_crystal.preparation                 ? 
_exptl_crystal.size_max                    ? 
_exptl_crystal.size_mid                    ? 
_exptl_crystal.size_min                    ? 
_exptl_crystal.size_rad                    ? 
_exptl_crystal.colour_lustre               ? 
_exptl_crystal.colour_modifier             ? 
_exptl_crystal.colour_primary              ? 
_exptl_crystal.density_meas                ? 
_exptl_crystal.density_meas_esd            ? 
_exptl_crystal.density_meas_gt             ? 
_exptl_crystal.density_meas_lt             ? 
_exptl_crystal.density_meas_temp           ? 
_exptl_crystal.density_meas_temp_esd       ? 
_exptl_crystal.density_meas_temp_gt        ? 
_exptl_crystal.density_meas_temp_lt        ? 
_exptl_crystal.pdbx_crystal_image_url      ? 
_exptl_crystal.pdbx_crystal_image_format   ? 
_exptl_crystal.pdbx_mosaicity              ? 
_exptl_crystal.pdbx_mosaicity_esd          ? 
# 
_exptl_crystal_grow.apparatus       ? 
_exptl_crystal_grow.atmosphere      ? 
_exptl_crystal_grow.crystal_id      1 
_exptl_crystal_grow.details         ? 
_exptl_crystal_grow.method          'VAPOR DIFFUSION, HANGING DROP' 
_exptl_crystal_grow.method_ref      ? 
_exptl_crystal_grow.pH              8.5 
_exptl_crystal_grow.pressure        ? 
_exptl_crystal_grow.pressure_esd    ? 
_exptl_crystal_grow.seeding         ? 
_exptl_crystal_grow.seeding_ref     ? 
_exptl_crystal_grow.temp            293 
_exptl_crystal_grow.temp_details    ? 
_exptl_crystal_grow.temp_esd        ? 
_exptl_crystal_grow.time            ? 
_exptl_crystal_grow.pdbx_details    '0.1 M Tris (pH 8.5) 200 mM LiSO4, 24% PEG4000, 10% glycerol' 
_exptl_crystal_grow.pdbx_pH_range   ? 
# 
_diffrn.ambient_environment              ? 
_diffrn.ambient_temp                     100 
_diffrn.ambient_temp_details             ? 
_diffrn.ambient_temp_esd                 ? 
_diffrn.crystal_id                       1 
_diffrn.crystal_support                  ? 
_diffrn.crystal_treatment                ? 
_diffrn.details                          ? 
_diffrn.id                               1 
_diffrn.ambient_pressure                 ? 
_diffrn.ambient_pressure_esd             ? 
_diffrn.ambient_pressure_gt              ? 
_diffrn.ambient_pressure_lt              ? 
_diffrn.ambient_temp_gt                  ? 
_diffrn.ambient_temp_lt                  ? 
_diffrn.pdbx_serial_crystal_experiment   ? 
# 
_diffrn_detector.details                      ? 
_diffrn_detector.detector                     PIXEL 
_diffrn_detector.diffrn_id                    1 
_diffrn_detector.type                         'DECTRIS EIGER X 16M' 
_diffrn_detector.area_resol_mean              ? 
_diffrn_detector.dtime                        ? 
_diffrn_detector.pdbx_frames_total            ? 
_diffrn_detector.pdbx_collection_time_total   ? 
_diffrn_detector.pdbx_collection_date         2018-08-01 
_diffrn_detector.pdbx_frequency               ? 
# 
_diffrn_radiation.collimation                      ? 
_diffrn_radiation.diffrn_id                        1 
_diffrn_radiation.filter_edge                      ? 
_diffrn_radiation.inhomogeneity                    ? 
_diffrn_radiation.monochromator                    ? 
_diffrn_radiation.polarisn_norm                    ? 
_diffrn_radiation.polarisn_ratio                   ? 
_diffrn_radiation.probe                            ? 
_diffrn_radiation.type                             ? 
_diffrn_radiation.xray_symbol                      ? 
_diffrn_radiation.wavelength_id                    1 
_diffrn_radiation.pdbx_monochromatic_or_laue_m_l   M 
_diffrn_radiation.pdbx_wavelength_list             ? 
_diffrn_radiation.pdbx_wavelength                  ? 
_diffrn_radiation.pdbx_diffrn_protocol             'SINGLE WAVELENGTH' 
_diffrn_radiation.pdbx_analyzer                    ? 
_diffrn_radiation.pdbx_scattering_type             x-ray 
# 
_diffrn_radiation_wavelength.id           1 
_diffrn_radiation_wavelength.wavelength   0.9796 
_diffrn_radiation_wavelength.wt           1.0 
# 
_diffrn_source.current                     ? 
_diffrn_source.details                     ? 
_diffrn_source.diffrn_id                   1 
_diffrn_source.power                       ? 
_diffrn_source.size                        ? 
_diffrn_source.source                      SYNCHROTRON 
_diffrn_source.target                      ? 
_diffrn_source.type                        'AUSTRALIAN SYNCHROTRON BEAMLINE MX2' 
_diffrn_source.voltage                     ? 
_diffrn_source.take-off_angle              ? 
_diffrn_source.pdbx_wavelength_list        0.9796 
_diffrn_source.pdbx_wavelength             ? 
_diffrn_source.pdbx_synchrotron_beamline   MX2 
_diffrn_source.pdbx_synchrotron_site       'Australian Synchrotron' 
# 
_reflns.B_iso_Wilson_estimate            ? 
_reflns.entry_id                         6ECM 
_reflns.data_reduction_details           ? 
_reflns.data_reduction_method            ? 
_reflns.d_resolution_high                2.35 
_reflns.d_resolution_low                 45 
_reflns.details                          ? 
_reflns.limit_h_max                      ? 
_reflns.limit_h_min                      ? 
_reflns.limit_k_max                      ? 
_reflns.limit_k_min                      ? 
_reflns.limit_l_max                      ? 
_reflns.limit_l_min                      ? 
_reflns.number_all                       ? 
_reflns.number_obs                       5645 
_reflns.observed_criterion               ? 
_reflns.observed_criterion_F_max         ? 
_reflns.observed_criterion_F_min         ? 
_reflns.observed_criterion_I_max         ? 
_reflns.observed_criterion_I_min         ? 
_reflns.observed_criterion_sigma_F       ? 
_reflns.observed_criterion_sigma_I       ? 
_reflns.percent_possible_obs             99.4 
_reflns.R_free_details                   ? 
_reflns.Rmerge_F_all                     ? 
_reflns.Rmerge_F_obs                     ? 
_reflns.Friedel_coverage                 ? 
_reflns.number_gt                        ? 
_reflns.threshold_expression             ? 
_reflns.pdbx_redundancy                  26.2 
_reflns.pdbx_Rmerge_I_obs                0.076 
_reflns.pdbx_Rmerge_I_all                ? 
_reflns.pdbx_Rsym_value                  ? 
_reflns.pdbx_netI_over_av_sigmaI         ? 
_reflns.pdbx_netI_over_sigmaI            20.9 
_reflns.pdbx_res_netI_over_av_sigmaI_2   ? 
_reflns.pdbx_res_netI_over_sigmaI_2      ? 
_reflns.pdbx_chi_squared                 ? 
_reflns.pdbx_scaling_rejects             ? 
_reflns.pdbx_d_res_high_opt              ? 
_reflns.pdbx_d_res_low_opt               ? 
_reflns.pdbx_d_res_opt_method            ? 
_reflns.phase_calculation_details        ? 
_reflns.pdbx_Rrim_I_all                  ? 
_reflns.pdbx_Rpim_I_all                  0.015 
_reflns.pdbx_d_opt                       ? 
_reflns.pdbx_number_measured_all         ? 
_reflns.pdbx_diffrn_id                   1 
_reflns.pdbx_ordinal                     1 
_reflns.pdbx_CC_half                     1 
_reflns.pdbx_R_split                     ? 
# 
_reflns_shell.d_res_high                  2.35 
_reflns_shell.d_res_low                   2.43 
_reflns_shell.meanI_over_sigI_all         ? 
_reflns_shell.meanI_over_sigI_obs         3.1 
_reflns_shell.number_measured_all         ? 
_reflns_shell.number_measured_obs         ? 
_reflns_shell.number_possible             ? 
_reflns_shell.number_unique_all           ? 
_reflns_shell.number_unique_obs           505 
_reflns_shell.percent_possible_all        94.3 
_reflns_shell.percent_possible_obs        ? 
_reflns_shell.Rmerge_F_all                ? 
_reflns_shell.Rmerge_F_obs                ? 
_reflns_shell.Rmerge_I_all                ? 
_reflns_shell.Rmerge_I_obs                1.074 
_reflns_shell.meanI_over_sigI_gt          ? 
_reflns_shell.meanI_over_uI_all           ? 
_reflns_shell.meanI_over_uI_gt            ? 
_reflns_shell.number_measured_gt          ? 
_reflns_shell.number_unique_gt            ? 
_reflns_shell.percent_possible_gt         ? 
_reflns_shell.Rmerge_F_gt                 ? 
_reflns_shell.Rmerge_I_gt                 ? 
_reflns_shell.pdbx_redundancy             24.6 
_reflns_shell.pdbx_Rsym_value             ? 
_reflns_shell.pdbx_chi_squared            ? 
_reflns_shell.pdbx_netI_over_sigmaI_all   ? 
_reflns_shell.pdbx_netI_over_sigmaI_obs   ? 
_reflns_shell.pdbx_Rrim_I_all             ? 
_reflns_shell.pdbx_Rpim_I_all             0.216 
_reflns_shell.pdbx_rejects                ? 
_reflns_shell.pdbx_ordinal                1 
_reflns_shell.pdbx_diffrn_id              1 
_reflns_shell.pdbx_CC_half                0.982 
_reflns_shell.pdbx_R_split                ? 
# 
_refine.aniso_B[1][1]                            ? 
_refine.aniso_B[1][2]                            ? 
_refine.aniso_B[1][3]                            ? 
_refine.aniso_B[2][2]                            ? 
_refine.aniso_B[2][3]                            ? 
_refine.aniso_B[3][3]                            ? 
_refine.B_iso_max                                ? 
_refine.B_iso_mean                               ? 
_refine.B_iso_min                                ? 
_refine.correlation_coeff_Fo_to_Fc               ? 
_refine.correlation_coeff_Fo_to_Fc_free          ? 
_refine.details                                  ? 
_refine.diff_density_max                         ? 
_refine.diff_density_max_esd                     ? 
_refine.diff_density_min                         ? 
_refine.diff_density_min_esd                     ? 
_refine.diff_density_rms                         ? 
_refine.diff_density_rms_esd                     ? 
_refine.entry_id                                 6ECM 
_refine.pdbx_refine_id                           'X-RAY DIFFRACTION' 
_refine.ls_abs_structure_details                 ? 
_refine.ls_abs_structure_Flack                   ? 
_refine.ls_abs_structure_Flack_esd               ? 
_refine.ls_abs_structure_Rogers                  ? 
_refine.ls_abs_structure_Rogers_esd              ? 
_refine.ls_d_res_high                            2.353 
_refine.ls_d_res_low                             45 
_refine.ls_extinction_coef                       ? 
_refine.ls_extinction_coef_esd                   ? 
_refine.ls_extinction_expression                 ? 
_refine.ls_extinction_method                     ? 
_refine.ls_goodness_of_fit_all                   ? 
_refine.ls_goodness_of_fit_all_esd               ? 
_refine.ls_goodness_of_fit_obs                   ? 
_refine.ls_goodness_of_fit_obs_esd               ? 
_refine.ls_hydrogen_treatment                    ? 
_refine.ls_matrix_type                           ? 
_refine.ls_number_constraints                    ? 
_refine.ls_number_parameters                     ? 
_refine.ls_number_reflns_all                     ? 
_refine.ls_number_reflns_obs                     5569 
_refine.ls_number_reflns_R_free                  560 
_refine.ls_number_reflns_R_work                  ? 
_refine.ls_number_restraints                     ? 
_refine.ls_percent_reflns_obs                    98.85 
_refine.ls_percent_reflns_R_free                 10.06 
_refine.ls_R_factor_all                          ? 
_refine.ls_R_factor_obs                          0.2499 
_refine.ls_R_factor_R_free                       0.2989 
_refine.ls_R_factor_R_free_error                 ? 
_refine.ls_R_factor_R_free_error_details         ? 
_refine.ls_R_factor_R_work                       0.2443 
_refine.ls_R_Fsqd_factor_obs                     ? 
_refine.ls_R_I_factor_obs                        ? 
_refine.ls_redundancy_reflns_all                 ? 
_refine.ls_redundancy_reflns_obs                 ? 
_refine.ls_restrained_S_all                      ? 
_refine.ls_restrained_S_obs                      ? 
_refine.ls_shift_over_esd_max                    ? 
_refine.ls_shift_over_esd_mean                   ? 
_refine.ls_structure_factor_coef                 ? 
_refine.ls_weighting_details                     ? 
_refine.ls_weighting_scheme                      ? 
_refine.ls_wR_factor_all                         ? 
_refine.ls_wR_factor_obs                         ? 
_refine.ls_wR_factor_R_free                      ? 
_refine.ls_wR_factor_R_work                      ? 
_refine.occupancy_max                            ? 
_refine.occupancy_min                            ? 
_refine.solvent_model_details                    ? 
_refine.solvent_model_param_bsol                 ? 
_refine.solvent_model_param_ksol                 ? 
_refine.ls_R_factor_gt                           ? 
_refine.ls_goodness_of_fit_gt                    ? 
_refine.ls_goodness_of_fit_ref                   ? 
_refine.ls_shift_over_su_max                     ? 
_refine.ls_shift_over_su_max_lt                  ? 
_refine.ls_shift_over_su_mean                    ? 
_refine.ls_shift_over_su_mean_lt                 ? 
_refine.pdbx_ls_sigma_I                          ? 
_refine.pdbx_ls_sigma_F                          1.36 
_refine.pdbx_ls_sigma_Fsqd                       ? 
_refine.pdbx_data_cutoff_high_absF               ? 
_refine.pdbx_data_cutoff_high_rms_absF           ? 
_refine.pdbx_data_cutoff_low_absF                ? 
_refine.pdbx_isotropic_thermal_model             ? 
_refine.pdbx_ls_cross_valid_method               'FREE R-VALUE' 
_refine.pdbx_method_to_determine_struct          'MOLECULAR REPLACEMENT' 
_refine.pdbx_starting_model                      4IKD 
_refine.pdbx_stereochemistry_target_values       ? 
_refine.pdbx_R_Free_selection_details            ? 
_refine.pdbx_stereochem_target_val_spec_case     ? 
_refine.pdbx_overall_ESU_R                       ? 
_refine.pdbx_overall_ESU_R_Free                  ? 
_refine.pdbx_solvent_vdw_probe_radii             1.11 
_refine.pdbx_solvent_ion_probe_radii             ? 
_refine.pdbx_solvent_shrinkage_radii             0.90 
_refine.pdbx_real_space_R                        ? 
_refine.pdbx_density_correlation                 ? 
_refine.pdbx_pd_number_of_powder_patterns        ? 
_refine.pdbx_pd_number_of_points                 ? 
_refine.pdbx_pd_meas_number_of_points            ? 
_refine.pdbx_pd_proc_ls_prof_R_factor            ? 
_refine.pdbx_pd_proc_ls_prof_wR_factor           ? 
_refine.pdbx_pd_Marquardt_correlation_coeff      ? 
_refine.pdbx_pd_Fsqrd_R_factor                   ? 
_refine.pdbx_pd_ls_matrix_band_width             ? 
_refine.pdbx_overall_phase_error                 38.43 
_refine.pdbx_overall_SU_R_free_Cruickshank_DPI   ? 
_refine.pdbx_overall_SU_R_free_Blow_DPI          ? 
_refine.pdbx_overall_SU_R_Blow_DPI               ? 
_refine.pdbx_TLS_residual_ADP_flag               ? 
_refine.pdbx_diffrn_id                           1 
_refine.overall_SU_B                             ? 
_refine.overall_SU_ML                            0.25 
_refine.overall_SU_R_Cruickshank_DPI             ? 
_refine.overall_SU_R_free                        ? 
_refine.overall_FOM_free_R_set                   ? 
_refine.overall_FOM_work_R_set                   ? 
_refine.pdbx_average_fsc_overall                 ? 
_refine.pdbx_average_fsc_work                    ? 
_refine.pdbx_average_fsc_free                    ? 
# 
_refine_hist.pdbx_refine_id                   'X-RAY DIFFRACTION' 
_refine_hist.cycle_id                         LAST 
_refine_hist.pdbx_number_atoms_protein        829 
_refine_hist.pdbx_number_atoms_nucleic_acid   0 
_refine_hist.pdbx_number_atoms_ligand         5 
_refine_hist.number_atoms_solvent             9 
_refine_hist.number_atoms_total               843 
_refine_hist.d_res_high                       2.353 
_refine_hist.d_res_low                        45 
# 
loop_
_refine_ls_restr.pdbx_refine_id 
_refine_ls_restr.criterion 
_refine_ls_restr.dev_ideal 
_refine_ls_restr.dev_ideal_target 
_refine_ls_restr.number 
_refine_ls_restr.rejects 
_refine_ls_restr.type 
_refine_ls_restr.weight 
_refine_ls_restr.pdbx_restraint_function 
'X-RAY DIFFRACTION' ? 0.006  ? 853  ? f_bond_d           ? ? 
'X-RAY DIFFRACTION' ? 1.036  ? 1147 ? f_angle_d          ? ? 
'X-RAY DIFFRACTION' ? 15.001 ? 318  ? f_dihedral_angle_d ? ? 
'X-RAY DIFFRACTION' ? 0.038  ? 120  ? f_chiral_restr     ? ? 
'X-RAY DIFFRACTION' ? 0.005  ? 145  ? f_plane_restr      ? ? 
# 
loop_
_refine_ls_shell.pdbx_refine_id 
_refine_ls_shell.d_res_high 
_refine_ls_shell.d_res_low 
_refine_ls_shell.number_reflns_all 
_refine_ls_shell.number_reflns_obs 
_refine_ls_shell.number_reflns_R_free 
_refine_ls_shell.number_reflns_R_work 
_refine_ls_shell.percent_reflns_obs 
_refine_ls_shell.percent_reflns_R_free 
_refine_ls_shell.R_factor_all 
_refine_ls_shell.R_factor_obs 
_refine_ls_shell.R_factor_R_free 
_refine_ls_shell.R_factor_R_free_error 
_refine_ls_shell.R_factor_R_work 
_refine_ls_shell.redundancy_reflns_all 
_refine_ls_shell.redundancy_reflns_obs 
_refine_ls_shell.wR_factor_all 
_refine_ls_shell.wR_factor_obs 
_refine_ls_shell.wR_factor_R_free 
_refine_ls_shell.wR_factor_R_work 
_refine_ls_shell.pdbx_total_number_of_bins_used 
_refine_ls_shell.pdbx_phase_error 
_refine_ls_shell.pdbx_fsc_work 
_refine_ls_shell.pdbx_fsc_free 
'X-RAY DIFFRACTION' 2.3530 2.5897  . . 134 1197 97.00  . . . 0.3636 . 0.2940 . . . . . . . . . . 
'X-RAY DIFFRACTION' 2.5897 2.9644  . . 137 1219 99.00  . . . 0.3970 . 0.2924 . . . . . . . . . . 
'X-RAY DIFFRACTION' 2.9644 3.7346  . . 138 1239 99.00  . . . 0.3364 . 0.2624 . . . . . . . . . . 
'X-RAY DIFFRACTION' 3.7346 45.6593 . . 151 1354 100.00 . . . 0.2635 . 0.2233 . . . . . . . . . . 
# 
_struct.entry_id                     6ECM 
_struct.title                        'Crystal Structure of SNX15 PX domain in domain swapped conformation' 
_struct.pdbx_model_details           ? 
_struct.pdbx_formula_weight          ? 
_struct.pdbx_formula_weight_method   ? 
_struct.pdbx_model_type_details      ? 
_struct.pdbx_CASP_flag               N 
# 
_struct_keywords.entry_id        6ECM 
_struct_keywords.text            'PX domain, endosome, trafficking, sorting nexin, LIPID BINDING PROTEIN' 
_struct_keywords.pdbx_keywords   'LIPID BINDING PROTEIN' 
# 
loop_
_struct_asym.id 
_struct_asym.pdbx_blank_PDB_chainid_flag 
_struct_asym.pdbx_modified 
_struct_asym.entity_id 
_struct_asym.details 
A N N 1 ? 
B N N 2 ? 
C N N 3 ? 
# 
loop_
_struct_conf.conf_type_id 
_struct_conf.id 
_struct_conf.pdbx_PDB_helix_id 
_struct_conf.beg_label_comp_id 
_struct_conf.beg_label_asym_id 
_struct_conf.beg_label_seq_id 
_struct_conf.pdbx_beg_PDB_ins_code 
_struct_conf.end_label_comp_id 
_struct_conf.end_label_asym_id 
_struct_conf.end_label_seq_id 
_struct_conf.pdbx_end_PDB_ins_code 
_struct_conf.beg_auth_comp_id 
_struct_conf.beg_auth_asym_id 
_struct_conf.beg_auth_seq_id 
_struct_conf.end_auth_comp_id 
_struct_conf.end_auth_asym_id 
_struct_conf.end_auth_seq_id 
_struct_conf.pdbx_PDB_helix_class 
_struct_conf.details 
_struct_conf.pdbx_PDB_helix_length 
HELX_P HELX_P1 AA1 ARG A 53  ? GLU A 76  ? ARG A 51  GLU A 74  1 ? 24 
HELX_P HELX_P2 AA2 SER A 93  ? PHE A 108 ? SER A 91  PHE A 106 1 ? 16 
HELX_P HELX_P3 AA3 ILE A 112 ? ASN A 117 ? ILE A 110 ASN A 115 1 ? 6  
HELX_P HELX_P4 AA4 SER A 118 ? PHE A 124 ? SER A 116 PHE A 122 1 ? 7  
# 
_struct_conf_type.id          HELX_P 
_struct_conf_type.criteria    ? 
_struct_conf_type.reference   ? 
# 
_struct_sheet.id               AA1 
_struct_sheet.type             ? 
_struct_sheet.number_strands   3 
_struct_sheet.details          ? 
# 
loop_
_struct_sheet_order.sheet_id 
_struct_sheet_order.range_id_1 
_struct_sheet_order.range_id_2 
_struct_sheet_order.offset 
_struct_sheet_order.sense 
AA1 1 2 ? anti-parallel 
AA1 2 3 ? anti-parallel 
# 
loop_
_struct_sheet_range.sheet_id 
_struct_sheet_range.id 
_struct_sheet_range.beg_label_comp_id 
_struct_sheet_range.beg_label_asym_id 
_struct_sheet_range.beg_label_seq_id 
_struct_sheet_range.pdbx_beg_PDB_ins_code 
_struct_sheet_range.end_label_comp_id 
_struct_sheet_range.end_label_asym_id 
_struct_sheet_range.end_label_seq_id 
_struct_sheet_range.pdbx_end_PDB_ins_code 
_struct_sheet_range.beg_auth_comp_id 
_struct_sheet_range.beg_auth_asym_id 
_struct_sheet_range.beg_auth_seq_id 
_struct_sheet_range.end_auth_comp_id 
_struct_sheet_range.end_auth_asym_id 
_struct_sheet_range.end_auth_seq_id 
AA1 1 ARG A 13 ? THR A 22 ? ARG A 11 THR A 20 
AA1 2 THR A 28 ? PHE A 36 ? THR A 26 PHE A 34 
AA1 3 LYS A 46 ? LYS A 52 ? LYS A 44 LYS A 50 
# 
loop_
_pdbx_struct_sheet_hbond.sheet_id 
_pdbx_struct_sheet_hbond.range_id_1 
_pdbx_struct_sheet_hbond.range_id_2 
_pdbx_struct_sheet_hbond.range_1_label_atom_id 
_pdbx_struct_sheet_hbond.range_1_label_comp_id 
_pdbx_struct_sheet_hbond.range_1_label_asym_id 
_pdbx_struct_sheet_hbond.range_1_label_seq_id 
_pdbx_struct_sheet_hbond.range_1_PDB_ins_code 
_pdbx_struct_sheet_hbond.range_1_auth_atom_id 
_pdbx_struct_sheet_hbond.range_1_auth_comp_id 
_pdbx_struct_sheet_hbond.range_1_auth_asym_id 
_pdbx_struct_sheet_hbond.range_1_auth_seq_id 
_pdbx_struct_sheet_hbond.range_2_label_atom_id 
_pdbx_struct_sheet_hbond.range_2_label_comp_id 
_pdbx_struct_sheet_hbond.range_2_label_asym_id 
_pdbx_struct_sheet_hbond.range_2_label_seq_id 
_pdbx_struct_sheet_hbond.range_2_PDB_ins_code 
_pdbx_struct_sheet_hbond.range_2_auth_atom_id 
_pdbx_struct_sheet_hbond.range_2_auth_comp_id 
_pdbx_struct_sheet_hbond.range_2_auth_asym_id 
_pdbx_struct_sheet_hbond.range_2_auth_seq_id 
AA1 1 2 N SER A 18 ? N SER A 16 O LYS A 31 ? O LYS A 29 
AA1 2 3 N VAL A 32 ? N VAL A 30 O VAL A 50 ? O VAL A 48 
# 
_struct_site.id                   AC1 
_struct_site.pdbx_evidence_code   Software 
_struct_site.pdbx_auth_asym_id    A 
_struct_site.pdbx_auth_comp_id    SO4 
_struct_site.pdbx_auth_seq_id     201 
_struct_site.pdbx_auth_ins_code   ? 
_struct_site.pdbx_num_residues    4 
_struct_site.details              'binding site for residue SO4 A 201' 
# 
loop_
_struct_site_gen.id 
_struct_site_gen.site_id 
_struct_site_gen.pdbx_num_res 
_struct_site_gen.label_comp_id 
_struct_site_gen.label_asym_id 
_struct_site_gen.label_seq_id 
_struct_site_gen.pdbx_auth_ins_code 
_struct_site_gen.auth_comp_id 
_struct_site_gen.auth_asym_id 
_struct_site_gen.auth_seq_id 
_struct_site_gen.label_atom_id 
_struct_site_gen.label_alt_id 
_struct_site_gen.symmetry 
_struct_site_gen.details 
1 AC1 4 ARG A 53 ? ARG A 51 . ? 1_555 ? 
2 AC1 4 TYR A 54 ? TYR A 52 . ? 1_555 ? 
3 AC1 4 SER A 55 ? SER A 53 . ? 1_555 ? 
4 AC1 4 ARG A 98 ? ARG A 96 . ? 1_555 ? 
# 
_atom_sites.entry_id                    6ECM 
_atom_sites.fract_transf_matrix[1][1]   0.00211621 
_atom_sites.fract_transf_matrix[1][2]   -0.01821723 
_atom_sites.fract_transf_matrix[1][3]   -0.00058302 
_atom_sites.fract_transf_matrix[2][1]   -0.00535359 
_atom_sites.fract_transf_matrix[2][2]   -0.00118231 
_atom_sites.fract_transf_matrix[2][3]   0.01751077 
_atom_sites.fract_transf_matrix[3][1]   -0.01136091 
_atom_sites.fract_transf_matrix[3][2]   -0.00120598 
_atom_sites.fract_transf_matrix[3][3]   -0.00355481 
_atom_sites.fract_transf_vector[1]      1.312796 
_atom_sites.fract_transf_vector[2]      -0.016391 
_atom_sites.fract_transf_vector[3]      0.131524 
# 
loop_
_atom_type.symbol 
C 
N 
O 
S 
# 
loop_
_atom_site.group_PDB 
_atom_site.id 
_atom_site.type_symbol 
_atom_site.label_atom_id 
_atom_site.label_alt_id 
_atom_site.label_comp_id 
_atom_site.label_asym_id 
_atom_site.label_entity_id 
_atom_site.label_seq_id 
_atom_site.pdbx_PDB_ins_code 
_atom_site.Cartn_x 
_atom_site.Cartn_y 
_atom_site.Cartn_z 
_atom_site.occupancy 
_atom_site.B_iso_or_equiv 
_atom_site.pdbx_formal_charge 
_atom_site.auth_seq_id 
_atom_site.auth_comp_id 
_atom_site.auth_asym_id 
_atom_site.auth_atom_id 
_atom_site.pdbx_PDB_model_num 
ATOM   1   N N   . PHE A 1 11  ? -3.840  -10.528 -14.566 1.00 88.33  ? 9   PHE A N   1 
ATOM   2   C CA  . PHE A 1 11  ? -5.097  -9.824  -14.798 1.00 103.15 ? 9   PHE A CA  1 
ATOM   3   C C   . PHE A 1 11  ? -6.169  -10.223 -13.772 1.00 100.04 ? 9   PHE A C   1 
ATOM   4   O O   . PHE A 1 11  ? -7.083  -10.979 -14.100 1.00 109.88 ? 9   PHE A O   1 
ATOM   5   C CB  . PHE A 1 11  ? -5.592  -10.084 -16.232 1.00 115.37 ? 9   PHE A CB  1 
ATOM   6   C CG  . PHE A 1 11  ? -6.945  -9.497  -16.526 1.00 107.43 ? 9   PHE A CG  1 
ATOM   7   C CD1 . PHE A 1 11  ? -8.009  -10.315 -16.875 1.00 105.39 ? 9   PHE A CD1 1 
ATOM   8   C CD2 . PHE A 1 11  ? -7.157  -8.130  -16.433 1.00 108.30 ? 9   PHE A CD2 1 
ATOM   9   C CE1 . PHE A 1 11  ? -9.258  -9.778  -17.130 1.00 89.22  ? 9   PHE A CE1 1 
ATOM   10  C CE2 . PHE A 1 11  ? -8.403  -7.588  -16.688 1.00 93.45  ? 9   PHE A CE2 1 
ATOM   11  C CZ  . PHE A 1 11  ? -9.454  -8.412  -17.036 1.00 97.89  ? 9   PHE A CZ  1 
ATOM   12  N N   . LEU A 1 12  ? -6.008  -9.701  -12.549 1.00 93.67  ? 10  LEU A N   1 
ATOM   13  C CA  . LEU A 1 12  ? -6.871  -9.857  -11.354 1.00 93.21  ? 10  LEU A CA  1 
ATOM   14  C C   . LEU A 1 12  ? -5.964  -9.705  -10.122 1.00 84.75  ? 10  LEU A C   1 
ATOM   15  O O   . LEU A 1 12  ? -5.389  -10.681 -9.649  1.00 73.57  ? 10  LEU A O   1 
ATOM   16  C CB  . LEU A 1 12  ? -7.619  -11.201 -11.296 1.00 93.60  ? 10  LEU A CB  1 
ATOM   17  C CG  . LEU A 1 12  ? -9.038  -11.298 -11.903 1.00 100.73 ? 10  LEU A CG  1 
ATOM   18  C CD1 . LEU A 1 12  ? -9.453  -12.751 -12.117 1.00 82.96  ? 10  LEU A CD1 1 
ATOM   19  C CD2 . LEU A 1 12  ? -10.093 -10.565 -11.084 1.00 84.41  ? 10  LEU A CD2 1 
ATOM   20  N N   . ARG A 1 13  ? -5.837  -8.483  -9.611  1.00 82.52  ? 11  ARG A N   1 
ATOM   21  C CA  . ARG A 1 13  ? -4.876  -8.186  -8.544  1.00 71.21  ? 11  ARG A CA  1 
ATOM   22  C C   . ARG A 1 13  ? -5.255  -8.785  -7.181  1.00 73.89  ? 11  ARG A C   1 
ATOM   23  O O   . ARG A 1 13  ? -6.437  -8.934  -6.858  1.00 77.70  ? 11  ARG A O   1 
ATOM   24  C CB  . ARG A 1 13  ? -4.695  -6.667  -8.406  1.00 69.83  ? 11  ARG A CB  1 
ATOM   25  C CG  . ARG A 1 13  ? -4.303  -5.955  -9.709  1.00 85.87  ? 11  ARG A CG  1 
ATOM   26  C CD  . ARG A 1 13  ? -4.244  -4.434  -9.524  1.00 93.18  ? 11  ARG A CD  1 
ATOM   27  N NE  . ARG A 1 13  ? -3.930  -3.703  -10.755 1.00 98.07  ? 11  ARG A NE  1 
ATOM   28  C CZ  . ARG A 1 13  ? -2.805  -3.015  -10.961 1.00 109.92 ? 11  ARG A CZ  1 
ATOM   29  N NH1 . ARG A 1 13  ? -1.867  -2.959  -10.016 1.00 115.04 ? 11  ARG A NH1 1 
ATOM   30  N NH2 . ARG A 1 13  ? -2.610  -2.377  -12.112 1.00 92.62  ? 11  ARG A NH2 1 
ATOM   31  N N   . HIS A 1 14  ? -4.230  -9.139  -6.401  1.00 72.78  ? 12  HIS A N   1 
ATOM   32  C CA  . HIS A 1 14  ? -4.389  -9.643  -5.032  1.00 67.14  ? 12  HIS A CA  1 
ATOM   33  C C   . HIS A 1 14  ? -3.213  -9.222  -4.148  1.00 62.44  ? 12  HIS A C   1 
ATOM   34  O O   . HIS A 1 14  ? -2.074  -9.503  -4.481  1.00 65.33  ? 12  HIS A O   1 
ATOM   35  C CB  . HIS A 1 14  ? -4.503  -11.166 -5.029  1.00 64.12  ? 12  HIS A CB  1 
ATOM   36  C CG  . HIS A 1 14  ? -4.815  -11.748 -3.685  1.00 66.49  ? 12  HIS A CG  1 
ATOM   37  N ND1 . HIS A 1 14  ? -5.750  -11.190 -2.831  1.00 72.91  ? 12  HIS A ND1 1 
ATOM   38  C CD2 . HIS A 1 14  ? -4.338  -12.844 -3.056  1.00 64.68  ? 12  HIS A CD2 1 
ATOM   39  C CE1 . HIS A 1 14  ? -5.820  -11.914 -1.731  1.00 64.32  ? 12  HIS A CE1 1 
ATOM   40  N NE2 . HIS A 1 14  ? -4.978  -12.927 -1.838  1.00 72.11  ? 12  HIS A NE2 1 
ATOM   41  N N   . TYR A 1 15  ? -3.477  -8.559  -3.027  1.00 63.68  ? 13  TYR A N   1 
ATOM   42  C CA  . TYR A 1 15  ? -2.388  -8.159  -2.132  1.00 67.74  ? 13  TYR A CA  1 
ATOM   43  C C   . TYR A 1 15  ? -2.416  -8.932  -0.832  1.00 70.62  ? 13  TYR A C   1 
ATOM   44  O O   . TYR A 1 15  ? -3.484  -9.305  -0.341  1.00 71.48  ? 13  TYR A O   1 
ATOM   45  C CB  . TYR A 1 15  ? -2.447  -6.671  -1.796  1.00 61.23  ? 13  TYR A CB  1 
ATOM   46  C CG  . TYR A 1 15  ? -2.319  -5.747  -2.973  1.00 69.46  ? 13  TYR A CG  1 
ATOM   47  C CD1 . TYR A 1 15  ? -1.126  -5.638  -3.668  1.00 57.84  ? 13  TYR A CD1 1 
ATOM   48  C CD2 . TYR A 1 15  ? -3.388  -4.965  -3.374  1.00 70.18  ? 13  TYR A CD2 1 
ATOM   49  C CE1 . TYR A 1 15  ? -1.008  -4.777  -4.749  1.00 74.24  ? 13  TYR A CE1 1 
ATOM   50  C CE2 . TYR A 1 15  ? -3.282  -4.104  -4.448  1.00 72.14  ? 13  TYR A CE2 1 
ATOM   51  C CZ  . TYR A 1 15  ? -2.094  -4.010  -5.133  1.00 77.34  ? 13  TYR A CZ  1 
ATOM   52  O OH  . TYR A 1 15  ? -1.995  -3.145  -6.202  1.00 77.01  ? 13  TYR A OH  1 
ATOM   53  N N   . THR A 1 16  ? -1.231  -9.163  -0.279  1.00 65.56  ? 14  THR A N   1 
ATOM   54  C CA  . THR A 1 16  ? -1.096  -9.630  1.099   1.00 62.01  ? 14  THR A CA  1 
ATOM   55  C C   . THR A 1 16  ? 0.041   -8.886  1.774   1.00 57.53  ? 14  THR A C   1 
ATOM   56  O O   . THR A 1 16  ? 0.995   -8.486  1.116   1.00 58.87  ? 14  THR A O   1 
ATOM   57  C CB  . THR A 1 16  ? -0.812  -11.141 1.188   1.00 74.89  ? 14  THR A CB  1 
ATOM   58  O OG1 . THR A 1 16  ? 0.473   -11.423 0.608   1.00 60.01  ? 14  THR A OG1 1 
ATOM   59  C CG2 . THR A 1 16  ? -1.920  -11.956 0.477   1.00 59.07  ? 14  THR A CG2 1 
ATOM   60  N N   . VAL A 1 17  ? -0.100  -8.665  3.075   1.00 58.37  ? 15  VAL A N   1 
ATOM   61  C CA  . VAL A 1 17  ? 0.967   -8.137  3.909   1.00 54.27  ? 15  VAL A CA  1 
ATOM   62  C C   . VAL A 1 17  ? 1.243   -9.161  4.994   1.00 61.84  ? 15  VAL A C   1 
ATOM   63  O O   . VAL A 1 17  ? 0.321   -9.607  5.673   1.00 63.05  ? 15  VAL A O   1 
ATOM   64  C CB  . VAL A 1 17  ? 0.603   -6.797  4.548   1.00 52.19  ? 15  VAL A CB  1 
ATOM   65  C CG1 . VAL A 1 17  ? 1.692   -6.372  5.517   1.00 64.06  ? 15  VAL A CG1 1 
ATOM   66  C CG2 . VAL A 1 17  ? 0.382   -5.742  3.472   1.00 52.73  ? 15  VAL A CG2 1 
ATOM   67  N N   . SER A 1 18  ? 2.499   -9.552  5.162   1.00 71.32  ? 16  SER A N   1 
ATOM   68  C CA  . SER A 1 18  ? 2.785   -10.680 6.036   1.00 65.50  ? 16  SER A CA  1 
ATOM   69  C C   . SER A 1 18  ? 4.195   -10.742 6.568   1.00 74.38  ? 16  SER A C   1 
ATOM   70  O O   . SER A 1 18  ? 5.023   -9.866  6.307   1.00 58.74  ? 16  SER A O   1 
ATOM   71  C CB  . SER A 1 18  ? 2.521   -11.978 5.301   1.00 68.61  ? 16  SER A CB  1 
ATOM   72  O OG  . SER A 1 18  ? 3.463   -12.131 4.260   1.00 68.73  ? 16  SER A OG  1 
ATOM   73  N N   . ASP A 1 19  ? 4.439   -11.821 7.306   1.00 81.39  ? 17  ASP A N   1 
ATOM   74  C CA  . ASP A 1 19  ? 5.755   -12.187 7.815   1.00 74.77  ? 17  ASP A CA  1 
ATOM   75  C C   . ASP A 1 19  ? 6.565   -11.006 8.329   1.00 74.15  ? 17  ASP A C   1 
ATOM   76  O O   . ASP A 1 19  ? 7.627   -10.692 7.784   1.00 71.08  ? 17  ASP A O   1 
ATOM   77  C CB  . ASP A 1 19  ? 6.527   -12.925 6.722   1.00 82.85  ? 17  ASP A CB  1 
ATOM   78  C CG  . ASP A 1 19  ? 5.746   -14.107 6.165   1.00 83.64  ? 17  ASP A CG  1 
ATOM   79  O OD1 . ASP A 1 19  ? 5.717   -15.165 6.830   1.00 75.39  ? 17  ASP A OD1 1 
ATOM   80  O OD2 . ASP A 1 19  ? 5.141   -13.978 5.074   1.00 90.35  ? 17  ASP A OD2 1 
ATOM   81  N N   . PRO A 1 20  ? 6.059   -10.339 9.381   1.00 73.28  ? 18  PRO A N   1 
ATOM   82  C CA  . PRO A 1 20  ? 6.820   -9.245  9.994   1.00 71.38  ? 18  PRO A CA  1 
ATOM   83  C C   . PRO A 1 20  ? 8.154   -9.756  10.521  1.00 77.05  ? 18  PRO A C   1 
ATOM   84  O O   . PRO A 1 20  ? 8.215   -10.894 10.990  1.00 67.75  ? 18  PRO A O   1 
ATOM   85  C CB  . PRO A 1 20  ? 5.915   -8.774  11.140  1.00 72.55  ? 18  PRO A CB  1 
ATOM   86  C CG  . PRO A 1 20  ? 4.549   -9.308  10.803  1.00 67.17  ? 18  PRO A CG  1 
ATOM   87  C CD  . PRO A 1 20  ? 4.786   -10.586 10.080  1.00 55.62  ? 18  PRO A CD  1 
ATOM   88  N N   . ARG A 1 21  ? 9.200   -8.935  10.417  1.00 71.93  ? 19  ARG A N   1 
ATOM   89  C CA  . ARG A 1 21  ? 10.553  -9.307  10.815  1.00 69.63  ? 19  ARG A CA  1 
ATOM   90  C C   . ARG A 1 21  ? 11.295  -8.073  11.323  1.00 72.33  ? 19  ARG A C   1 
ATOM   91  O O   . ARG A 1 21  ? 11.318  -7.040  10.653  1.00 65.27  ? 19  ARG A O   1 
ATOM   92  C CB  . ARG A 1 21  ? 11.323  -9.926  9.642   1.00 70.23  ? 19  ARG A CB  1 
ATOM   93  C CG  . ARG A 1 21  ? 10.790  -11.267 9.142   1.00 81.04  ? 19  ARG A CG  1 
ATOM   94  C CD  . ARG A 1 21  ? 11.354  -12.422 9.946   1.00 73.49  ? 19  ARG A CD  1 
ATOM   95  N NE  . ARG A 1 21  ? 12.762  -12.197 10.232  1.00 95.49  ? 19  ARG A NE  1 
ATOM   96  C CZ  . ARG A 1 21  ? 13.253  -11.990 11.450  1.00 95.25  ? 19  ARG A CZ  1 
ATOM   97  N NH1 . ARG A 1 21  ? 12.447  -12.004 12.508  1.00 81.85  ? 19  ARG A NH1 1 
ATOM   98  N NH2 . ARG A 1 21  ? 14.554  -11.774 11.605  1.00 93.10  ? 19  ARG A NH2 1 
ATOM   99  N N   . THR A 1 22  ? 11.910  -8.176  12.496  1.00 71.74  ? 20  THR A N   1 
ATOM   100 C CA  . THR A 1 22  ? 12.678  -7.059  13.029  1.00 78.70  ? 20  THR A CA  1 
ATOM   101 C C   . THR A 1 22  ? 13.960  -6.890  12.211  1.00 68.35  ? 20  THR A C   1 
ATOM   102 O O   . THR A 1 22  ? 14.539  -7.874  11.751  1.00 75.62  ? 20  THR A O   1 
ATOM   103 C CB  . THR A 1 22  ? 13.035  -7.253  14.518  1.00 72.13  ? 20  THR A CB  1 
ATOM   104 O OG1 . THR A 1 22  ? 11.986  -7.972  15.184  1.00 78.15  ? 20  THR A OG1 1 
ATOM   105 C CG2 . THR A 1 22  ? 13.228  -5.904  15.198  1.00 72.65  ? 20  THR A CG2 1 
ATOM   106 N N   . HIS A 1 23  ? 14.383  -5.639  12.029  1.00 60.31  ? 21  HIS A N   1 
ATOM   107 C CA  . HIS A 1 23  ? 15.572  -5.289  11.254  1.00 64.09  ? 21  HIS A CA  1 
ATOM   108 C C   . HIS A 1 23  ? 16.736  -5.011  12.221  1.00 67.39  ? 21  HIS A C   1 
ATOM   109 O O   . HIS A 1 23  ? 16.502  -4.669  13.378  1.00 62.37  ? 21  HIS A O   1 
ATOM   110 C CB  . HIS A 1 23  ? 15.260  -4.071  10.375  1.00 65.00  ? 21  HIS A CB  1 
ATOM   111 C CG  . HIS A 1 23  ? 16.352  -3.685  9.428   1.00 67.66  ? 21  HIS A CG  1 
ATOM   112 N ND1 . HIS A 1 23  ? 17.274  -2.704  9.718   1.00 74.51  ? 21  HIS A ND1 1 
ATOM   113 C CD2 . HIS A 1 23  ? 16.657  -4.129  8.184   1.00 72.34  ? 21  HIS A CD2 1 
ATOM   114 C CE1 . HIS A 1 23  ? 18.103  -2.560  8.698   1.00 62.60  ? 21  HIS A CE1 1 
ATOM   115 N NE2 . HIS A 1 23  ? 17.752  -3.419  7.755   1.00 57.56  ? 21  HIS A NE2 1 
ATOM   116 N N   . PRO A 1 24  ? 17.988  -5.189  11.767  1.00 63.46  ? 22  PRO A N   1 
ATOM   117 C CA  . PRO A 1 24  ? 19.090  -4.914  12.698  1.00 70.07  ? 22  PRO A CA  1 
ATOM   118 C C   . PRO A 1 24  ? 19.024  -3.510  13.297  1.00 77.73  ? 22  PRO A C   1 
ATOM   119 O O   . PRO A 1 24  ? 19.493  -3.320  14.420  1.00 75.07  ? 22  PRO A O   1 
ATOM   120 C CB  . PRO A 1 24  ? 20.323  -5.091  11.823  1.00 69.03  ? 22  PRO A CB  1 
ATOM   121 C CG  . PRO A 1 24  ? 19.909  -6.183  10.868  1.00 73.18  ? 22  PRO A CG  1 
ATOM   122 C CD  . PRO A 1 24  ? 18.452  -5.916  10.572  1.00 62.45  ? 22  PRO A CD  1 
ATOM   123 N N   . LYS A 1 25  ? 18.419  -2.564  12.578  1.00 68.74  ? 23  LYS A N   1 
ATOM   124 C CA  . LYS A 1 25  ? 18.260  -1.196  13.069  1.00 66.00  ? 23  LYS A CA  1 
ATOM   125 C C   . LYS A 1 25  ? 17.098  -1.010  14.045  1.00 74.80  ? 23  LYS A C   1 
ATOM   126 O O   . LYS A 1 25  ? 16.845  0.109   14.497  1.00 72.83  ? 23  LYS A O   1 
ATOM   127 C CB  . LYS A 1 25  ? 18.043  -0.226  11.915  1.00 66.48  ? 23  LYS A CB  1 
ATOM   128 C CG  . LYS A 1 25  ? 19.251  0.151   11.103  1.00 64.82  ? 23  LYS A CG  1 
ATOM   129 C CD  . LYS A 1 25  ? 18.854  1.340   10.241  1.00 75.05  ? 23  LYS A CD  1 
ATOM   130 C CE  . LYS A 1 25  ? 19.882  1.701   9.203   1.00 80.88  ? 23  LYS A CE  1 
ATOM   131 N NZ  . LYS A 1 25  ? 19.404  2.912   8.484   1.00 89.51  ? 23  LYS A NZ  1 
ATOM   132 N N   . GLY A 1 26  ? 16.365  -2.077  14.343  1.00 66.61  ? 24  GLY A N   1 
ATOM   133 C CA  . GLY A 1 26  ? 15.284  -1.985  15.316  1.00 78.22  ? 24  GLY A CA  1 
ATOM   134 C C   . GLY A 1 26  ? 13.835  -1.997  14.842  1.00 79.72  ? 24  GLY A C   1 
ATOM   135 O O   . GLY A 1 26  ? 12.970  -2.544  15.535  1.00 86.56  ? 24  GLY A O   1 
ATOM   136 N N   . TYR A 1 27  ? 13.549  -1.401  13.683  1.00 79.36  ? 25  TYR A N   1 
ATOM   137 C CA  . TYR A 1 27  ? 12.160  -1.322  13.195  1.00 75.91  ? 25  TYR A CA  1 
ATOM   138 C C   . TYR A 1 27  ? 11.628  -2.609  12.576  1.00 66.05  ? 25  TYR A C   1 
ATOM   139 O O   . TYR A 1 27  ? 12.365  -3.381  11.966  1.00 71.10  ? 25  TYR A O   1 
ATOM   140 C CB  . TYR A 1 27  ? 12.003  -0.193  12.170  1.00 69.39  ? 25  TYR A CB  1 
ATOM   141 C CG  . TYR A 1 27  ? 12.936  -0.250  10.975  1.00 70.88  ? 25  TYR A CG  1 
ATOM   142 C CD1 . TYR A 1 27  ? 14.019  0.609   10.882  1.00 76.18  ? 25  TYR A CD1 1 
ATOM   143 C CD2 . TYR A 1 27  ? 12.720  -1.140  9.930   1.00 74.46  ? 25  TYR A CD2 1 
ATOM   144 C CE1 . TYR A 1 27  ? 14.876  0.575   9.787   1.00 81.91  ? 25  TYR A CE1 1 
ATOM   145 C CE2 . TYR A 1 27  ? 13.570  -1.182  8.831   1.00 82.13  ? 25  TYR A CE2 1 
ATOM   146 C CZ  . TYR A 1 27  ? 14.646  -0.325  8.764   1.00 76.90  ? 25  TYR A CZ  1 
ATOM   147 O OH  . TYR A 1 27  ? 15.493  -0.364  7.672   1.00 81.66  ? 25  TYR A OH  1 
ATOM   148 N N   . THR A 1 28  ? 10.325  -2.829  12.713  1.00 82.18  ? 26  THR A N   1 
ATOM   149 C CA  . THR A 1 28  ? 9.710   -4.006  12.122  1.00 75.31  ? 26  THR A CA  1 
ATOM   150 C C   . THR A 1 28  ? 9.460   -3.778  10.633  1.00 72.67  ? 26  THR A C   1 
ATOM   151 O O   . THR A 1 28  ? 9.145   -2.662  10.205  1.00 72.45  ? 26  THR A O   1 
ATOM   152 C CB  . THR A 1 28  ? 8.400   -4.374  12.825  1.00 85.04  ? 26  THR A CB  1 
ATOM   153 O OG1 . THR A 1 28  ? 8.004   -3.292  13.676  1.00 106.57 ? 26  THR A OG1 1 
ATOM   154 C CG2 . THR A 1 28  ? 8.587   -5.634  13.675  1.00 71.37  ? 26  THR A CG2 1 
ATOM   155 N N   . GLU A 1 29  ? 9.630   -4.837  9.847   1.00 64.41  ? 27  GLU A N   1 
ATOM   156 C CA  . GLU A 1 29  ? 9.438   -4.769  8.404   1.00 78.17  ? 27  GLU A CA  1 
ATOM   157 C C   . GLU A 1 29  ? 8.432   -5.825  7.951   1.00 66.58  ? 27  GLU A C   1 
ATOM   158 O O   . GLU A 1 29  ? 8.391   -6.937  8.493   1.00 65.54  ? 27  GLU A O   1 
ATOM   159 C CB  . GLU A 1 29  ? 10.765  -4.960  7.659   1.00 66.10  ? 27  GLU A CB  1 
ATOM   160 C CG  . GLU A 1 29  ? 11.576  -3.692  7.437   1.00 74.33  ? 27  GLU A CG  1 
ATOM   161 C CD  . GLU A 1 29  ? 12.921  -3.964  6.767   1.00 66.72  ? 27  GLU A CD  1 
ATOM   162 O OE1 . GLU A 1 29  ? 13.668  -4.847  7.243   1.00 64.94  ? 27  GLU A OE1 1 
ATOM   163 O OE2 . GLU A 1 29  ? 13.224  -3.303  5.753   1.00 67.39  ? 27  GLU A OE2 1 
ATOM   164 N N   . TYR A 1 30  ? 7.638   -5.469  6.948   1.00 64.16  ? 28  TYR A N   1 
ATOM   165 C CA  . TYR A 1 30  ? 6.579   -6.329  6.437   1.00 64.48  ? 28  TYR A CA  1 
ATOM   166 C C   . TYR A 1 30  ? 6.849   -6.749  4.997   1.00 59.08  ? 28  TYR A C   1 
ATOM   167 O O   . TYR A 1 30  ? 7.463   -6.008  4.216   1.00 63.16  ? 28  TYR A O   1 
ATOM   168 C CB  . TYR A 1 30  ? 5.221   -5.614  6.536   1.00 64.64  ? 28  TYR A CB  1 
ATOM   169 C CG  . TYR A 1 30  ? 4.884   -5.155  7.943   1.00 62.62  ? 28  TYR A CG  1 
ATOM   170 C CD1 . TYR A 1 30  ? 4.289   -6.023  8.856   1.00 62.79  ? 28  TYR A CD1 1 
ATOM   171 C CD2 . TYR A 1 30  ? 5.176   -3.864  8.362   1.00 67.40  ? 28  TYR A CD2 1 
ATOM   172 C CE1 . TYR A 1 30  ? 3.996   -5.616  10.153  1.00 69.67  ? 28  TYR A CE1 1 
ATOM   173 C CE2 . TYR A 1 30  ? 4.890   -3.445  9.659   1.00 70.96  ? 28  TYR A CE2 1 
ATOM   174 C CZ  . TYR A 1 30  ? 4.300   -4.326  10.550  1.00 74.46  ? 28  TYR A CZ  1 
ATOM   175 O OH  . TYR A 1 30  ? 4.011   -3.920  11.839  1.00 75.10  ? 28  TYR A OH  1 
ATOM   176 N N   . LYS A 1 31  ? 6.387   -7.951  4.668   1.00 66.40  ? 29  LYS A N   1 
ATOM   177 C CA  . LYS A 1 31  ? 6.394   -8.477  3.305   1.00 65.16  ? 29  LYS A CA  1 
ATOM   178 C C   . LYS A 1 31  ? 5.119   -8.117  2.552   1.00 66.79  ? 29  LYS A C   1 
ATOM   179 O O   . LYS A 1 31  ? 4.030   -8.588  2.888   1.00 64.54  ? 29  LYS A O   1 
ATOM   180 C CB  . LYS A 1 31  ? 6.548   -9.993  3.322   1.00 48.48  ? 29  LYS A CB  1 
ATOM   181 C CG  . LYS A 1 31  ? 6.552   -10.622 1.959   1.00 63.18  ? 29  LYS A CG  1 
ATOM   182 C CD  . LYS A 1 31  ? 6.730   -12.121 2.080   1.00 67.16  ? 29  LYS A CD  1 
ATOM   183 C CE  . LYS A 1 31  ? 6.769   -12.810 0.728   1.00 74.49  ? 29  LYS A CE  1 
ATOM   184 N NZ  . LYS A 1 31  ? 7.075   -14.264 0.907   1.00 70.47  ? 29  LYS A NZ  1 
ATOM   185 N N   . VAL A 1 32  ? 5.254   -7.285  1.530   1.00 68.22  ? 30  VAL A N   1 
ATOM   186 C CA  . VAL A 1 32  ? 4.122   -6.912  0.695   1.00 63.19  ? 30  VAL A CA  1 
ATOM   187 C C   . VAL A 1 32  ? 4.168   -7.673  -0.609  1.00 68.29  ? 30  VAL A C   1 
ATOM   188 O O   . VAL A 1 32  ? 5.105   -7.513  -1.407  1.00 67.32  ? 30  VAL A O   1 
ATOM   189 C CB  . VAL A 1 32  ? 4.102   -5.415  0.397   1.00 58.27  ? 30  VAL A CB  1 
ATOM   190 C CG1 . VAL A 1 32  ? 2.888   -5.064  -0.447  1.00 52.85  ? 30  VAL A CG1 1 
ATOM   191 C CG2 . VAL A 1 32  ? 4.138   -4.629  1.692   1.00 60.10  ? 30  VAL A CG2 1 
ATOM   192 N N   . THR A 1 33  ? 3.148   -8.502  -0.803  1.00 64.72  ? 31  THR A N   1 
ATOM   193 C CA  . THR A 1 33  ? 3.037   -9.351  -1.969  1.00 64.05  ? 31  THR A CA  1 
ATOM   194 C C   . THR A 1 33  ? 1.908   -8.901  -2.866  1.00 62.29  ? 31  THR A C   1 
ATOM   195 O O   . THR A 1 33  ? 0.742   -8.900  -2.461  1.00 73.39  ? 31  THR A O   1 
ATOM   196 C CB  . THR A 1 33  ? 2.778   -10.809 -1.586  1.00 62.51  ? 31  THR A CB  1 
ATOM   197 O OG1 . THR A 1 33  ? 3.734   -11.233 -0.608  1.00 67.14  ? 31  THR A OG1 1 
ATOM   198 C CG2 . THR A 1 33  ? 2.862   -11.691 -2.813  1.00 61.01  ? 31  THR A CG2 1 
ATOM   199 N N   . ALA A 1 34  ? 2.260   -8.518  -4.085  1.00 60.10  ? 32  ALA A N   1 
ATOM   200 C CA  . ALA A 1 34  ? 1.282   -8.210  -5.114  1.00 58.98  ? 32  ALA A CA  1 
ATOM   201 C C   . ALA A 1 34  ? 1.237   -9.355  -6.115  1.00 73.32  ? 32  ALA A C   1 
ATOM   202 O O   . ALA A 1 34  ? 2.242   -9.679  -6.724  1.00 63.68  ? 32  ALA A O   1 
ATOM   203 C CB  . ALA A 1 34  ? 1.635   -6.910  -5.801  1.00 60.11  ? 32  ALA A CB  1 
ATOM   204 N N   . GLN A 1 35  ? 0.074   -9.977  -6.285  1.00 66.66  ? 33  GLN A N   1 
ATOM   205 C CA  . GLN A 1 35  ? -0.057  -11.074 -7.229  1.00 66.19  ? 33  GLN A CA  1 
ATOM   206 C C   . GLN A 1 35  ? -1.044  -10.775 -8.352  1.00 81.28  ? 33  GLN A C   1 
ATOM   207 O O   . GLN A 1 35  ? -2.091  -10.154 -8.137  1.00 77.81  ? 33  GLN A O   1 
ATOM   208 C CB  . GLN A 1 35  ? -0.496  -12.346 -6.513  1.00 82.17  ? 33  GLN A CB  1 
ATOM   209 C CG  . GLN A 1 35  ? 0.344   -12.742 -5.327  1.00 67.33  ? 33  GLN A CG  1 
ATOM   210 C CD  . GLN A 1 35  ? -0.291  -13.882 -4.548  1.00 88.92  ? 33  GLN A CD  1 
ATOM   211 O OE1 . GLN A 1 35  ? -1.509  -14.080 -4.596  1.00 82.95  ? 33  GLN A OE1 1 
ATOM   212 N NE2 . GLN A 1 35  ? 0.531   -14.644 -3.831  1.00 88.24  ? 33  GLN A NE2 1 
ATOM   213 N N   . PHE A 1 36  ? -0.710  -11.259 -9.543  1.00 80.85  ? 34  PHE A N   1 
ATOM   214 C CA  . PHE A 1 36  ? -1.577  -11.141 -10.704 1.00 92.79  ? 34  PHE A CA  1 
ATOM   215 C C   . PHE A 1 36  ? -1.893  -12.531 -11.247 1.00 88.45  ? 34  PHE A C   1 
ATOM   216 O O   . PHE A 1 36  ? -0.989  -13.328 -11.487 1.00 91.26  ? 34  PHE A O   1 
ATOM   217 C CB  . PHE A 1 36  ? -0.915  -10.273 -11.772 1.00 86.94  ? 34  PHE A CB  1 
ATOM   218 C CG  . PHE A 1 36  ? -0.364  -8.984  -11.241 1.00 88.28  ? 34  PHE A CG  1 
ATOM   219 C CD1 . PHE A 1 36  ? 0.966   -8.889  -10.871 1.00 89.45  ? 34  PHE A CD1 1 
ATOM   220 C CD2 . PHE A 1 36  ? -1.177  -7.870  -11.102 1.00 81.17  ? 34  PHE A CD2 1 
ATOM   221 C CE1 . PHE A 1 36  ? 1.482   -7.705  -10.379 1.00 79.87  ? 34  PHE A CE1 1 
ATOM   222 C CE2 . PHE A 1 36  ? -0.670  -6.681  -10.609 1.00 83.09  ? 34  PHE A CE2 1 
ATOM   223 C CZ  . PHE A 1 36  ? 0.662   -6.599  -10.250 1.00 82.30  ? 34  PHE A CZ  1 
ATOM   224 N N   . ILE A 1 37  ? -3.183  -12.816 -11.417 1.00 100.68 ? 35  ILE A N   1 
ATOM   225 C CA  . ILE A 1 37  ? -3.660  -14.133 -11.853 1.00 100.45 ? 35  ILE A CA  1 
ATOM   226 C C   . ILE A 1 37  ? -4.708  -14.005 -12.968 1.00 107.20 ? 35  ILE A C   1 
ATOM   227 O O   . ILE A 1 37  ? -5.487  -13.046 -12.984 1.00 96.53  ? 35  ILE A O   1 
ATOM   228 C CB  . ILE A 1 37  ? -4.286  -14.924 -10.676 1.00 94.74  ? 35  ILE A CB  1 
ATOM   229 C CG1 . ILE A 1 37  ? -3.594  -14.576 -9.353  1.00 96.80  ? 35  ILE A CG1 1 
ATOM   230 C CG2 . ILE A 1 37  ? -4.232  -16.424 -10.942 1.00 102.78 ? 35  ILE A CG2 1 
ATOM   231 C CD1 . ILE A 1 37  ? -4.281  -15.139 -8.129  1.00 101.08 ? 35  ILE A CD1 1 
ATOM   232 N N   . SER A 1 38  ? -4.729  -14.966 -13.894 1.00 118.40 ? 36  SER A N   1 
ATOM   233 C CA  . SER A 1 38  ? -5.736  -14.981 -14.961 1.00 115.55 ? 36  SER A CA  1 
ATOM   234 C C   . SER A 1 38  ? -6.955  -15.801 -14.554 1.00 96.36  ? 36  SER A C   1 
ATOM   235 O O   . SER A 1 38  ? -7.277  -16.803 -15.195 1.00 114.30 ? 36  SER A O   1 
ATOM   236 C CB  . SER A 1 38  ? -5.155  -15.544 -16.263 1.00 117.01 ? 36  SER A CB  1 
ATOM   237 O OG  . SER A 1 38  ? -5.202  -16.962 -16.277 1.00 115.46 ? 36  SER A OG  1 
ATOM   238 N N   . VAL A 1 45  ? 0.468   -16.997 -12.523 1.00 99.33  ? 43  VAL A N   1 
ATOM   239 C CA  . VAL A 1 45  ? 0.676   -16.078 -11.408 1.00 90.06  ? 43  VAL A CA  1 
ATOM   240 C C   . VAL A 1 45  ? 1.964   -15.273 -11.539 1.00 97.87  ? 43  VAL A C   1 
ATOM   241 O O   . VAL A 1 45  ? 3.055   -15.835 -11.577 1.00 87.58  ? 43  VAL A O   1 
ATOM   242 C CB  . VAL A 1 45  ? 0.723   -16.822 -10.065 1.00 75.36  ? 43  VAL A CB  1 
ATOM   243 C CG1 . VAL A 1 45  ? 0.733   -15.822 -8.920  1.00 72.47  ? 43  VAL A CG1 1 
ATOM   244 C CG2 . VAL A 1 45  ? -0.459  -17.767 -9.945  1.00 105.64 ? 43  VAL A CG2 1 
ATOM   245 N N   . LYS A 1 46  ? 1.832   -13.951 -11.600 1.00 103.48 ? 44  LYS A N   1 
ATOM   246 C CA  . LYS A 1 46  ? 2.986   -13.062 -11.584 1.00 83.24  ? 44  LYS A CA  1 
ATOM   247 C C   . LYS A 1 46  ? 3.022   -12.314 -10.253 1.00 86.36  ? 44  LYS A C   1 
ATOM   248 O O   . LYS A 1 46  ? 2.109   -11.564 -9.944  1.00 91.47  ? 44  LYS A O   1 
ATOM   249 C CB  . LYS A 1 46  ? 2.934   -12.072 -12.757 1.00 94.17  ? 44  LYS A CB  1 
ATOM   250 C CG  . LYS A 1 46  ? 3.127   -12.694 -14.149 1.00 99.19  ? 44  LYS A CG  1 
ATOM   251 C CD  . LYS A 1 46  ? 3.105   -11.631 -15.255 1.00 96.16  ? 44  LYS A CD  1 
ATOM   252 C CE  . LYS A 1 46  ? 4.322   -11.726 -16.190 1.00 106.48 ? 44  LYS A CE  1 
ATOM   253 N NZ  . LYS A 1 46  ? 4.324   -12.918 -17.092 1.00 104.43 ? 44  LYS A NZ  1 
ATOM   254 N N   . GLU A 1 47  ? 4.065   -12.506 -9.452  1.00 95.38  ? 45  GLU A N   1 
ATOM   255 C CA  . GLU A 1 47  ? 4.086   -11.829 -8.162  1.00 88.93  ? 45  GLU A CA  1 
ATOM   256 C C   . GLU A 1 47  ? 5.298   -10.926 -7.944  1.00 70.64  ? 45  GLU A C   1 
ATOM   257 O O   . GLU A 1 47  ? 6.422   -11.226 -8.348  1.00 82.16  ? 45  GLU A O   1 
ATOM   258 C CB  . GLU A 1 47  ? 3.973   -12.849 -7.024  1.00 89.04  ? 45  GLU A CB  1 
ATOM   259 C CG  . GLU A 1 47  ? 5.206   -13.658 -6.741  1.00 88.65  ? 45  GLU A CG  1 
ATOM   260 C CD  . GLU A 1 47  ? 5.037   -14.504 -5.500  1.00 87.33  ? 45  GLU A CD  1 
ATOM   261 O OE1 . GLU A 1 47  ? 6.040   -15.073 -5.021  1.00 116.31 ? 45  GLU A OE1 1 
ATOM   262 O OE2 . GLU A 1 47  ? 3.896   -14.590 -5.000  1.00 82.44  ? 45  GLU A OE2 1 
ATOM   263 N N   . VAL A 1 48  ? 5.015   -9.799  -7.301  1.00 63.90  ? 46  VAL A N   1 
ATOM   264 C CA  . VAL A 1 48  ? 5.972   -8.761  -6.988  1.00 74.05  ? 46  VAL A CA  1 
ATOM   265 C C   . VAL A 1 48  ? 6.065   -8.621  -5.475  1.00 81.20  ? 46  VAL A C   1 
ATOM   266 O O   . VAL A 1 48  ? 5.046   -8.488  -4.800  1.00 71.99  ? 46  VAL A O   1 
ATOM   267 C CB  . VAL A 1 48  ? 5.553   -7.418  -7.618  1.00 62.88  ? 46  VAL A CB  1 
ATOM   268 C CG1 . VAL A 1 48  ? 6.311   -6.256  -6.974  1.00 76.55  ? 46  VAL A CG1 1 
ATOM   269 C CG2 . VAL A 1 48  ? 5.776   -7.459  -9.116  1.00 60.57  ? 46  VAL A CG2 1 
ATOM   270 N N   . VAL A 1 49  ? 7.277   -8.661  -4.938  1.00 66.58  ? 47  VAL A N   1 
ATOM   271 C CA  . VAL A 1 49  ? 7.450   -8.593  -3.494  1.00 66.79  ? 47  VAL A CA  1 
ATOM   272 C C   . VAL A 1 49  ? 8.318   -7.406  -3.097  1.00 75.78  ? 47  VAL A C   1 
ATOM   273 O O   . VAL A 1 49  ? 9.387   -7.181  -3.676  1.00 76.39  ? 47  VAL A O   1 
ATOM   274 C CB  . VAL A 1 49  ? 8.076   -9.884  -2.943  1.00 66.73  ? 47  VAL A CB  1 
ATOM   275 C CG1 . VAL A 1 49  ? 8.490   -9.699  -1.483  1.00 76.04  ? 47  VAL A CG1 1 
ATOM   276 C CG2 . VAL A 1 49  ? 7.121   -11.044 -3.083  1.00 70.58  ? 47  VAL A CG2 1 
ATOM   277 N N   . VAL A 1 50  ? 7.853   -6.638  -2.117  1.00 64.91  ? 48  VAL A N   1 
ATOM   278 C CA  . VAL A 1 50  ? 8.679   -5.577  -1.559  1.00 64.35  ? 48  VAL A CA  1 
ATOM   279 C C   . VAL A 1 50  ? 8.602   -5.615  -0.050  1.00 65.65  ? 48  VAL A C   1 
ATOM   280 O O   . VAL A 1 50  ? 7.664   -6.174  0.509   1.00 66.76  ? 48  VAL A O   1 
ATOM   281 C CB  . VAL A 1 50  ? 8.239   -4.203  -2.048  1.00 65.69  ? 48  VAL A CB  1 
ATOM   282 C CG1 . VAL A 1 50  ? 8.649   -4.009  -3.499  1.00 74.83  ? 48  VAL A CG1 1 
ATOM   283 C CG2 . VAL A 1 50  ? 6.728   -4.060  -1.879  1.00 68.25  ? 48  VAL A CG2 1 
ATOM   284 N N   . TRP A 1 51  ? 9.573   -5.006  0.615   1.00 62.36  ? 49  TRP A N   1 
ATOM   285 C CA  . TRP A 1 51  ? 9.564   -4.954  2.067   1.00 56.29  ? 49  TRP A CA  1 
ATOM   286 C C   . TRP A 1 51  ? 9.329   -3.528  2.519   1.00 58.84  ? 49  TRP A C   1 
ATOM   287 O O   . TRP A 1 51  ? 9.895   -2.603  1.951   1.00 53.40  ? 49  TRP A O   1 
ATOM   288 C CB  . TRP A 1 51  ? 10.870  -5.518  2.616   1.00 63.67  ? 49  TRP A CB  1 
ATOM   289 C CG  . TRP A 1 51  ? 10.933  -7.009  2.422   1.00 65.32  ? 49  TRP A CG  1 
ATOM   290 C CD1 . TRP A 1 51  ? 11.275  -7.688  1.273   1.00 62.16  ? 49  TRP A CD1 1 
ATOM   291 C CD2 . TRP A 1 51  ? 10.599  -8.010  3.392   1.00 58.77  ? 49  TRP A CD2 1 
ATOM   292 N NE1 . TRP A 1 51  ? 11.193  -9.049  1.488   1.00 53.70  ? 49  TRP A NE1 1 
ATOM   293 C CE2 . TRP A 1 51  ? 10.773  -9.270  2.777   1.00 53.93  ? 49  TRP A CE2 1 
ATOM   294 C CE3 . TRP A 1 51  ? 10.177  -7.963  4.725   1.00 63.40  ? 49  TRP A CE3 1 
ATOM   295 C CZ2 . TRP A 1 51  ? 10.541  -10.468 3.456   1.00 61.61  ? 49  TRP A CZ2 1 
ATOM   296 C CZ3 . TRP A 1 51  ? 9.950   -9.153  5.399   1.00 59.33  ? 49  TRP A CZ3 1 
ATOM   297 C CH2 . TRP A 1 51  ? 10.132  -10.386 4.765   1.00 69.77  ? 49  TRP A CH2 1 
ATOM   298 N N   . LYS A 1 52  ? 8.450   -3.342  3.502   1.00 52.14  ? 50  LYS A N   1 
ATOM   299 C CA  . LYS A 1 52  ? 8.041   -1.991  3.879   1.00 55.04  ? 50  LYS A CA  1 
ATOM   300 C C   . LYS A 1 52  ? 7.854   -1.877  5.387   1.00 60.69  ? 50  LYS A C   1 
ATOM   301 O O   . LYS A 1 52  ? 7.372   -2.811  6.005   1.00 66.85  ? 50  LYS A O   1 
ATOM   302 C CB  . LYS A 1 52  ? 6.728   -1.612  3.163   1.00 61.86  ? 50  LYS A CB  1 
ATOM   303 C CG  . LYS A 1 52  ? 6.837   -1.463  1.648   1.00 58.94  ? 50  LYS A CG  1 
ATOM   304 C CD  . LYS A 1 52  ? 7.227   -0.029  1.268   1.00 68.93  ? 50  LYS A CD  1 
ATOM   305 C CE  . LYS A 1 52  ? 8.142   0.026   0.044   1.00 71.88  ? 50  LYS A CE  1 
ATOM   306 N NZ  . LYS A 1 52  ? 7.871   -1.081  -0.919  1.00 69.96  ? 50  LYS A NZ  1 
ATOM   307 N N   . ARG A 1 53  ? 8.214   -0.745  5.986   1.00 65.41  ? 51  ARG A N   1 
ATOM   308 C CA  . ARG A 1 53  ? 7.851   -0.532  7.385   1.00 76.49  ? 51  ARG A CA  1 
ATOM   309 C C   . ARG A 1 53  ? 6.551   0.261   7.457   1.00 78.90  ? 51  ARG A C   1 
ATOM   310 O O   . ARG A 1 53  ? 6.213   0.990   6.525   1.00 79.47  ? 51  ARG A O   1 
ATOM   311 C CB  . ARG A 1 53  ? 8.975   0.173   8.156   1.00 85.75  ? 51  ARG A CB  1 
ATOM   312 C CG  . ARG A 1 53  ? 9.838   1.098   7.324   1.00 86.79  ? 51  ARG A CG  1 
ATOM   313 C CD  . ARG A 1 53  ? 11.048  1.615   8.091   1.00 87.38  ? 51  ARG A CD  1 
ATOM   314 N NE  . ARG A 1 53  ? 10.681  2.578   9.129   1.00 108.97 ? 51  ARG A NE  1 
ATOM   315 C CZ  . ARG A 1 53  ? 11.502  3.511   9.610   1.00 104.48 ? 51  ARG A CZ  1 
ATOM   316 N NH1 . ARG A 1 53  ? 12.742  3.620   9.147   1.00 96.15  ? 51  ARG A NH1 1 
ATOM   317 N NH2 . ARG A 1 53  ? 11.077  4.343   10.554  1.00 102.29 ? 51  ARG A NH2 1 
ATOM   318 N N   . TYR A 1 54  ? 5.817   0.104   8.555   1.00 75.53  ? 52  TYR A N   1 
ATOM   319 C CA  . TYR A 1 54  ? 4.513   0.751   8.731   1.00 75.22  ? 52  TYR A CA  1 
ATOM   320 C C   . TYR A 1 54  ? 4.511   2.258   8.421   1.00 77.33  ? 52  TYR A C   1 
ATOM   321 O O   . TYR A 1 54  ? 3.497   2.821   8.011   1.00 73.33  ? 52  TYR A O   1 
ATOM   322 C CB  . TYR A 1 54  ? 4.023   0.520   10.159  1.00 79.89  ? 52  TYR A CB  1 
ATOM   323 C CG  . TYR A 1 54  ? 2.628   1.036   10.419  1.00 93.25  ? 52  TYR A CG  1 
ATOM   324 C CD1 . TYR A 1 54  ? 1.514   0.354   9.941   1.00 91.71  ? 52  TYR A CD1 1 
ATOM   325 C CD2 . TYR A 1 54  ? 2.423   2.202   11.140  1.00 87.19  ? 52  TYR A CD2 1 
ATOM   326 C CE1 . TYR A 1 54  ? 0.247   0.817   10.170  1.00 80.85  ? 52  TYR A CE1 1 
ATOM   327 C CE2 . TYR A 1 54  ? 1.155   2.674   11.381  1.00 84.21  ? 52  TYR A CE2 1 
ATOM   328 C CZ  . TYR A 1 54  ? 0.068   1.981   10.891  1.00 93.20  ? 52  TYR A CZ  1 
ATOM   329 O OH  . TYR A 1 54  ? -1.206  2.451   11.128  1.00 102.25 ? 52  TYR A OH  1 
ATOM   330 N N   . SER A 1 55  ? 5.650   2.910   8.603   1.00 70.05  ? 53  SER A N   1 
ATOM   331 C CA  . SER A 1 55  ? 5.749   4.323   8.286   1.00 72.19  ? 53  SER A CA  1 
ATOM   332 C C   . SER A 1 55  ? 5.609   4.547   6.779   1.00 72.50  ? 53  SER A C   1 
ATOM   333 O O   . SER A 1 55  ? 5.189   5.625   6.323   1.00 73.31  ? 53  SER A O   1 
ATOM   334 C CB  . SER A 1 55  ? 7.070   4.892   8.788   1.00 70.65  ? 53  SER A CB  1 
ATOM   335 O OG  . SER A 1 55  ? 7.485   5.962   7.958   1.00 83.79  ? 53  SER A OG  1 
ATOM   336 N N   . ASP A 1 56  ? 5.957   3.530   5.998   1.00 71.07  ? 54  ASP A N   1 
ATOM   337 C CA  . ASP A 1 56  ? 5.828   3.640   4.548   1.00 78.03  ? 54  ASP A CA  1 
ATOM   338 C C   . ASP A 1 56  ? 4.381   3.645   4.150   1.00 69.33  ? 54  ASP A C   1 
ATOM   339 O O   . ASP A 1 56  ? 3.960   4.413   3.280   1.00 76.03  ? 54  ASP A O   1 
ATOM   340 C CB  . ASP A 1 56  ? 6.539   2.499   3.837   1.00 76.85  ? 54  ASP A CB  1 
ATOM   341 C CG  . ASP A 1 56  ? 8.020   2.540   4.041   1.00 71.58  ? 54  ASP A CG  1 
ATOM   342 O OD1 . ASP A 1 56  ? 8.638   3.507   3.556   1.00 73.77  ? 54  ASP A OD1 1 
ATOM   343 O OD2 . ASP A 1 56  ? 8.548   1.606   4.678   1.00 63.69  ? 54  ASP A OD2 1 
ATOM   344 N N   . PHE A 1 57  ? 3.619   2.763   4.783   1.00 69.89  ? 55  PHE A N   1 
ATOM   345 C CA  . PHE A 1 57  ? 2.189   2.690   4.523   1.00 71.66  ? 55  PHE A CA  1 
ATOM   346 C C   . PHE A 1 57  ? 1.526   3.997   4.956   1.00 77.21  ? 55  PHE A C   1 
ATOM   347 O O   . PHE A 1 57  ? 0.635   4.506   4.275   1.00 71.54  ? 55  PHE A O   1 
ATOM   348 C CB  . PHE A 1 57  ? 1.569   1.488   5.240   1.00 61.39  ? 55  PHE A CB  1 
ATOM   349 C CG  . PHE A 1 57  ? 1.781   0.176   4.528   1.00 73.23  ? 55  PHE A CG  1 
ATOM   350 C CD1 . PHE A 1 57  ? 0.959   -0.195  3.472   1.00 73.12  ? 55  PHE A CD1 1 
ATOM   351 C CD2 . PHE A 1 57  ? 2.799   -0.686  4.913   1.00 67.54  ? 55  PHE A CD2 1 
ATOM   352 C CE1 . PHE A 1 57  ? 1.152   -1.397  2.814   1.00 77.33  ? 55  PHE A CE1 1 
ATOM   353 C CE2 . PHE A 1 57  ? 2.998   -1.885  4.266   1.00 55.78  ? 55  PHE A CE2 1 
ATOM   354 C CZ  . PHE A 1 57  ? 2.179   -2.244  3.211   1.00 70.61  ? 55  PHE A CZ  1 
ATOM   355 N N   . ARG A 1 58  ? 1.981   4.554   6.079   1.00 82.01  ? 56  ARG A N   1 
ATOM   356 C CA  . ARG A 1 58  ? 1.461   5.845   6.533   1.00 81.85  ? 56  ARG A CA  1 
ATOM   357 C C   . ARG A 1 58  ? 1.679   6.927   5.475   1.00 72.41  ? 56  ARG A C   1 
ATOM   358 O O   . ARG A 1 58  ? 0.753   7.691   5.141   1.00 69.22  ? 56  ARG A O   1 
ATOM   359 C CB  . ARG A 1 58  ? 2.118   6.264   7.852   1.00 92.13  ? 56  ARG A CB  1 
ATOM   360 C CG  . ARG A 1 58  ? 1.710   7.656   8.327   1.00 100.75 ? 56  ARG A CG  1 
ATOM   361 C CD  . ARG A 1 58  ? 2.281   7.983   9.700   1.00 111.44 ? 56  ARG A CD  1 
ATOM   362 N NE  . ARG A 1 58  ? 1.615   7.255   10.779  1.00 118.06 ? 56  ARG A NE  1 
ATOM   363 C CZ  . ARG A 1 58  ? 2.091   6.147   11.344  1.00 115.07 ? 56  ARG A CZ  1 
ATOM   364 N NH1 . ARG A 1 58  ? 3.240   5.631   10.929  1.00 122.90 ? 56  ARG A NH1 1 
ATOM   365 N NH2 . ARG A 1 58  ? 1.422   5.557   12.327  1.00 105.63 ? 56  ARG A NH2 1 
ATOM   366 N N   . LYS A 1 59  ? 2.896   6.994   4.939   1.00 73.80  ? 57  LYS A N   1 
ATOM   367 C CA  . LYS A 1 59  ? 3.177   7.989   3.899   1.00 86.36  ? 57  LYS A CA  1 
ATOM   368 C C   . LYS A 1 59  ? 2.312   7.756   2.667   1.00 73.27  ? 57  LYS A C   1 
ATOM   369 O O   . LYS A 1 59  ? 1.808   8.709   2.066   1.00 79.98  ? 57  LYS A O   1 
ATOM   370 C CB  . LYS A 1 59  ? 4.656   7.984   3.492   1.00 73.73  ? 57  LYS A CB  1 
ATOM   371 C CG  . LYS A 1 59  ? 4.972   9.029   2.401   1.00 79.92  ? 57  LYS A CG  1 
ATOM   372 C CD  . LYS A 1 59  ? 6.452   9.099   2.042   1.00 99.07  ? 57  LYS A CD  1 
ATOM   373 C CE  . LYS A 1 59  ? 6.761   10.305  1.151   1.00 101.08 ? 57  LYS A CE  1 
ATOM   374 N NZ  . LYS A 1 59  ? 6.188   10.202  -0.222  1.00 81.41  ? 57  LYS A NZ  1 
ATOM   375 N N   . LEU A 1 60  ? 2.157   6.491   2.287   1.00 73.84  ? 58  LEU A N   1 
ATOM   376 C CA  . LEU A 1 60  ? 1.352   6.143   1.124   1.00 78.83  ? 58  LEU A CA  1 
ATOM   377 C C   . LEU A 1 60  ? -0.055  6.685   1.275   1.00 77.89  ? 58  LEU A C   1 
ATOM   378 O O   . LEU A 1 60  ? -0.503  7.498   0.467   1.00 79.46  ? 58  LEU A O   1 
ATOM   379 C CB  . LEU A 1 60  ? 1.303   4.632   0.925   1.00 70.82  ? 58  LEU A CB  1 
ATOM   380 C CG  . LEU A 1 60  ? 0.356   4.188   -0.185  1.00 65.45  ? 58  LEU A CG  1 
ATOM   381 C CD1 . LEU A 1 60  ? 0.817   4.739   -1.527  1.00 61.84  ? 58  LEU A CD1 1 
ATOM   382 C CD2 . LEU A 1 60  ? 0.282   2.678   -0.207  1.00 68.42  ? 58  LEU A CD2 1 
ATOM   383 N N   . HIS A 1 61  ? -0.731  6.210   2.320   1.00 70.08  ? 59  HIS A N   1 
ATOM   384 C CA  . HIS A 1 61  ? -2.040  6.683   2.733   1.00 59.47  ? 59  HIS A CA  1 
ATOM   385 C C   . HIS A 1 61  ? -2.176  8.205   2.681   1.00 73.92  ? 59  HIS A C   1 
ATOM   386 O O   . HIS A 1 61  ? -3.133  8.737   2.110   1.00 75.90  ? 59  HIS A O   1 
ATOM   387 C CB  . HIS A 1 61  ? -2.314  6.182   4.145   1.00 62.39  ? 59  HIS A CB  1 
ATOM   388 C CG  . HIS A 1 61  ? -3.496  6.819   4.796   1.00 77.51  ? 59  HIS A CG  1 
ATOM   389 N ND1 . HIS A 1 61  ? -3.441  8.073   5.368   1.00 90.35  ? 59  HIS A ND1 1 
ATOM   390 C CD2 . HIS A 1 61  ? -4.761  6.377   4.978   1.00 82.98  ? 59  HIS A CD2 1 
ATOM   391 C CE1 . HIS A 1 61  ? -4.626  8.378   5.863   1.00 92.98  ? 59  HIS A CE1 1 
ATOM   392 N NE2 . HIS A 1 61  ? -5.446  7.364   5.643   1.00 91.37  ? 59  HIS A NE2 1 
ATOM   393 N N   . GLY A 1 62  ? -1.211  8.904   3.269   1.00 71.14  ? 60  GLY A N   1 
ATOM   394 C CA  . GLY A 1 62  ? -1.230  10.357  3.288   1.00 69.14  ? 60  GLY A CA  1 
ATOM   395 C C   . GLY A 1 62  ? -1.156  10.964  1.901   1.00 72.56  ? 60  GLY A C   1 
ATOM   396 O O   . GLY A 1 62  ? -1.778  11.999  1.617   1.00 77.84  ? 60  GLY A O   1 
ATOM   397 N N   . ASP A 1 63  ? -0.400  10.310  1.025   1.00 66.70  ? 61  ASP A N   1 
ATOM   398 C CA  . ASP A 1 63  ? -0.239  10.794  -0.347  1.00 70.25  ? 61  ASP A CA  1 
ATOM   399 C C   . ASP A 1 63  ? -1.479  10.560  -1.189  1.00 71.19  ? 61  ASP A C   1 
ATOM   400 O O   . ASP A 1 63  ? -1.826  11.373  -2.050  1.00 74.14  ? 61  ASP A O   1 
ATOM   401 C CB  . ASP A 1 63  ? 0.962   10.127  -1.000  1.00 70.44  ? 61  ASP A CB  1 
ATOM   402 C CG  . ASP A 1 63  ? 2.261   10.531  -0.349  1.00 83.14  ? 61  ASP A CG  1 
ATOM   403 O OD1 . ASP A 1 63  ? 2.259   11.548  0.387   1.00 74.21  ? 61  ASP A OD1 1 
ATOM   404 O OD2 . ASP A 1 63  ? 3.275   9.844   -0.578  1.00 84.45  ? 61  ASP A OD2 1 
ATOM   405 N N   . LEU A 1 64  ? -2.139  9.436   -0.947  1.00 70.12  ? 62  LEU A N   1 
ATOM   406 C CA  . LEU A 1 64  ? -3.390  9.145   -1.621  1.00 79.32  ? 62  LEU A CA  1 
ATOM   407 C C   . LEU A 1 64  ? -4.450  10.174  -1.198  1.00 77.34  ? 62  LEU A C   1 
ATOM   408 O O   . LEU A 1 64  ? -5.048  10.854  -2.052  1.00 78.46  ? 62  LEU A O   1 
ATOM   409 C CB  . LEU A 1 64  ? -3.826  7.717   -1.310  1.00 77.80  ? 62  LEU A CB  1 
ATOM   410 C CG  . LEU A 1 64  ? -2.836  6.674   -1.830  1.00 66.82  ? 62  LEU A CG  1 
ATOM   411 C CD1 . LEU A 1 64  ? -3.199  5.283   -1.327  1.00 65.43  ? 62  LEU A CD1 1 
ATOM   412 C CD2 . LEU A 1 64  ? -2.793  6.710   -3.357  1.00 67.87  ? 62  LEU A CD2 1 
ATOM   413 N N   . ALA A 1 65  ? -4.638  10.317  0.115   1.00 77.18  ? 63  ALA A N   1 
ATOM   414 C CA  . ALA A 1 65  ? -5.622  11.258  0.650   1.00 75.06  ? 63  ALA A CA  1 
ATOM   415 C C   . ALA A 1 65  ? -5.381  12.690  0.151   1.00 84.36  ? 63  ALA A C   1 
ATOM   416 O O   . ALA A 1 65  ? -6.327  13.367  -0.272  1.00 86.36  ? 63  ALA A O   1 
ATOM   417 C CB  . ALA A 1 65  ? -5.623  11.217  2.172   1.00 73.27  ? 63  ALA A CB  1 
ATOM   418 N N   . TYR A 1 66  ? -4.130  13.152  0.170   1.00 70.25  ? 64  TYR A N   1 
ATOM   419 C CA  . TYR A 1 66  ? -3.854  14.511  -0.308  1.00 79.58  ? 64  TYR A CA  1 
ATOM   420 C C   . TYR A 1 66  ? -3.990  14.654  -1.837  1.00 77.33  ? 64  TYR A C   1 
ATOM   421 O O   . TYR A 1 66  ? -4.428  15.711  -2.328  1.00 73.63  ? 64  TYR A O   1 
ATOM   422 C CB  . TYR A 1 66  ? -2.462  14.976  0.152   1.00 86.10  ? 64  TYR A CB  1 
ATOM   423 C CG  . TYR A 1 66  ? -2.516  15.920  1.345   1.00 100.37 ? 64  TYR A CG  1 
ATOM   424 C CD1 . TYR A 1 66  ? -3.109  15.525  2.545   1.00 110.94 ? 64  TYR A CD1 1 
ATOM   425 C CD2 . TYR A 1 66  ? -1.988  17.208  1.272   1.00 95.21  ? 64  TYR A CD2 1 
ATOM   426 C CE1 . TYR A 1 66  ? -3.173  16.383  3.641   1.00 110.07 ? 64  TYR A CE1 1 
ATOM   427 C CE2 . TYR A 1 66  ? -2.045  18.075  2.367   1.00 107.20 ? 64  TYR A CE2 1 
ATOM   428 C CZ  . TYR A 1 66  ? -2.638  17.654  3.548   1.00 110.59 ? 64  TYR A CZ  1 
ATOM   429 O OH  . TYR A 1 66  ? -2.700  18.501  4.636   1.00 107.90 ? 64  TYR A OH  1 
ATOM   430 N N   . THR A 1 67  ? -3.630  13.611  -2.587  1.00 67.11  ? 65  THR A N   1 
ATOM   431 C CA  . THR A 1 67  ? -3.802  13.650  -4.044  1.00 73.74  ? 65  THR A CA  1 
ATOM   432 C C   . THR A 1 67  ? -5.285  13.805  -4.418  1.00 79.86  ? 65  THR A C   1 
ATOM   433 O O   . THR A 1 67  ? -5.641  14.566  -5.325  1.00 74.06  ? 65  THR A O   1 
ATOM   434 C CB  . THR A 1 67  ? -3.245  12.380  -4.743  1.00 76.55  ? 65  THR A CB  1 
ATOM   435 O OG1 . THR A 1 67  ? -1.855  12.210  -4.423  1.00 75.50  ? 65  THR A OG1 1 
ATOM   436 C CG2 . THR A 1 67  ? -3.382  12.498  -6.256  1.00 74.64  ? 65  THR A CG2 1 
ATOM   437 N N   . HIS A 1 68  ? -6.159  13.094  -3.717  1.00 67.54  ? 66  HIS A N   1 
ATOM   438 C CA  . HIS A 1 68  ? -7.565  13.155  -4.085  1.00 76.64  ? 66  HIS A CA  1 
ATOM   439 C C   . HIS A 1 68  ? -8.246  14.395  -3.522  1.00 78.89  ? 66  HIS A C   1 
ATOM   440 O O   . HIS A 1 68  ? -9.172  14.928  -4.143  1.00 80.91  ? 66  HIS A O   1 
ATOM   441 C CB  . HIS A 1 68  ? -8.280  11.881  -3.647  1.00 76.58  ? 66  HIS A CB  1 
ATOM   442 C CG  . HIS A 1 68  ? -7.888  10.685  -4.454  1.00 74.26  ? 66  HIS A CG  1 
ATOM   443 N ND1 . HIS A 1 68  ? -8.583  10.285  -5.576  1.00 67.87  ? 66  HIS A ND1 1 
ATOM   444 C CD2 . HIS A 1 68  ? -6.844  9.832   -4.331  1.00 64.81  ? 66  HIS A CD2 1 
ATOM   445 C CE1 . HIS A 1 68  ? -7.993  9.226   -6.099  1.00 61.42  ? 66  HIS A CE1 1 
ATOM   446 N NE2 . HIS A 1 68  ? -6.936  8.931   -5.363  1.00 86.22  ? 66  HIS A NE2 1 
ATOM   447 N N   . ARG A 1 69  ? -7.774  14.874  -2.372  1.00 75.82  ? 67  ARG A N   1 
ATOM   448 C CA  . ARG A 1 69  ? -8.260  16.140  -1.833  1.00 80.95  ? 67  ARG A CA  1 
ATOM   449 C C   . ARG A 1 69  ? -7.971  17.265  -2.822  1.00 81.97  ? 67  ARG A C   1 
ATOM   450 O O   . ARG A 1 69  ? -8.838  18.099  -3.119  1.00 81.20  ? 67  ARG A O   1 
ATOM   451 C CB  . ARG A 1 69  ? -7.622  16.459  -0.475  1.00 80.00  ? 67  ARG A CB  1 
ATOM   452 C CG  . ARG A 1 69  ? -8.469  17.395  0.402   1.00 93.82  ? 67  ARG A CG  1 
ATOM   453 C CD  . ARG A 1 69  ? -7.964  18.836  0.414   1.00 102.15 ? 67  ARG A CD  1 
ATOM   454 N NE  . ARG A 1 69  ? -6.976  19.086  1.463   1.00 94.37  ? 67  ARG A NE  1 
ATOM   455 C CZ  . ARG A 1 69  ? -5.700  19.381  1.235   1.00 101.73 ? 67  ARG A CZ  1 
ATOM   456 N NH1 . ARG A 1 69  ? -5.251  19.467  -0.012  1.00 90.19  ? 67  ARG A NH1 1 
ATOM   457 N NH2 . ARG A 1 69  ? -4.871  19.594  2.249   1.00 85.38  ? 67  ARG A NH2 1 
ATOM   458 N N   . ASN A 1 70  ? -6.751  17.284  -3.343  1.00 72.78  ? 68  ASN A N   1 
ATOM   459 C CA  . ASN A 1 70  ? -6.381  18.349  -4.263  1.00 78.47  ? 68  ASN A CA  1 
ATOM   460 C C   . ASN A 1 70  ? -6.979  18.154  -5.656  1.00 83.63  ? 68  ASN A C   1 
ATOM   461 O O   . ASN A 1 70  ? -7.224  19.132  -6.370  1.00 75.87  ? 68  ASN A O   1 
ATOM   462 C CB  . ASN A 1 70  ? -4.858  18.481  -4.340  1.00 84.19  ? 68  ASN A CB  1 
ATOM   463 C CG  . ASN A 1 70  ? -4.316  19.505  -3.344  1.00 95.72  ? 68  ASN A CG  1 
ATOM   464 O OD1 . ASN A 1 70  ? -4.377  19.306  -2.125  1.00 77.45  ? 68  ASN A OD1 1 
ATOM   465 N ND2 . ASN A 1 70  ? -3.787  20.611  -3.863  1.00 110.32 ? 68  ASN A ND2 1 
ATOM   466 N N   . LEU A 1 71  ? -7.224  16.904  -6.041  1.00 79.29  ? 69  LEU A N   1 
ATOM   467 C CA  . LEU A 1 71  ? -7.914  16.651  -7.297  1.00 80.85  ? 69  LEU A CA  1 
ATOM   468 C C   . LEU A 1 71  ? -9.289  17.271  -7.196  1.00 86.73  ? 69  LEU A C   1 
ATOM   469 O O   . LEU A 1 71  ? -9.750  17.954  -8.102  1.00 80.63  ? 69  LEU A O   1 
ATOM   470 C CB  . LEU A 1 71  ? -8.027  15.155  -7.596  1.00 75.37  ? 69  LEU A CB  1 
ATOM   471 C CG  . LEU A 1 71  ? -7.478  14.745  -8.962  1.00 77.32  ? 69  LEU A CG  1 
ATOM   472 C CD1 . LEU A 1 71  ? -6.020  15.139  -9.044  1.00 81.65  ? 69  LEU A CD1 1 
ATOM   473 C CD2 . LEU A 1 71  ? -7.631  13.258  -9.191  1.00 69.74  ? 69  LEU A CD2 1 
ATOM   474 N N   . PHE A 1 72  ? -9.927  17.036  -6.060  1.00 89.28  ? 70  PHE A N   1 
ATOM   475 C CA  . PHE A 1 72  ? -11.240 17.589  -5.790  1.00 82.43  ? 70  PHE A CA  1 
ATOM   476 C C   . PHE A 1 72  ? -11.235 19.120  -5.836  1.00 82.59  ? 70  PHE A C   1 
ATOM   477 O O   . PHE A 1 72  ? -12.028 19.749  -6.564  1.00 86.87  ? 70  PHE A O   1 
ATOM   478 C CB  . PHE A 1 72  ? -11.716 17.088  -4.432  1.00 89.84  ? 70  PHE A CB  1 
ATOM   479 C CG  . PHE A 1 72  ? -12.806 17.903  -3.845  1.00 88.86  ? 70  PHE A CG  1 
ATOM   480 C CD1 . PHE A 1 72  ? -12.543 18.782  -2.810  1.00 81.46  ? 70  PHE A CD1 1 
ATOM   481 C CD2 . PHE A 1 72  ? -14.095 17.797  -4.331  1.00 79.48  ? 70  PHE A CD2 1 
ATOM   482 C CE1 . PHE A 1 72  ? -13.556 19.543  -2.266  1.00 109.39 ? 70  PHE A CE1 1 
ATOM   483 C CE2 . PHE A 1 72  ? -15.114 18.557  -3.797  1.00 91.49  ? 70  PHE A CE2 1 
ATOM   484 C CZ  . PHE A 1 72  ? -14.848 19.429  -2.759  1.00 95.71  ? 70  PHE A CZ  1 
ATOM   485 N N   . ARG A 1 73  ? -10.325 19.717  -5.074  1.00 78.49  ? 71  ARG A N   1 
ATOM   486 C CA  . ARG A 1 73  ? -10.239 21.169  -5.009  1.00 79.52  ? 71  ARG A CA  1 
ATOM   487 C C   . ARG A 1 73  ? -9.734  21.782  -6.318  1.00 85.98  ? 71  ARG A C   1 
ATOM   488 O O   . ARG A 1 73  ? -9.702  23.003  -6.461  1.00 95.42  ? 71  ARG A O   1 
ATOM   489 C CB  . ARG A 1 73  ? -9.342  21.603  -3.844  1.00 92.30  ? 71  ARG A CB  1 
ATOM   490 C CG  . ARG A 1 73  ? -9.899  21.265  -2.464  1.00 93.02  ? 71  ARG A CG  1 
ATOM   491 C CD  . ARG A 1 73  ? -9.764  22.445  -1.504  1.00 108.89 ? 71  ARG A CD  1 
ATOM   492 N NE  . ARG A 1 73  ? -8.479  23.127  -1.646  1.00 104.98 ? 71  ARG A NE  1 
ATOM   493 C CZ  . ARG A 1 73  ? -8.067  24.133  -0.875  1.00 108.55 ? 71  ARG A CZ  1 
ATOM   494 N NH1 . ARG A 1 73  ? -8.834  24.585  0.113   1.00 88.94  ? 71  ARG A NH1 1 
ATOM   495 N NH2 . ARG A 1 73  ? -6.880  24.688  -1.087  1.00 109.88 ? 71  ARG A NH2 1 
ATOM   496 N N   . ARG A 1 74  ? -9.331  20.948  -7.270  1.00 75.04  ? 72  ARG A N   1 
ATOM   497 C CA  . ARG A 1 74  ? -8.951  21.459  -8.582  1.00 75.14  ? 72  ARG A CA  1 
ATOM   498 C C   . ARG A 1 74  ? -10.106 21.328  -9.562  1.00 95.66  ? 72  ARG A C   1 
ATOM   499 O O   . ARG A 1 74  ? -10.313 22.203  -10.395 1.00 99.08  ? 72  ARG A O   1 
ATOM   500 C CB  . ARG A 1 74  ? -7.709  20.742  -9.113  1.00 74.32  ? 72  ARG A CB  1 
ATOM   501 C CG  . ARG A 1 74  ? -6.407  21.313  -8.580  1.00 75.90  ? 72  ARG A CG  1 
ATOM   502 C CD  . ARG A 1 74  ? -5.692  22.162  -9.624  1.00 80.07  ? 72  ARG A CD  1 
ATOM   503 N NE  . ARG A 1 74  ? -5.269  21.365  -10.772 1.00 86.51  ? 72  ARG A NE  1 
ATOM   504 C CZ  . ARG A 1 74  ? -4.223  20.544  -10.767 1.00 100.66 ? 72  ARG A CZ  1 
ATOM   505 N NH1 . ARG A 1 74  ? -3.489  20.405  -9.669  1.00 114.29 ? 72  ARG A NH1 1 
ATOM   506 N NH2 . ARG A 1 74  ? -3.910  19.858  -11.859 1.00 93.45  ? 72  ARG A NH2 1 
ATOM   507 N N   . LEU A 1 75  ? -10.856 20.234  -9.456  1.00 91.55  ? 73  LEU A N   1 
ATOM   508 C CA  . LEU A 1 75  ? -12.055 20.044  -10.261 1.00 85.91  ? 73  LEU A CA  1 
ATOM   509 C C   . LEU A 1 75  ? -13.011 21.180  -9.968  1.00 88.67  ? 73  LEU A C   1 
ATOM   510 O O   . LEU A 1 75  ? -13.527 21.821  -10.881 1.00 87.49  ? 73  LEU A O   1 
ATOM   511 C CB  . LEU A 1 75  ? -12.714 18.691  -9.972  1.00 73.70  ? 73  LEU A CB  1 
ATOM   512 C CG  . LEU A 1 75  ? -11.889 17.478  -10.410 1.00 75.47  ? 73  LEU A CG  1 
ATOM   513 C CD1 . LEU A 1 75  ? -12.535 16.181  -9.943  1.00 81.84  ? 73  LEU A CD1 1 
ATOM   514 C CD2 . LEU A 1 75  ? -11.696 17.480  -11.922 1.00 76.27  ? 73  LEU A CD2 1 
ATOM   515 N N   . GLU A 1 76  ? -13.224 21.452  -8.689  1.00 96.98  ? 74  GLU A N   1 
ATOM   516 C CA  . GLU A 1 76  ? -14.047 22.595  -8.328  1.00 91.80  ? 74  GLU A CA  1 
ATOM   517 C C   . GLU A 1 76  ? -13.221 23.888  -8.304  1.00 95.09  ? 74  GLU A C   1 
ATOM   518 O O   . GLU A 1 76  ? -13.002 24.477  -7.250  1.00 111.83 ? 74  GLU A O   1 
ATOM   519 C CB  . GLU A 1 76  ? -14.732 22.350  -6.984  1.00 96.99  ? 74  GLU A CB  1 
ATOM   520 C CG  . GLU A 1 76  ? -15.717 21.178  -7.030  1.00 97.89  ? 74  GLU A CG  1 
ATOM   521 C CD  . GLU A 1 76  ? -16.755 21.204  -5.915  1.00 102.72 ? 74  GLU A CD  1 
ATOM   522 O OE1 . GLU A 1 76  ? -16.613 22.017  -4.979  1.00 102.42 ? 74  GLU A OE1 1 
ATOM   523 O OE2 . GLU A 1 76  ? -17.721 20.408  -5.981  1.00 116.57 ? 74  GLU A OE2 1 
ATOM   524 N N   . GLU A 1 77  ? -12.749 24.309  -9.477  1.00 97.51  ? 75  GLU A N   1 
ATOM   525 C CA  . GLU A 1 77  ? -12.103 25.613  -9.638  1.00 102.86 ? 75  GLU A CA  1 
ATOM   526 C C   . GLU A 1 77  ? -12.695 26.347  -10.849 1.00 112.81 ? 75  GLU A C   1 
ATOM   527 O O   . GLU A 1 77  ? -12.666 27.580  -10.917 1.00 105.08 ? 75  GLU A O   1 
ATOM   528 C CB  . GLU A 1 77  ? -10.575 25.471  -9.783  1.00 94.48  ? 75  GLU A CB  1 
ATOM   529 C CG  . GLU A 1 77  ? -10.063 25.146  -11.195 1.00 102.08 ? 75  GLU A CG  1 
ATOM   530 C CD  . GLU A 1 77  ? -8.534  25.023  -11.268 1.00 117.17 ? 75  GLU A CD  1 
ATOM   531 O OE1 . GLU A 1 77  ? -7.838  25.831  -10.615 1.00 123.61 ? 75  GLU A OE1 1 
ATOM   532 O OE2 . GLU A 1 77  ? -8.023  24.121  -11.975 1.00 96.65  ? 75  GLU A OE2 1 
ATOM   533 N N   . PHE A 1 78  ? -13.244 25.583  -11.792 1.00 112.79 ? 76  PHE A N   1 
ATOM   534 C CA  . PHE A 1 78  ? -13.894 26.145  -12.971 1.00 83.81  ? 76  PHE A CA  1 
ATOM   535 C C   . PHE A 1 78  ? -15.058 25.267  -13.397 1.00 105.31 ? 76  PHE A C   1 
ATOM   536 O O   . PHE A 1 78  ? -16.204 25.723  -13.474 1.00 124.13 ? 76  PHE A O   1 
ATOM   537 C CB  . PHE A 1 78  ? -12.896 26.299  -14.110 1.00 88.04  ? 76  PHE A CB  1 
ATOM   538 N N   . ALA A 1 92  ? 2.875   -6.781  22.323  1.00 104.35 ? 90  ALA A N   1 
ATOM   539 C CA  . ALA A 1 92  ? 3.284   -6.153  21.068  1.00 113.46 ? 90  ALA A CA  1 
ATOM   540 C C   . ALA A 1 92  ? 2.680   -6.863  19.858  1.00 110.63 ? 90  ALA A C   1 
ATOM   541 O O   . ALA A 1 92  ? 3.353   -7.062  18.844  1.00 111.33 ? 90  ALA A O   1 
ATOM   542 C CB  . ALA A 1 92  ? 4.801   -6.119  20.957  1.00 80.62  ? 90  ALA A CB  1 
ATOM   543 N N   . SER A 1 93  ? 1.412   -7.253  19.974  1.00 116.04 ? 91  SER A N   1 
ATOM   544 C CA  . SER A 1 93  ? 0.643   -7.748  18.833  1.00 112.55 ? 91  SER A CA  1 
ATOM   545 C C   . SER A 1 93  ? -0.181  -6.614  18.239  1.00 99.79  ? 91  SER A C   1 
ATOM   546 O O   . SER A 1 93  ? -1.152  -6.844  17.520  1.00 92.63  ? 91  SER A O   1 
ATOM   547 C CB  . SER A 1 93  ? -0.270  -8.915  19.231  1.00 114.58 ? 91  SER A CB  1 
ATOM   548 O OG  . SER A 1 93  ? 0.445   -10.142 19.237  1.00 113.14 ? 91  SER A OG  1 
ATOM   549 N N   . VAL A 1 94  ? 0.217   -5.386  18.551  1.00 99.83  ? 92  VAL A N   1 
ATOM   550 C CA  . VAL A 1 94  ? -0.355  -4.221  17.902  1.00 100.36 ? 92  VAL A CA  1 
ATOM   551 C C   . VAL A 1 94  ? 0.158   -4.152  16.464  1.00 111.78 ? 92  VAL A C   1 
ATOM   552 O O   . VAL A 1 94  ? -0.487  -3.574  15.585  1.00 106.41 ? 92  VAL A O   1 
ATOM   553 C CB  . VAL A 1 94  ? -0.007  -2.924  18.651  1.00 100.12 ? 92  VAL A CB  1 
ATOM   554 C CG1 . VAL A 1 94  ? -0.346  -3.065  20.125  1.00 99.11  ? 92  VAL A CG1 1 
ATOM   555 C CG2 . VAL A 1 94  ? 1.464   -2.571  18.469  1.00 91.74  ? 92  VAL A CG2 1 
ATOM   556 N N   . ILE A 1 95  ? 1.318   -4.760  16.224  1.00 104.83 ? 93  ILE A N   1 
ATOM   557 C CA  . ILE A 1 95  ? 1.885   -4.808  14.882  1.00 101.63 ? 93  ILE A CA  1 
ATOM   558 C C   . ILE A 1 95  ? 1.073   -5.731  13.982  1.00 96.75  ? 93  ILE A C   1 
ATOM   559 O O   . ILE A 1 95  ? 1.232   -5.718  12.764  1.00 91.43  ? 93  ILE A O   1 
ATOM   560 C CB  . ILE A 1 95  ? 3.342   -5.288  14.891  1.00 88.63  ? 93  ILE A CB  1 
ATOM   561 C CG1 . ILE A 1 95  ? 3.409   -6.785  15.192  1.00 92.65  ? 93  ILE A CG1 1 
ATOM   562 C CG2 . ILE A 1 95  ? 4.159   -4.483  15.887  1.00 105.91 ? 93  ILE A CG2 1 
ATOM   563 C CD1 . ILE A 1 95  ? 4.823   -7.281  15.421  1.00 114.62 ? 93  ILE A CD1 1 
ATOM   564 N N   . GLU A 1 96  ? 0.223   -6.553  14.587  1.00 87.44  ? 94  GLU A N   1 
ATOM   565 C CA  . GLU A 1 96  ? -0.710  -7.346  13.816  1.00 90.38  ? 94  GLU A CA  1 
ATOM   566 C C   . GLU A 1 96  ? -1.827  -6.426  13.346  1.00 88.15  ? 94  GLU A C   1 
ATOM   567 O O   . GLU A 1 96  ? -2.328  -6.556  12.223  1.00 89.02  ? 94  GLU A O   1 
ATOM   568 C CB  . GLU A 1 96  ? -1.258  -8.505  14.641  1.00 87.44  ? 94  GLU A CB  1 
ATOM   569 C CG  . GLU A 1 96  ? -2.543  -9.096  14.103  1.00 83.30  ? 94  GLU A CG  1 
ATOM   570 C CD  . GLU A 1 96  ? -2.391  -9.696  12.716  1.00 95.14  ? 94  GLU A CD  1 
ATOM   571 O OE1 . GLU A 1 96  ? -3.433  -9.920  12.050  1.00 81.48  ? 94  GLU A OE1 1 
ATOM   572 O OE2 . GLU A 1 96  ? -1.235  -9.967  12.298  1.00 79.95  ? 94  GLU A OE2 1 
ATOM   573 N N   . GLU A 1 97  ? -2.202  -5.487  14.214  1.00 92.09  ? 95  GLU A N   1 
ATOM   574 C CA  . GLU A 1 97  ? -3.139  -4.432  13.846  1.00 98.85  ? 95  GLU A CA  1 
ATOM   575 C C   . GLU A 1 97  ? -2.553  -3.626  12.695  1.00 96.78  ? 95  GLU A C   1 
ATOM   576 O O   . GLU A 1 97  ? -3.265  -3.265  11.758  1.00 89.71  ? 95  GLU A O   1 
ATOM   577 C CB  . GLU A 1 97  ? -3.444  -3.507  15.034  1.00 94.63  ? 95  GLU A CB  1 
ATOM   578 C CG  . GLU A 1 97  ? -3.994  -4.199  16.271  1.00 103.36 ? 95  GLU A CG  1 
ATOM   579 C CD  . GLU A 1 97  ? -5.480  -4.475  16.172  1.00 106.17 ? 95  GLU A CD  1 
ATOM   580 O OE1 . GLU A 1 97  ? -6.026  -4.451  15.044  1.00 95.35  ? 95  GLU A OE1 1 
ATOM   581 O OE2 . GLU A 1 97  ? -6.101  -4.709  17.232  1.00 103.98 ? 95  GLU A OE2 1 
ATOM   582 N N   . ARG A 1 98  ? -1.251  -3.353  12.773  1.00 88.49  ? 96  ARG A N   1 
ATOM   583 C CA  . ARG A 1 98  ? -0.551  -2.613  11.728  1.00 75.11  ? 96  ARG A CA  1 
ATOM   584 C C   . ARG A 1 98  ? -0.513  -3.392  10.412  1.00 74.38  ? 96  ARG A C   1 
ATOM   585 O O   . ARG A 1 98  ? -0.730  -2.831  9.335   1.00 72.77  ? 96  ARG A O   1 
ATOM   586 C CB  . ARG A 1 98  ? 0.876   -2.274  12.183  1.00 91.63  ? 96  ARG A CB  1 
ATOM   587 C CG  . ARG A 1 98  ? 0.986   -1.184  13.254  1.00 82.27  ? 96  ARG A CG  1 
ATOM   588 C CD  . ARG A 1 98  ? 2.446   -0.871  13.551  1.00 99.09  ? 96  ARG A CD  1 
ATOM   589 N NE  . ARG A 1 98  ? 2.645   0.448   14.150  1.00 97.31  ? 96  ARG A NE  1 
ATOM   590 C CZ  . ARG A 1 98  ? 3.810   1.094   14.152  1.00 105.41 ? 96  ARG A CZ  1 
ATOM   591 N NH1 . ARG A 1 98  ? 4.875   0.544   13.578  1.00 90.81  ? 96  ARG A NH1 1 
ATOM   592 N NH2 . ARG A 1 98  ? 3.913   2.292   14.717  1.00 98.28  ? 96  ARG A NH2 1 
ATOM   593 N N   . ARG A 1 99  ? -0.240  -4.690  10.508  1.00 74.29  ? 97  ARG A N   1 
ATOM   594 C CA  . ARG A 1 99  ? -0.122  -5.548  9.332   1.00 80.16  ? 97  ARG A CA  1 
ATOM   595 C C   . ARG A 1 99  ? -1.472  -5.564  8.618   1.00 78.67  ? 97  ARG A C   1 
ATOM   596 O O   . ARG A 1 99  ? -1.569  -5.308  7.405   1.00 71.38  ? 97  ARG A O   1 
ATOM   597 C CB  . ARG A 1 99  ? 0.316   -6.973  9.728   1.00 62.33  ? 97  ARG A CB  1 
ATOM   598 C CG  . ARG A 1 99  ? 0.690   -7.889  8.563   1.00 62.68  ? 97  ARG A CG  1 
ATOM   599 C CD  . ARG A 1 99  ? 0.331   -9.345  8.850   1.00 64.59  ? 97  ARG A CD  1 
ATOM   600 N NE  . ARG A 1 99  ? -1.068  -9.478  9.270   1.00 89.47  ? 97  ARG A NE  1 
ATOM   601 C CZ  . ARG A 1 99  ? -2.110  -9.662  8.454   1.00 68.78  ? 97  ARG A CZ  1 
ATOM   602 N NH1 . ARG A 1 99  ? -1.940  -9.753  7.145   1.00 67.91  ? 97  ARG A NH1 1 
ATOM   603 N NH2 . ARG A 1 99  ? -3.331  -9.761  8.957   1.00 73.13  ? 97  ARG A NH2 1 
ATOM   604 N N   . LYS A 1 100 ? -2.514  -5.836  9.400   1.00 82.07  ? 98  LYS A N   1 
ATOM   605 C CA  . LYS A 1 100 ? -3.877  -5.852  8.898   1.00 74.59  ? 98  LYS A CA  1 
ATOM   606 C C   . LYS A 1 100 ? -4.282  -4.508  8.307   1.00 71.04  ? 98  LYS A C   1 
ATOM   607 O O   . LYS A 1 100 ? -4.906  -4.456  7.258   1.00 72.31  ? 98  LYS A O   1 
ATOM   608 C CB  . LYS A 1 100 ? -4.844  -6.238  10.014  1.00 87.02  ? 98  LYS A CB  1 
ATOM   609 C CG  . LYS A 1 100 ? -6.283  -6.342  9.556   1.00 75.22  ? 98  LYS A CG  1 
ATOM   610 C CD  . LYS A 1 100 ? -7.218  -6.566  10.729  1.00 80.93  ? 98  LYS A CD  1 
ATOM   611 C CE  . LYS A 1 100 ? -8.656  -6.661  10.241  1.00 90.33  ? 98  LYS A CE  1 
ATOM   612 N NZ  . LYS A 1 100 ? -8.772  -7.590  9.078   1.00 90.78  ? 98  LYS A NZ  1 
ATOM   613 N N   . GLY A 1 101 ? -3.931  -3.419  8.979   1.00 80.17  ? 99  GLY A N   1 
ATOM   614 C CA  . GLY A 1 101 ? -4.275  -2.092  8.500   1.00 73.71  ? 99  GLY A CA  1 
ATOM   615 C C   . GLY A 1 101 ? -3.646  -1.802  7.151   1.00 80.92  ? 99  GLY A C   1 
ATOM   616 O O   . GLY A 1 101 ? -4.306  -1.287  6.237   1.00 83.27  ? 99  GLY A O   1 
ATOM   617 N N   . ALA A 1 102 ? -2.368  -2.146  7.020   1.00 60.19  ? 100 ALA A N   1 
ATOM   618 C CA  . ALA A 1 102 ? -1.650  -1.931  5.775   1.00 59.90  ? 100 ALA A CA  1 
ATOM   619 C C   . ALA A 1 102 ? -2.271  -2.738  4.651   1.00 59.14  ? 100 ALA A C   1 
ATOM   620 O O   . ALA A 1 102 ? -2.513  -2.238  3.547   1.00 66.90  ? 100 ALA A O   1 
ATOM   621 C CB  . ALA A 1 102 ? -0.181  -2.307  5.947   1.00 71.97  ? 100 ALA A CB  1 
ATOM   622 N N   . GLU A 1 103 ? -2.531  -4.004  4.949   1.00 61.22  ? 101 GLU A N   1 
ATOM   623 C CA  . GLU A 1 103 ? -3.111  -4.926  3.983   1.00 55.51  ? 101 GLU A CA  1 
ATOM   624 C C   . GLU A 1 103 ? -4.496  -4.474  3.521   1.00 63.87  ? 101 GLU A C   1 
ATOM   625 O O   . GLU A 1 103 ? -4.812  -4.534  2.327   1.00 59.85  ? 101 GLU A O   1 
ATOM   626 C CB  . GLU A 1 103 ? -3.199  -6.322  4.595   1.00 61.53  ? 101 GLU A CB  1 
ATOM   627 C CG  . GLU A 1 103 ? -3.659  -7.413  3.655   1.00 62.57  ? 101 GLU A CG  1 
ATOM   628 C CD  . GLU A 1 103 ? -3.595  -8.790  4.300   1.00 67.28  ? 101 GLU A CD  1 
ATOM   629 O OE1 . GLU A 1 103 ? -4.413  -9.063  5.209   1.00 71.61  ? 101 GLU A OE1 1 
ATOM   630 O OE2 . GLU A 1 103 ? -2.704  -9.588  3.920   1.00 69.74  ? 101 GLU A OE2 1 
ATOM   631 N N   . ASP A 1 104 ? -5.324  -4.054  4.474   1.00 66.46  ? 102 ASP A N   1 
ATOM   632 C CA  . ASP A 1 104 ? -6.686  -3.602  4.178   1.00 71.22  ? 102 ASP A CA  1 
ATOM   633 C C   . ASP A 1 104 ? -6.617  -2.392  3.275   1.00 71.66  ? 102 ASP A C   1 
ATOM   634 O O   . ASP A 1 104 ? -7.233  -2.374  2.210   1.00 62.05  ? 102 ASP A O   1 
ATOM   635 C CB  . ASP A 1 104 ? -7.445  -3.253  5.456   1.00 60.38  ? 102 ASP A CB  1 
ATOM   636 C CG  . ASP A 1 104 ? -7.855  -4.478  6.237   1.00 73.03  ? 102 ASP A CG  1 
ATOM   637 O OD1 . ASP A 1 104 ? -8.040  -5.547  5.612   1.00 79.89  ? 102 ASP A OD1 1 
ATOM   638 O OD2 . ASP A 1 104 ? -7.998  -4.367  7.476   1.00 79.97  ? 102 ASP A OD2 1 
ATOM   639 N N   . LEU A 1 105 ? -5.837  -1.399  3.708   1.00 67.32  ? 103 LEU A N   1 
ATOM   640 C CA  . LEU A 1 105 ? -5.588  -0.202  2.914   1.00 55.88  ? 103 LEU A CA  1 
ATOM   641 C C   . LEU A 1 105 ? -5.169  -0.530  1.483   1.00 70.48  ? 103 LEU A C   1 
ATOM   642 O O   . LEU A 1 105 ? -5.655  0.070   0.535   1.00 59.44  ? 103 LEU A O   1 
ATOM   643 C CB  . LEU A 1 105 ? -4.498  0.654   3.559   1.00 76.31  ? 103 LEU A CB  1 
ATOM   644 C CG  . LEU A 1 105 ? -4.296  1.963   2.798   1.00 71.86  ? 103 LEU A CG  1 
ATOM   645 C CD1 . LEU A 1 105 ? -5.320  2.990   3.274   1.00 73.93  ? 103 LEU A CD1 1 
ATOM   646 C CD2 . LEU A 1 105 ? -2.888  2.489   2.935   1.00 73.68  ? 103 LEU A CD2 1 
ATOM   647 N N   . LEU A 1 106 ? -4.241  -1.471  1.328   1.00 76.48  ? 104 LEU A N   1 
ATOM   648 C CA  . LEU A 1 106 ? -3.807  -1.868  -0.009  1.00 69.08  ? 104 LEU A CA  1 
ATOM   649 C C   . LEU A 1 106 ? -4.970  -2.475  -0.803  1.00 67.70  ? 104 LEU A C   1 
ATOM   650 O O   . LEU A 1 106 ? -5.181  -2.130  -1.965  1.00 63.99  ? 104 LEU A O   1 
ATOM   651 C CB  . LEU A 1 106 ? -2.641  -2.863  0.067   1.00 62.97  ? 104 LEU A CB  1 
ATOM   652 C CG  . LEU A 1 106 ? -1.208  -2.322  0.101   1.00 78.16  ? 104 LEU A CG  1 
ATOM   653 C CD1 . LEU A 1 106 ? -0.217  -3.451  -0.126  1.00 63.62  ? 104 LEU A CD1 1 
ATOM   654 C CD2 . LEU A 1 106 ? -0.999  -1.216  -0.928  1.00 71.61  ? 104 LEU A CD2 1 
ATOM   655 N N   . ARG A 1 107 ? -5.725  -3.364  -0.166  1.00 63.45  ? 105 ARG A N   1 
ATOM   656 C CA  . ARG A 1 107 ? -6.816  -4.068  -0.837  1.00 65.16  ? 105 ARG A CA  1 
ATOM   657 C C   . ARG A 1 107 ? -7.886  -3.090  -1.302  1.00 70.10  ? 105 ARG A C   1 
ATOM   658 O O   . ARG A 1 107 ? -8.526  -3.286  -2.330  1.00 58.46  ? 105 ARG A O   1 
ATOM   659 C CB  . ARG A 1 107 ? -7.418  -5.129  0.093   1.00 60.51  ? 105 ARG A CB  1 
ATOM   660 C CG  . ARG A 1 107 ? -6.692  -6.461  0.016   1.00 68.83  ? 105 ARG A CG  1 
ATOM   661 C CD  . ARG A 1 107 ? -6.868  -7.318  1.262   1.00 62.06  ? 105 ARG A CD  1 
ATOM   662 N NE  . ARG A 1 107 ? -6.173  -8.589  1.080   1.00 63.65  ? 105 ARG A NE  1 
ATOM   663 C CZ  . ARG A 1 107 ? -6.332  -9.661  1.847   1.00 63.36  ? 105 ARG A CZ  1 
ATOM   664 N NH1 . ARG A 1 107 ? -7.166  -9.634  2.878   1.00 60.45  ? 105 ARG A NH1 1 
ATOM   665 N NH2 . ARG A 1 107 ? -5.645  -10.766 1.576   1.00 72.02  ? 105 ARG A NH2 1 
ATOM   666 N N   . PHE A 1 108 ? -8.035  -2.014  -0.544  1.00 68.64  ? 106 PHE A N   1 
ATOM   667 C CA  . PHE A 1 108 ? -9.006  -0.974  -0.825  1.00 69.75  ? 106 PHE A CA  1 
ATOM   668 C C   . PHE A 1 108 ? -8.909  -0.406  -2.241  1.00 73.23  ? 106 PHE A C   1 
ATOM   669 O O   . PHE A 1 108 ? -9.903  0.056   -2.798  1.00 82.71  ? 106 PHE A O   1 
ATOM   670 C CB  . PHE A 1 108 ? -8.844  0.158   0.194   1.00 71.17  ? 106 PHE A CB  1 
ATOM   671 C CG  . PHE A 1 108 ? -9.918  1.201   0.110   1.00 86.79  ? 106 PHE A CG  1 
ATOM   672 C CD1 . PHE A 1 108 ? -11.221 0.894   0.456   1.00 65.80  ? 106 PHE A CD1 1 
ATOM   673 C CD2 . PHE A 1 108 ? -9.623  2.492   -0.301  1.00 88.31  ? 106 PHE A CD2 1 
ATOM   674 C CE1 . PHE A 1 108 ? -12.209 1.852   0.402   1.00 82.28  ? 106 PHE A CE1 1 
ATOM   675 C CE2 . PHE A 1 108 ? -10.613 3.455   -0.366  1.00 67.56  ? 106 PHE A CE2 1 
ATOM   676 C CZ  . PHE A 1 108 ? -11.903 3.135   -0.010  1.00 71.86  ? 106 PHE A CZ  1 
ATOM   677 N N   . THR A 1 109 ? -7.715  -0.449  -2.819  1.00 67.15  ? 107 THR A N   1 
ATOM   678 C CA  . THR A 1 109 ? -7.451  0.217   -4.087  1.00 61.70  ? 107 THR A CA  1 
ATOM   679 C C   . THR A 1 109 ? -7.715  -0.662  -5.297  1.00 69.97  ? 107 THR A C   1 
ATOM   680 O O   . THR A 1 109 ? -7.886  -0.161  -6.411  1.00 74.71  ? 107 THR A O   1 
ATOM   681 C CB  . THR A 1 109 ? -5.988  0.686   -4.168  1.00 75.08  ? 107 THR A CB  1 
ATOM   682 O OG1 . THR A 1 109 ? -5.142  -0.459  -4.331  1.00 66.17  ? 107 THR A OG1 1 
ATOM   683 C CG2 . THR A 1 109 ? -5.586  1.429   -2.908  1.00 71.11  ? 107 THR A CG2 1 
ATOM   684 N N   . VAL A 1 110 ? -7.739  -1.973  -5.080  1.00 63.28  ? 108 VAL A N   1 
ATOM   685 C CA  . VAL A 1 110 ? -7.823  -2.928  -6.180  1.00 63.08  ? 108 VAL A CA  1 
ATOM   686 C C   . VAL A 1 110 ? -8.978  -2.649  -7.144  1.00 83.44  ? 108 VAL A C   1 
ATOM   687 O O   . VAL A 1 110 ? -8.782  -2.638  -8.368  1.00 77.27  ? 108 VAL A O   1 
ATOM   688 C CB  . VAL A 1 110 ? -7.962  -4.363  -5.650  1.00 79.10  ? 108 VAL A CB  1 
ATOM   689 C CG1 . VAL A 1 110 ? -8.133  -5.345  -6.805  1.00 87.45  ? 108 VAL A CG1 1 
ATOM   690 C CG2 . VAL A 1 110 ? -6.752  -4.726  -4.811  1.00 82.85  ? 108 VAL A CG2 1 
ATOM   691 N N   . HIS A 1 111 ? -10.171 -2.406  -6.598  1.00 75.25  ? 109 HIS A N   1 
ATOM   692 C CA  . HIS A 1 111 ? -11.366 -2.212  -7.424  1.00 82.27  ? 109 HIS A CA  1 
ATOM   693 C C   . HIS A 1 111 ? -11.885 -0.782  -7.397  1.00 80.29  ? 109 HIS A C   1 
ATOM   694 O O   . HIS A 1 111 ? -13.084 -0.541  -7.557  1.00 73.36  ? 109 HIS A O   1 
ATOM   695 C CB  . HIS A 1 111 ? -12.475 -3.174  -6.997  1.00 72.04  ? 109 HIS A CB  1 
ATOM   696 C CG  . HIS A 1 111 ? -12.260 -4.573  -7.479  1.00 82.05  ? 109 HIS A CG  1 
ATOM   697 N ND1 . HIS A 1 111 ? -11.435 -5.466  -6.825  1.00 88.47  ? 109 HIS A ND1 1 
ATOM   698 C CD2 . HIS A 1 111 ? -12.735 -5.223  -8.563  1.00 103.48 ? 109 HIS A CD2 1 
ATOM   699 C CE1 . HIS A 1 111 ? -11.423 -6.610  -7.485  1.00 94.54  ? 109 HIS A CE1 1 
ATOM   700 N NE2 . HIS A 1 111 ? -12.205 -6.494  -8.541  1.00 102.61 ? 109 HIS A NE2 1 
ATOM   701 N N   . ILE A 1 112 ? -10.969 0.156   -7.183  1.00 78.80  ? 110 ILE A N   1 
ATOM   702 C CA  . ILE A 1 112 ? -11.224 1.564   -7.447  1.00 65.16  ? 110 ILE A CA  1 
ATOM   703 C C   . ILE A 1 112 ? -10.165 2.051   -8.425  1.00 68.91  ? 110 ILE A C   1 
ATOM   704 O O   . ILE A 1 112 ? -9.014  2.265   -8.045  1.00 72.23  ? 110 ILE A O   1 
ATOM   705 C CB  . ILE A 1 112 ? -11.197 2.413   -6.173  1.00 72.50  ? 110 ILE A CB  1 
ATOM   706 C CG1 . ILE A 1 112 ? -12.136 1.818   -5.128  1.00 67.24  ? 110 ILE A CG1 1 
ATOM   707 C CG2 . ILE A 1 112 ? -11.603 3.843   -6.495  1.00 77.87  ? 110 ILE A CG2 1 
ATOM   708 C CD1 . ILE A 1 112 ? -12.198 2.627   -3.858  1.00 72.58  ? 110 ILE A CD1 1 
ATOM   709 N N   . PRO A 1 113 ? -10.540 2.185   -9.700  1.00 69.00  ? 111 PRO A N   1 
ATOM   710 C CA  . PRO A 1 113 ? -9.572  2.545   -10.737 1.00 67.01  ? 111 PRO A CA  1 
ATOM   711 C C   . PRO A 1 113 ? -8.887  3.868   -10.457 1.00 65.67  ? 111 PRO A C   1 
ATOM   712 O O   . PRO A 1 113 ? -7.811  4.097   -10.985 1.00 69.92  ? 111 PRO A O   1 
ATOM   713 C CB  . PRO A 1 113 ? -10.427 2.642   -12.000 1.00 59.51  ? 111 PRO A CB  1 
ATOM   714 C CG  . PRO A 1 113 ? -11.576 1.722   -11.733 1.00 72.07  ? 111 PRO A CG  1 
ATOM   715 C CD  . PRO A 1 113 ? -11.863 1.858   -10.266 1.00 73.40  ? 111 PRO A CD  1 
ATOM   716 N N   . ALA A 1 114 ? -9.502  4.723   -9.648  1.00 66.72  ? 112 ALA A N   1 
ATOM   717 C CA  . ALA A 1 114 ? -8.898  6.007   -9.333  1.00 66.90  ? 112 ALA A CA  1 
ATOM   718 C C   . ALA A 1 114 ? -7.692  5.771   -8.442  1.00 69.57  ? 112 ALA A C   1 
ATOM   719 O O   . ALA A 1 114 ? -6.672  6.438   -8.581  1.00 74.99  ? 112 ALA A O   1 
ATOM   720 C CB  . ALA A 1 114 ? -9.898  6.939   -8.658  1.00 59.44  ? 112 ALA A CB  1 
ATOM   721 N N   . LEU A 1 115 ? -7.813  4.795   -7.547  1.00 73.56  ? 113 LEU A N   1 
ATOM   722 C CA  . LEU A 1 115 ? -6.722  4.402   -6.665  1.00 73.53  ? 113 LEU A CA  1 
ATOM   723 C C   . LEU A 1 115 ? -5.805  3.358   -7.316  1.00 68.60  ? 113 LEU A C   1 
ATOM   724 O O   . LEU A 1 115 ? -4.595  3.464   -7.229  1.00 79.58  ? 113 LEU A O   1 
ATOM   725 C CB  . LEU A 1 115 ? -7.285  3.870   -5.346  1.00 70.94  ? 113 LEU A CB  1 
ATOM   726 C CG  . LEU A 1 115 ? -7.976  4.933   -4.491  1.00 74.31  ? 113 LEU A CG  1 
ATOM   727 C CD1 . LEU A 1 115 ? -8.639  4.328   -3.257  1.00 62.81  ? 113 LEU A CD1 1 
ATOM   728 C CD2 . LEU A 1 115 ? -6.967  5.997   -4.085  1.00 83.83  ? 113 LEU A CD2 1 
ATOM   729 N N   . ASN A 1 116 ? -6.387  2.358   -7.972  1.00 63.48  ? 114 ASN A N   1 
ATOM   730 C CA  . ASN A 1 116 ? -5.622  1.282   -8.606  1.00 59.66  ? 114 ASN A CA  1 
ATOM   731 C C   . ASN A 1 116 ? -4.571  1.801   -9.592  1.00 77.88  ? 114 ASN A C   1 
ATOM   732 O O   . ASN A 1 116 ? -3.426  1.352   -9.609  1.00 70.65  ? 114 ASN A O   1 
ATOM   733 C CB  . ASN A 1 116 ? -6.575  0.321   -9.329  1.00 79.05  ? 114 ASN A CB  1 
ATOM   734 C CG  . ASN A 1 116 ? -5.892  -0.957  -9.782  1.00 77.88  ? 114 ASN A CG  1 
ATOM   735 O OD1 . ASN A 1 116 ? -4.805  -1.287  -9.317  1.00 84.42  ? 114 ASN A OD1 1 
ATOM   736 N ND2 . ASN A 1 116 ? -6.537  -1.689  -10.688 1.00 75.63  ? 114 ASN A ND2 1 
ATOM   737 N N   . ASN A 1 117 ? -4.963  2.770   -10.405 1.00 76.23  ? 115 ASN A N   1 
ATOM   738 C CA  . ASN A 1 117 ? -4.069  3.287   -11.425 1.00 78.52  ? 115 ASN A CA  1 
ATOM   739 C C   . ASN A 1 117 ? -3.165  4.388   -10.895 1.00 74.90  ? 115 ASN A C   1 
ATOM   740 O O   . ASN A 1 117 ? -2.473  5.056   -11.664 1.00 81.70  ? 115 ASN A O   1 
ATOM   741 C CB  . ASN A 1 117 ? -4.882  3.799   -12.608 1.00 61.29  ? 115 ASN A CB  1 
ATOM   742 C CG  . ASN A 1 117 ? -5.595  2.686   -13.335 1.00 73.17  ? 115 ASN A CG  1 
ATOM   743 O OD1 . ASN A 1 117 ? -4.990  1.976   -14.140 1.00 71.42  ? 115 ASN A OD1 1 
ATOM   744 N ND2 . ASN A 1 117 ? -6.890  2.517   -13.053 1.00 63.36  ? 115 ASN A ND2 1 
ATOM   745 N N   . SER A 1 118 ? -3.168  4.570   -9.578  1.00 61.56  ? 116 SER A N   1 
ATOM   746 C CA  . SER A 1 118 ? -2.449  5.678   -8.985  1.00 73.42  ? 116 SER A CA  1 
ATOM   747 C C   . SER A 1 118 ? -0.965  5.529   -9.239  1.00 80.24  ? 116 SER A C   1 
ATOM   748 O O   . SER A 1 118 ? -0.423  4.423   -9.163  1.00 79.61  ? 116 SER A O   1 
ATOM   749 C CB  . SER A 1 118 ? -2.722  5.773   -7.487  1.00 69.23  ? 116 SER A CB  1 
ATOM   750 O OG  . SER A 1 118 ? -1.939  6.795   -6.891  1.00 91.87  ? 116 SER A OG  1 
ATOM   751 N N   . PRO A 1 119 ? -0.308  6.643   -9.575  1.00 79.30  ? 117 PRO A N   1 
ATOM   752 C CA  . PRO A 1 119 ? 1.154   6.659   -9.702  1.00 84.81  ? 117 PRO A CA  1 
ATOM   753 C C   . PRO A 1 119 ? 1.826   6.367   -8.366  1.00 76.77  ? 117 PRO A C   1 
ATOM   754 O O   . PRO A 1 119 ? 2.767   5.570   -8.327  1.00 85.87  ? 117 PRO A O   1 
ATOM   755 C CB  . PRO A 1 119 ? 1.461   8.086   -10.182 1.00 76.67  ? 117 PRO A CB  1 
ATOM   756 C CG  . PRO A 1 119 ? 0.234   8.895   -9.834  1.00 92.32  ? 117 PRO A CG  1 
ATOM   757 C CD  . PRO A 1 119 ? -0.920  7.935   -9.935  1.00 76.51  ? 117 PRO A CD  1 
ATOM   758 N N   . GLN A 1 120 ? 1.342   6.988   -7.291  1.00 79.07  ? 118 GLN A N   1 
ATOM   759 C CA  . GLN A 1 120 ? 1.899   6.753   -5.961  1.00 71.25  ? 118 GLN A CA  1 
ATOM   760 C C   . GLN A 1 120 ? 1.889   5.261   -5.632  1.00 75.18  ? 118 GLN A C   1 
ATOM   761 O O   . GLN A 1 120 ? 2.839   4.735   -5.065  1.00 77.28  ? 118 GLN A O   1 
ATOM   762 C CB  . GLN A 1 120 ? 1.130   7.540   -4.894  1.00 69.32  ? 118 GLN A CB  1 
ATOM   763 C CG  . GLN A 1 120 ? 1.335   9.063   -4.943  1.00 85.58  ? 118 GLN A CG  1 
ATOM   764 C CD  . GLN A 1 120 ? 0.468   9.743   -5.989  1.00 88.06  ? 118 GLN A CD  1 
ATOM   765 O OE1 . GLN A 1 120 ? -0.396  9.117   -6.592  1.00 87.14  ? 118 GLN A OE1 1 
ATOM   766 N NE2 . GLN A 1 120 ? 0.698   11.036  -6.203  1.00 110.89 ? 118 GLN A NE2 1 
ATOM   767 N N   . LEU A 1 121 ? 0.821   4.575   -6.015  1.00 78.58  ? 119 LEU A N   1 
ATOM   768 C CA  . LEU A 1 121 ? 0.746   3.130   -5.820  1.00 73.82  ? 119 LEU A CA  1 
ATOM   769 C C   . LEU A 1 121 ? 1.829   2.354   -6.582  1.00 77.19  ? 119 LEU A C   1 
ATOM   770 O O   . LEU A 1 121 ? 2.410   1.396   -6.066  1.00 61.80  ? 119 LEU A O   1 
ATOM   771 C CB  . LEU A 1 121 ? -0.615  2.632   -6.249  1.00 62.09  ? 119 LEU A CB  1 
ATOM   772 C CG  . LEU A 1 121 ? -1.030  1.289   -5.681  1.00 67.80  ? 119 LEU A CG  1 
ATOM   773 C CD1 . LEU A 1 121 ? -0.974  1.321   -4.166  1.00 65.57  ? 119 LEU A CD1 1 
ATOM   774 C CD2 . LEU A 1 121 ? -2.452  0.978   -6.163  1.00 64.61  ? 119 LEU A CD2 1 
ATOM   775 N N   . LYS A 1 122 ? 2.083   2.760   -7.819  1.00 62.41  ? 120 LYS A N   1 
ATOM   776 C CA  . LYS A 1 122 ? 3.046   2.061   -8.645  1.00 65.43  ? 120 LYS A CA  1 
ATOM   777 C C   . LYS A 1 122 ? 4.481   2.321   -8.174  1.00 72.65  ? 120 LYS A C   1 
ATOM   778 O O   . LYS A 1 122 ? 5.318   1.426   -8.252  1.00 76.13  ? 120 LYS A O   1 
ATOM   779 C CB  . LYS A 1 122 ? 2.874   2.457   -10.111 1.00 77.28  ? 120 LYS A CB  1 
ATOM   780 C CG  . LYS A 1 122 ? 1.517   2.053   -10.681 1.00 95.87  ? 120 LYS A CG  1 
ATOM   781 C CD  . LYS A 1 122 ? 1.275   2.551   -12.102 1.00 84.59  ? 120 LYS A CD  1 
ATOM   782 C CE  . LYS A 1 122 ? -0.125  2.128   -12.573 1.00 102.89 ? 120 LYS A CE  1 
ATOM   783 N NZ  . LYS A 1 122 ? -0.444  2.540   -13.977 1.00 92.57  ? 120 LYS A NZ  1 
ATOM   784 N N   . GLU A 1 123 ? 4.765   3.528   -7.678  1.00 62.36  ? 121 GLU A N   1 
ATOM   785 C CA  . GLU A 1 123 ? 6.109   3.828   -7.161  1.00 78.15  ? 121 GLU A CA  1 
ATOM   786 C C   . GLU A 1 123 ? 6.392   3.025   -5.891  1.00 76.49  ? 121 GLU A C   1 
ATOM   787 O O   . GLU A 1 123 ? 7.523   2.596   -5.639  1.00 77.66  ? 121 GLU A O   1 
ATOM   788 C CB  . GLU A 1 123 ? 6.275   5.327   -6.880  1.00 73.70  ? 121 GLU A CB  1 
ATOM   789 C CG  . GLU A 1 123 ? 7.041   6.095   -7.956  1.00 92.72  ? 121 GLU A CG  1 
ATOM   790 C CD  . GLU A 1 123 ? 8.549   5.822   -7.940  1.00 100.62 ? 121 GLU A CD  1 
ATOM   791 O OE1 . GLU A 1 123 ? 9.201   6.034   -6.888  1.00 89.67  ? 121 GLU A OE1 1 
ATOM   792 O OE2 . GLU A 1 123 ? 9.091   5.399   -8.988  1.00 94.04  ? 121 GLU A OE2 1 
ATOM   793 N N   . PHE A 1 124 ? 5.340   2.811   -5.108  1.00 72.80  ? 122 PHE A N   1 
ATOM   794 C CA  . PHE A 1 124 ? 5.411   2.053   -3.865  1.00 66.29  ? 122 PHE A CA  1 
ATOM   795 C C   . PHE A 1 124 ? 6.128   0.717   -4.021  1.00 67.34  ? 122 PHE A C   1 
ATOM   796 O O   . PHE A 1 124 ? 6.729   0.213   -3.077  1.00 73.12  ? 122 PHE A O   1 
ATOM   797 C CB  . PHE A 1 124 ? 4.006   1.825   -3.349  1.00 66.42  ? 122 PHE A CB  1 
ATOM   798 C CG  . PHE A 1 124 ? 3.928   1.305   -1.945  1.00 47.39  ? 122 PHE A CG  1 
ATOM   799 C CD1 . PHE A 1 124 ? 3.625   -0.020  -1.712  1.00 53.74  ? 122 PHE A CD1 1 
ATOM   800 C CD2 . PHE A 1 124 ? 4.074   2.157   -0.863  1.00 49.39  ? 122 PHE A CD2 1 
ATOM   801 C CE1 . PHE A 1 124 ? 3.492   -0.505  -0.423  1.00 59.49  ? 122 PHE A CE1 1 
ATOM   802 C CE2 . PHE A 1 124 ? 3.955   1.680   0.429   1.00 62.97  ? 122 PHE A CE2 1 
ATOM   803 C CZ  . PHE A 1 124 ? 3.659   0.345   0.648   1.00 69.35  ? 122 PHE A CZ  1 
ATOM   804 N N   . PHE A 1 125 ? 6.069   0.137   -5.212  1.00 73.10  ? 123 PHE A N   1 
ATOM   805 C CA  . PHE A 1 125 ? 6.757   -1.124  -5.452  1.00 70.47  ? 123 PHE A CA  1 
ATOM   806 C C   . PHE A 1 125 ? 8.084   -0.880  -6.149  1.00 82.05  ? 123 PHE A C   1 
ATOM   807 O O   . PHE A 1 125 ? 8.166   -0.954  -7.370  1.00 74.16  ? 123 PHE A O   1 
ATOM   808 C CB  . PHE A 1 125 ? 5.863   -2.075  -6.253  1.00 81.81  ? 123 PHE A CB  1 
ATOM   809 C CG  . PHE A 1 125 ? 4.632   -2.506  -5.500  1.00 73.46  ? 123 PHE A CG  1 
ATOM   810 C CD1 . PHE A 1 125 ? 4.620   -3.690  -4.780  1.00 65.58  ? 123 PHE A CD1 1 
ATOM   811 C CD2 . PHE A 1 125 ? 3.505   -1.705  -5.473  1.00 67.84  ? 123 PHE A CD2 1 
ATOM   812 C CE1 . PHE A 1 125 ? 3.502   -4.067  -4.064  1.00 58.11  ? 123 PHE A CE1 1 
ATOM   813 C CE2 . PHE A 1 125 ? 2.389   -2.078  -4.760  1.00 53.41  ? 123 PHE A CE2 1 
ATOM   814 C CZ  . PHE A 1 125 ? 2.385   -3.259  -4.056  1.00 66.98  ? 123 PHE A CZ  1 
ATOM   815 N N   . ARG A 1 126 ? 9.111   -0.588  -5.340  1.00 85.78  ? 124 ARG A N   1 
ATOM   816 C CA  . ARG A 1 126 ? 10.475  -0.336  -5.805  1.00 77.63  ? 124 ARG A CA  1 
ATOM   817 C C   . ARG A 1 126 ? 11.086  -1.531  -6.523  1.00 80.98  ? 124 ARG A C   1 
ATOM   818 O O   . ARG A 1 126 ? 11.320  -1.497  -7.735  1.00 78.95  ? 124 ARG A O   1 
ATOM   819 C CB  . ARG A 1 126 ? 11.398  0.034   -4.630  1.00 84.80  ? 124 ARG A CB  1 
ATOM   820 C CG  . ARG A 1 126 ? 10.749  0.737   -3.441  1.00 89.66  ? 124 ARG A CG  1 
ATOM   821 C CD  . ARG A 1 126 ? 11.731  0.806   -2.252  1.00 96.11  ? 124 ARG A CD  1 
ATOM   822 N NE  . ARG A 1 126 ? 11.220  1.652   -1.177  1.00 81.66  ? 124 ARG A NE  1 
ATOM   823 C CZ  . ARG A 1 126 ? 11.538  2.934   -1.016  1.00 80.66  ? 124 ARG A CZ  1 
ATOM   824 N NH1 . ARG A 1 126 ? 12.392  3.527   -1.845  1.00 79.41  ? 124 ARG A NH1 1 
ATOM   825 N NH2 . ARG A 1 126 ? 11.000  3.623   -0.018  1.00 80.08  ? 124 ARG A NH2 1 
ATOM   826 N N   . GLY A 1 127 ? 11.384  -2.574  -5.747  1.00 91.46  ? 125 GLY A N   1 
ATOM   827 C CA  . GLY A 1 127 ? 11.993  -3.789  -6.262  1.00 73.28  ? 125 GLY A CA  1 
ATOM   828 C C   . GLY A 1 127 ? 10.947  -4.856  -6.550  1.00 95.90  ? 125 GLY A C   1 
ATOM   829 O O   . GLY A 1 127 ? 10.269  -4.834  -7.581  1.00 82.03  ? 125 GLY A O   1 
HETATM 830 S S   . SO4 B 2 .   ? 7.894   2.009   11.903  1.00 102.56 ? 201 SO4 A S   1 
HETATM 831 O O1  . SO4 B 2 .   ? 8.576   1.889   13.195  1.00 90.63  ? 201 SO4 A O1  1 
HETATM 832 O O2  . SO4 B 2 .   ? 8.481   3.113   11.138  1.00 80.05  ? 201 SO4 A O2  1 
HETATM 833 O O3  . SO4 B 2 .   ? 8.068   0.753   11.175  1.00 94.42  ? 201 SO4 A O3  1 
HETATM 834 O O4  . SO4 B 2 .   ? 6.464   2.238   12.120  1.00 77.94  ? 201 SO4 A O4  1 
HETATM 835 O O   . HOH C 3 .   ? -0.094  -1.557  -9.732  1.00 85.16  ? 301 HOH A O   1 
HETATM 836 O O   . HOH C 3 .   ? -17.846 26.059  -15.068 1.00 86.61  ? 302 HOH A O   1 
HETATM 837 O O   . HOH C 3 .   ? -6.363  -8.929  -2.372  1.00 66.96  ? 303 HOH A O   1 
HETATM 838 O O   . HOH C 3 .   ? -4.812  -1.915  -6.470  1.00 66.59  ? 304 HOH A O   1 
HETATM 839 O O   . HOH C 3 .   ? 10.092  -14.493 1.668   1.00 73.23  ? 305 HOH A O   1 
HETATM 840 O O   . HOH C 3 .   ? 12.440  -4.622  -1.167  1.00 64.19  ? 306 HOH A O   1 
HETATM 841 O O   . HOH C 3 .   ? 9.037   -15.953 6.440   1.00 106.13 ? 307 HOH A O   1 
HETATM 842 O O   . HOH C 3 .   ? 4.717   -9.772  -18.690 1.00 94.44  ? 308 HOH A O   1 
HETATM 843 O O   . HOH C 3 .   ? 3.061   -3.274  -9.648  1.00 58.97  ? 309 HOH A O   1 
# 
loop_
_pdbx_poly_seq_scheme.asym_id 
_pdbx_poly_seq_scheme.entity_id 
_pdbx_poly_seq_scheme.seq_id 
_pdbx_poly_seq_scheme.mon_id 
_pdbx_poly_seq_scheme.ndb_seq_num 
_pdbx_poly_seq_scheme.pdb_seq_num 
_pdbx_poly_seq_scheme.auth_seq_num 
_pdbx_poly_seq_scheme.pdb_mon_id 
_pdbx_poly_seq_scheme.auth_mon_id 
_pdbx_poly_seq_scheme.pdb_strand_id 
_pdbx_poly_seq_scheme.pdb_ins_code 
_pdbx_poly_seq_scheme.hetero 
A 1 1   GLY 1   -1  ?   ?   ?   A . n 
A 1 2   SER 2   0   ?   ?   ?   A . n 
A 1 3   MET 3   1   ?   ?   ?   A . n 
A 1 4   SER 4   2   ?   ?   ?   A . n 
A 1 5   ARG 5   3   ?   ?   ?   A . n 
A 1 6   GLN 6   4   ?   ?   ?   A . n 
A 1 7   ALA 7   5   ?   ?   ?   A . n 
A 1 8   LYS 8   6   ?   ?   ?   A . n 
A 1 9   ASP 9   7   ?   ?   ?   A . n 
A 1 10  ASP 10  8   ?   ?   ?   A . n 
A 1 11  PHE 11  9   9   PHE PHE A . n 
A 1 12  LEU 12  10  10  LEU LEU A . n 
A 1 13  ARG 13  11  11  ARG ARG A . n 
A 1 14  HIS 14  12  12  HIS HIS A . n 
A 1 15  TYR 15  13  13  TYR TYR A . n 
A 1 16  THR 16  14  14  THR THR A . n 
A 1 17  VAL 17  15  15  VAL VAL A . n 
A 1 18  SER 18  16  16  SER SER A . n 
A 1 19  ASP 19  17  17  ASP ASP A . n 
A 1 20  PRO 20  18  18  PRO PRO A . n 
A 1 21  ARG 21  19  19  ARG ARG A . n 
A 1 22  THR 22  20  20  THR THR A . n 
A 1 23  HIS 23  21  21  HIS HIS A . n 
A 1 24  PRO 24  22  22  PRO PRO A . n 
A 1 25  LYS 25  23  23  LYS LYS A . n 
A 1 26  GLY 26  24  24  GLY GLY A . n 
A 1 27  TYR 27  25  25  TYR TYR A . n 
A 1 28  THR 28  26  26  THR THR A . n 
A 1 29  GLU 29  27  27  GLU GLU A . n 
A 1 30  TYR 30  28  28  TYR TYR A . n 
A 1 31  LYS 31  29  29  LYS LYS A . n 
A 1 32  VAL 32  30  30  VAL VAL A . n 
A 1 33  THR 33  31  31  THR THR A . n 
A 1 34  ALA 34  32  32  ALA ALA A . n 
A 1 35  GLN 35  33  33  GLN GLN A . n 
A 1 36  PHE 36  34  34  PHE PHE A . n 
A 1 37  ILE 37  35  35  ILE ILE A . n 
A 1 38  SER 38  36  36  SER SER A . n 
A 1 39  LYS 39  37  ?   ?   ?   A . n 
A 1 40  LYS 40  38  ?   ?   ?   A . n 
A 1 41  ASP 41  39  ?   ?   ?   A . n 
A 1 42  PRO 42  40  ?   ?   ?   A . n 
A 1 43  GLU 43  41  ?   ?   ?   A . n 
A 1 44  ASP 44  42  ?   ?   ?   A . n 
A 1 45  VAL 45  43  43  VAL VAL A . n 
A 1 46  LYS 46  44  44  LYS LYS A . n 
A 1 47  GLU 47  45  45  GLU GLU A . n 
A 1 48  VAL 48  46  46  VAL VAL A . n 
A 1 49  VAL 49  47  47  VAL VAL A . n 
A 1 50  VAL 50  48  48  VAL VAL A . n 
A 1 51  TRP 51  49  49  TRP TRP A . n 
A 1 52  LYS 52  50  50  LYS LYS A . n 
A 1 53  ARG 53  51  51  ARG ARG A . n 
A 1 54  TYR 54  52  52  TYR TYR A . n 
A 1 55  SER 55  53  53  SER SER A . n 
A 1 56  ASP 56  54  54  ASP ASP A . n 
A 1 57  PHE 57  55  55  PHE PHE A . n 
A 1 58  ARG 58  56  56  ARG ARG A . n 
A 1 59  LYS 59  57  57  LYS LYS A . n 
A 1 60  LEU 60  58  58  LEU LEU A . n 
A 1 61  HIS 61  59  59  HIS HIS A . n 
A 1 62  GLY 62  60  60  GLY GLY A . n 
A 1 63  ASP 63  61  61  ASP ASP A . n 
A 1 64  LEU 64  62  62  LEU LEU A . n 
A 1 65  ALA 65  63  63  ALA ALA A . n 
A 1 66  TYR 66  64  64  TYR TYR A . n 
A 1 67  THR 67  65  65  THR THR A . n 
A 1 68  HIS 68  66  66  HIS HIS A . n 
A 1 69  ARG 69  67  67  ARG ARG A . n 
A 1 70  ASN 70  68  68  ASN ASN A . n 
A 1 71  LEU 71  69  69  LEU LEU A . n 
A 1 72  PHE 72  70  70  PHE PHE A . n 
A 1 73  ARG 73  71  71  ARG ARG A . n 
A 1 74  ARG 74  72  72  ARG ARG A . n 
A 1 75  LEU 75  73  73  LEU LEU A . n 
A 1 76  GLU 76  74  74  GLU GLU A . n 
A 1 77  GLU 77  75  75  GLU GLU A . n 
A 1 78  PHE 78  76  76  PHE ALA A . n 
A 1 79  PRO 79  77  ?   ?   ?   A . n 
A 1 80  ALA 80  78  ?   ?   ?   A . n 
A 1 81  PHE 81  79  ?   ?   ?   A . n 
A 1 82  PRO 82  80  ?   ?   ?   A . n 
A 1 83  ARG 83  81  ?   ?   ?   A . n 
A 1 84  ALA 84  82  ?   ?   ?   A . n 
A 1 85  GLN 85  83  ?   ?   ?   A . n 
A 1 86  VAL 86  84  ?   ?   ?   A . n 
A 1 87  PHE 87  85  ?   ?   ?   A . n 
A 1 88  GLY 88  86  ?   ?   ?   A . n 
A 1 89  ARG 89  87  ?   ?   ?   A . n 
A 1 90  PHE 90  88  ?   ?   ?   A . n 
A 1 91  GLU 91  89  ?   ?   ?   A . n 
A 1 92  ALA 92  90  90  ALA ALA A . n 
A 1 93  SER 93  91  91  SER SER A . n 
A 1 94  VAL 94  92  92  VAL VAL A . n 
A 1 95  ILE 95  93  93  ILE ILE A . n 
A 1 96  GLU 96  94  94  GLU GLU A . n 
A 1 97  GLU 97  95  95  GLU GLU A . n 
A 1 98  ARG 98  96  96  ARG ARG A . n 
A 1 99  ARG 99  97  97  ARG ARG A . n 
A 1 100 LYS 100 98  98  LYS LYS A . n 
A 1 101 GLY 101 99  99  GLY GLY A . n 
A 1 102 ALA 102 100 100 ALA ALA A . n 
A 1 103 GLU 103 101 101 GLU GLU A . n 
A 1 104 ASP 104 102 102 ASP ASP A . n 
A 1 105 LEU 105 103 103 LEU LEU A . n 
A 1 106 LEU 106 104 104 LEU LEU A . n 
A 1 107 ARG 107 105 105 ARG ARG A . n 
A 1 108 PHE 108 106 106 PHE PHE A . n 
A 1 109 THR 109 107 107 THR THR A . n 
A 1 110 VAL 110 108 108 VAL VAL A . n 
A 1 111 HIS 111 109 109 HIS HIS A . n 
A 1 112 ILE 112 110 110 ILE ILE A . n 
A 1 113 PRO 113 111 111 PRO PRO A . n 
A 1 114 ALA 114 112 112 ALA ALA A . n 
A 1 115 LEU 115 113 113 LEU LEU A . n 
A 1 116 ASN 116 114 114 ASN ASN A . n 
A 1 117 ASN 117 115 115 ASN ASN A . n 
A 1 118 SER 118 116 116 SER SER A . n 
A 1 119 PRO 119 117 117 PRO PRO A . n 
A 1 120 GLN 120 118 118 GLN GLN A . n 
A 1 121 LEU 121 119 119 LEU LEU A . n 
A 1 122 LYS 122 120 120 LYS LYS A . n 
A 1 123 GLU 123 121 121 GLU GLU A . n 
A 1 124 PHE 124 122 122 PHE PHE A . n 
A 1 125 PHE 125 123 123 PHE PHE A . n 
A 1 126 ARG 126 124 124 ARG ARG A . n 
A 1 127 GLY 127 125 125 GLY GLY A . n 
A 1 128 GLY 128 126 ?   ?   ?   A . n 
# 
loop_
_pdbx_nonpoly_scheme.asym_id 
_pdbx_nonpoly_scheme.entity_id 
_pdbx_nonpoly_scheme.mon_id 
_pdbx_nonpoly_scheme.ndb_seq_num 
_pdbx_nonpoly_scheme.pdb_seq_num 
_pdbx_nonpoly_scheme.auth_seq_num 
_pdbx_nonpoly_scheme.pdb_mon_id 
_pdbx_nonpoly_scheme.auth_mon_id 
_pdbx_nonpoly_scheme.pdb_strand_id 
_pdbx_nonpoly_scheme.pdb_ins_code 
B 2 SO4 1 201 1  SO4 SO4 A . 
C 3 HOH 1 301 13 HOH HOH A . 
C 3 HOH 2 302 5  HOH HOH A . 
C 3 HOH 3 303 4  HOH HOH A . 
C 3 HOH 4 304 3  HOH HOH A . 
C 3 HOH 5 305 1  HOH HOH A . 
C 3 HOH 6 306 5  HOH HOH A . 
C 3 HOH 7 307 2  HOH HOH A . 
C 3 HOH 8 308 22 HOH HOH A . 
C 3 HOH 9 309 20 HOH HOH A . 
# 
_pdbx_struct_assembly.id                   1 
_pdbx_struct_assembly.details              author_and_software_defined_assembly 
_pdbx_struct_assembly.method_details       PISA 
_pdbx_struct_assembly.oligomeric_details   dimeric 
_pdbx_struct_assembly.oligomeric_count     2 
# 
_pdbx_struct_assembly_gen.assembly_id       1 
_pdbx_struct_assembly_gen.oper_expression   1,2 
_pdbx_struct_assembly_gen.asym_id_list      A,B,C 
# 
loop_
_pdbx_struct_assembly_prop.biol_id 
_pdbx_struct_assembly_prop.type 
_pdbx_struct_assembly_prop.value 
_pdbx_struct_assembly_prop.details 
1 'ABSA (A^2)' 2280  ? 
1 MORE         -50   ? 
1 'SSA (A^2)'  12450 ? 
# 
loop_
_pdbx_struct_oper_list.id 
_pdbx_struct_oper_list.type 
_pdbx_struct_oper_list.name 
_pdbx_struct_oper_list.symmetry_operation 
_pdbx_struct_oper_list.matrix[1][1] 
_pdbx_struct_oper_list.matrix[1][2] 
_pdbx_struct_oper_list.matrix[1][3] 
_pdbx_struct_oper_list.vector[1] 
_pdbx_struct_oper_list.matrix[2][1] 
_pdbx_struct_oper_list.matrix[2][2] 
_pdbx_struct_oper_list.matrix[2][3] 
_pdbx_struct_oper_list.vector[2] 
_pdbx_struct_oper_list.matrix[3][1] 
_pdbx_struct_oper_list.matrix[3][2] 
_pdbx_struct_oper_list.matrix[3][3] 
_pdbx_struct_oper_list.vector[3] 
1 'identity operation'         1_555 x,y,z            1.0000000000  0.0000000000  0.0000000000  0.0000000000   0.0000000000  1.0000000000  0.0000000000 0.0000000000  0.0000000000  0.0000000000 1.0000000000  0.0000000000   
2 'crystal symmetry operation' 8_665 -y+1,-x+1,-z+1/2 -0.8342730197 -0.3779413612 -0.4014335014 -15.9551092434 -0.3779413612 -0.1381024847 0.9154714803 15.0833237217 -0.4014335014 0.9154714803 -0.0276244956 -20.7875126144 
# 
loop_
_pdbx_audit_revision_history.ordinal 
_pdbx_audit_revision_history.data_content_type 
_pdbx_audit_revision_history.major_revision 
_pdbx_audit_revision_history.minor_revision 
_pdbx_audit_revision_history.revision_date 
1 'Structure model' 1 0 2018-08-22 
2 'Structure model' 1 1 2019-04-17 
3 'Structure model' 1 2 2020-01-01 
4 'Structure model' 1 3 2023-10-11 
# 
_pdbx_audit_revision_details.ordinal             1 
_pdbx_audit_revision_details.revision_ordinal    1 
_pdbx_audit_revision_details.data_content_type   'Structure model' 
_pdbx_audit_revision_details.provider            repository 
_pdbx_audit_revision_details.type                'Initial release' 
_pdbx_audit_revision_details.description         ? 
_pdbx_audit_revision_details.details             ? 
# 
loop_
_pdbx_audit_revision_group.ordinal 
_pdbx_audit_revision_group.revision_ordinal 
_pdbx_audit_revision_group.data_content_type 
_pdbx_audit_revision_group.group 
1 2 'Structure model' 'Data collection'            
2 2 'Structure model' 'Database references'        
3 3 'Structure model' 'Author supporting evidence' 
4 4 'Structure model' 'Data collection'            
5 4 'Structure model' 'Database references'        
6 4 'Structure model' 'Refinement description'     
# 
loop_
_pdbx_audit_revision_category.ordinal 
_pdbx_audit_revision_category.revision_ordinal 
_pdbx_audit_revision_category.data_content_type 
_pdbx_audit_revision_category.category 
1 2 'Structure model' citation                      
2 2 'Structure model' citation_author               
3 3 'Structure model' pdbx_audit_support            
4 4 'Structure model' chem_comp_atom                
5 4 'Structure model' chem_comp_bond                
6 4 'Structure model' database_2                    
7 4 'Structure model' pdbx_initial_refinement_model 
# 
loop_
_pdbx_audit_revision_item.ordinal 
_pdbx_audit_revision_item.revision_ordinal 
_pdbx_audit_revision_item.data_content_type 
_pdbx_audit_revision_item.item 
1  2 'Structure model' '_citation.country'                        
2  2 'Structure model' '_citation.journal_abbrev'                 
3  2 'Structure model' '_citation.journal_id_CSD'                 
4  2 'Structure model' '_citation.journal_id_ISSN'                
5  2 'Structure model' '_citation.journal_volume'                 
6  2 'Structure model' '_citation.page_first'                     
7  2 'Structure model' '_citation.page_last'                      
8  2 'Structure model' '_citation.pdbx_database_id_DOI'           
9  2 'Structure model' '_citation.pdbx_database_id_PubMed'        
10 2 'Structure model' '_citation.title'                          
11 2 'Structure model' '_citation.year'                           
12 3 'Structure model' '_pdbx_audit_support.funding_organization' 
13 4 'Structure model' '_database_2.pdbx_DOI'                     
14 4 'Structure model' '_database_2.pdbx_database_accession'      
# 
loop_
_software.citation_id 
_software.classification 
_software.compiler_name 
_software.compiler_version 
_software.contact_author 
_software.contact_author_email 
_software.date 
_software.description 
_software.dependencies 
_software.hardware 
_software.language 
_software.location 
_software.mods 
_software.name 
_software.os 
_software.os_version 
_software.type 
_software.version 
_software.pdbx_ordinal 
? refinement       ? ? ? ? ? ? ? ? ? ? ? PHENIX  ? ? ? 1.9_1692 1 
? 'data reduction' ? ? ? ? ? ? ? ? ? ? ? XDS     ? ? ? .        2 
? 'data scaling'   ? ? ? ? ? ? ? ? ? ? ? Aimless ? ? ? .        3 
? phasing          ? ? ? ? ? ? ? ? ? ? ? PHASER  ? ? ? .        4 
# 
loop_
_pdbx_validate_torsion.id 
_pdbx_validate_torsion.PDB_model_num 
_pdbx_validate_torsion.auth_comp_id 
_pdbx_validate_torsion.auth_asym_id 
_pdbx_validate_torsion.auth_seq_id 
_pdbx_validate_torsion.PDB_ins_code 
_pdbx_validate_torsion.label_alt_id 
_pdbx_validate_torsion.phi 
_pdbx_validate_torsion.psi 
1 1 LEU A 10  ? ? 151.88 91.60  
2 1 ARG A 124 ? ? -61.36 -70.42 
# 
loop_
_pdbx_unobs_or_zero_occ_atoms.id 
_pdbx_unobs_or_zero_occ_atoms.PDB_model_num 
_pdbx_unobs_or_zero_occ_atoms.polymer_flag 
_pdbx_unobs_or_zero_occ_atoms.occupancy_flag 
_pdbx_unobs_or_zero_occ_atoms.auth_asym_id 
_pdbx_unobs_or_zero_occ_atoms.auth_comp_id 
_pdbx_unobs_or_zero_occ_atoms.auth_seq_id 
_pdbx_unobs_or_zero_occ_atoms.PDB_ins_code 
_pdbx_unobs_or_zero_occ_atoms.auth_atom_id 
_pdbx_unobs_or_zero_occ_atoms.label_alt_id 
_pdbx_unobs_or_zero_occ_atoms.label_asym_id 
_pdbx_unobs_or_zero_occ_atoms.label_comp_id 
_pdbx_unobs_or_zero_occ_atoms.label_seq_id 
_pdbx_unobs_or_zero_occ_atoms.label_atom_id 
1 1 Y 1 A PHE 76 ? CG  ? A PHE 78 CG  
2 1 Y 1 A PHE 76 ? CD1 ? A PHE 78 CD1 
3 1 Y 1 A PHE 76 ? CD2 ? A PHE 78 CD2 
4 1 Y 1 A PHE 76 ? CE1 ? A PHE 78 CE1 
5 1 Y 1 A PHE 76 ? CE2 ? A PHE 78 CE2 
6 1 Y 1 A PHE 76 ? CZ  ? A PHE 78 CZ  
# 
loop_
_pdbx_unobs_or_zero_occ_residues.id 
_pdbx_unobs_or_zero_occ_residues.PDB_model_num 
_pdbx_unobs_or_zero_occ_residues.polymer_flag 
_pdbx_unobs_or_zero_occ_residues.occupancy_flag 
_pdbx_unobs_or_zero_occ_residues.auth_asym_id 
_pdbx_unobs_or_zero_occ_residues.auth_comp_id 
_pdbx_unobs_or_zero_occ_residues.auth_seq_id 
_pdbx_unobs_or_zero_occ_residues.PDB_ins_code 
_pdbx_unobs_or_zero_occ_residues.label_asym_id 
_pdbx_unobs_or_zero_occ_residues.label_comp_id 
_pdbx_unobs_or_zero_occ_residues.label_seq_id 
1  1 Y 1 A GLY -1  ? A GLY 1   
2  1 Y 1 A SER 0   ? A SER 2   
3  1 Y 1 A MET 1   ? A MET 3   
4  1 Y 1 A SER 2   ? A SER 4   
5  1 Y 1 A ARG 3   ? A ARG 5   
6  1 Y 1 A GLN 4   ? A GLN 6   
7  1 Y 1 A ALA 5   ? A ALA 7   
8  1 Y 1 A LYS 6   ? A LYS 8   
9  1 Y 1 A ASP 7   ? A ASP 9   
10 1 Y 1 A ASP 8   ? A ASP 10  
11 1 Y 1 A LYS 37  ? A LYS 39  
12 1 Y 1 A LYS 38  ? A LYS 40  
13 1 Y 1 A ASP 39  ? A ASP 41  
14 1 Y 1 A PRO 40  ? A PRO 42  
15 1 Y 1 A GLU 41  ? A GLU 43  
16 1 Y 1 A ASP 42  ? A ASP 44  
17 1 Y 1 A PRO 77  ? A PRO 79  
18 1 Y 1 A ALA 78  ? A ALA 80  
19 1 Y 1 A PHE 79  ? A PHE 81  
20 1 Y 1 A PRO 80  ? A PRO 82  
21 1 Y 1 A ARG 81  ? A ARG 83  
22 1 Y 1 A ALA 82  ? A ALA 84  
23 1 Y 1 A GLN 83  ? A GLN 85  
24 1 Y 1 A VAL 84  ? A VAL 86  
25 1 Y 1 A PHE 85  ? A PHE 87  
26 1 Y 1 A GLY 86  ? A GLY 88  
27 1 Y 1 A ARG 87  ? A ARG 89  
28 1 Y 1 A PHE 88  ? A PHE 90  
29 1 Y 1 A GLU 89  ? A GLU 91  
30 1 Y 1 A GLY 126 ? A GLY 128 
# 
loop_
_chem_comp_atom.comp_id 
_chem_comp_atom.atom_id 
_chem_comp_atom.type_symbol 
_chem_comp_atom.pdbx_aromatic_flag 
_chem_comp_atom.pdbx_stereo_config 
_chem_comp_atom.pdbx_ordinal 
ALA N    N N N 1   
ALA CA   C N S 2   
ALA C    C N N 3   
ALA O    O N N 4   
ALA CB   C N N 5   
ALA OXT  O N N 6   
ALA H    H N N 7   
ALA H2   H N N 8   
ALA HA   H N N 9   
ALA HB1  H N N 10  
ALA HB2  H N N 11  
ALA HB3  H N N 12  
ALA HXT  H N N 13  
ARG N    N N N 14  
ARG CA   C N S 15  
ARG C    C N N 16  
ARG O    O N N 17  
ARG CB   C N N 18  
ARG CG   C N N 19  
ARG CD   C N N 20  
ARG NE   N N N 21  
ARG CZ   C N N 22  
ARG NH1  N N N 23  
ARG NH2  N N N 24  
ARG OXT  O N N 25  
ARG H    H N N 26  
ARG H2   H N N 27  
ARG HA   H N N 28  
ARG HB2  H N N 29  
ARG HB3  H N N 30  
ARG HG2  H N N 31  
ARG HG3  H N N 32  
ARG HD2  H N N 33  
ARG HD3  H N N 34  
ARG HE   H N N 35  
ARG HH11 H N N 36  
ARG HH12 H N N 37  
ARG HH21 H N N 38  
ARG HH22 H N N 39  
ARG HXT  H N N 40  
ASN N    N N N 41  
ASN CA   C N S 42  
ASN C    C N N 43  
ASN O    O N N 44  
ASN CB   C N N 45  
ASN CG   C N N 46  
ASN OD1  O N N 47  
ASN ND2  N N N 48  
ASN OXT  O N N 49  
ASN H    H N N 50  
ASN H2   H N N 51  
ASN HA   H N N 52  
ASN HB2  H N N 53  
ASN HB3  H N N 54  
ASN HD21 H N N 55  
ASN HD22 H N N 56  
ASN HXT  H N N 57  
ASP N    N N N 58  
ASP CA   C N S 59  
ASP C    C N N 60  
ASP O    O N N 61  
ASP CB   C N N 62  
ASP CG   C N N 63  
ASP OD1  O N N 64  
ASP OD2  O N N 65  
ASP OXT  O N N 66  
ASP H    H N N 67  
ASP H2   H N N 68  
ASP HA   H N N 69  
ASP HB2  H N N 70  
ASP HB3  H N N 71  
ASP HD2  H N N 72  
ASP HXT  H N N 73  
GLN N    N N N 74  
GLN CA   C N S 75  
GLN C    C N N 76  
GLN O    O N N 77  
GLN CB   C N N 78  
GLN CG   C N N 79  
GLN CD   C N N 80  
GLN OE1  O N N 81  
GLN NE2  N N N 82  
GLN OXT  O N N 83  
GLN H    H N N 84  
GLN H2   H N N 85  
GLN HA   H N N 86  
GLN HB2  H N N 87  
GLN HB3  H N N 88  
GLN HG2  H N N 89  
GLN HG3  H N N 90  
GLN HE21 H N N 91  
GLN HE22 H N N 92  
GLN HXT  H N N 93  
GLU N    N N N 94  
GLU CA   C N S 95  
GLU C    C N N 96  
GLU O    O N N 97  
GLU CB   C N N 98  
GLU CG   C N N 99  
GLU CD   C N N 100 
GLU OE1  O N N 101 
GLU OE2  O N N 102 
GLU OXT  O N N 103 
GLU H    H N N 104 
GLU H2   H N N 105 
GLU HA   H N N 106 
GLU HB2  H N N 107 
GLU HB3  H N N 108 
GLU HG2  H N N 109 
GLU HG3  H N N 110 
GLU HE2  H N N 111 
GLU HXT  H N N 112 
GLY N    N N N 113 
GLY CA   C N N 114 
GLY C    C N N 115 
GLY O    O N N 116 
GLY OXT  O N N 117 
GLY H    H N N 118 
GLY H2   H N N 119 
GLY HA2  H N N 120 
GLY HA3  H N N 121 
GLY HXT  H N N 122 
HIS N    N N N 123 
HIS CA   C N S 124 
HIS C    C N N 125 
HIS O    O N N 126 
HIS CB   C N N 127 
HIS CG   C Y N 128 
HIS ND1  N Y N 129 
HIS CD2  C Y N 130 
HIS CE1  C Y N 131 
HIS NE2  N Y N 132 
HIS OXT  O N N 133 
HIS H    H N N 134 
HIS H2   H N N 135 
HIS HA   H N N 136 
HIS HB2  H N N 137 
HIS HB3  H N N 138 
HIS HD1  H N N 139 
HIS HD2  H N N 140 
HIS HE1  H N N 141 
HIS HE2  H N N 142 
HIS HXT  H N N 143 
HOH O    O N N 144 
HOH H1   H N N 145 
HOH H2   H N N 146 
ILE N    N N N 147 
ILE CA   C N S 148 
ILE C    C N N 149 
ILE O    O N N 150 
ILE CB   C N S 151 
ILE CG1  C N N 152 
ILE CG2  C N N 153 
ILE CD1  C N N 154 
ILE OXT  O N N 155 
ILE H    H N N 156 
ILE H2   H N N 157 
ILE HA   H N N 158 
ILE HB   H N N 159 
ILE HG12 H N N 160 
ILE HG13 H N N 161 
ILE HG21 H N N 162 
ILE HG22 H N N 163 
ILE HG23 H N N 164 
ILE HD11 H N N 165 
ILE HD12 H N N 166 
ILE HD13 H N N 167 
ILE HXT  H N N 168 
LEU N    N N N 169 
LEU CA   C N S 170 
LEU C    C N N 171 
LEU O    O N N 172 
LEU CB   C N N 173 
LEU CG   C N N 174 
LEU CD1  C N N 175 
LEU CD2  C N N 176 
LEU OXT  O N N 177 
LEU H    H N N 178 
LEU H2   H N N 179 
LEU HA   H N N 180 
LEU HB2  H N N 181 
LEU HB3  H N N 182 
LEU HG   H N N 183 
LEU HD11 H N N 184 
LEU HD12 H N N 185 
LEU HD13 H N N 186 
LEU HD21 H N N 187 
LEU HD22 H N N 188 
LEU HD23 H N N 189 
LEU HXT  H N N 190 
LYS N    N N N 191 
LYS CA   C N S 192 
LYS C    C N N 193 
LYS O    O N N 194 
LYS CB   C N N 195 
LYS CG   C N N 196 
LYS CD   C N N 197 
LYS CE   C N N 198 
LYS NZ   N N N 199 
LYS OXT  O N N 200 
LYS H    H N N 201 
LYS H2   H N N 202 
LYS HA   H N N 203 
LYS HB2  H N N 204 
LYS HB3  H N N 205 
LYS HG2  H N N 206 
LYS HG3  H N N 207 
LYS HD2  H N N 208 
LYS HD3  H N N 209 
LYS HE2  H N N 210 
LYS HE3  H N N 211 
LYS HZ1  H N N 212 
LYS HZ2  H N N 213 
LYS HZ3  H N N 214 
LYS HXT  H N N 215 
MET N    N N N 216 
MET CA   C N S 217 
MET C    C N N 218 
MET O    O N N 219 
MET CB   C N N 220 
MET CG   C N N 221 
MET SD   S N N 222 
MET CE   C N N 223 
MET OXT  O N N 224 
MET H    H N N 225 
MET H2   H N N 226 
MET HA   H N N 227 
MET HB2  H N N 228 
MET HB3  H N N 229 
MET HG2  H N N 230 
MET HG3  H N N 231 
MET HE1  H N N 232 
MET HE2  H N N 233 
MET HE3  H N N 234 
MET HXT  H N N 235 
PHE N    N N N 236 
PHE CA   C N S 237 
PHE C    C N N 238 
PHE O    O N N 239 
PHE CB   C N N 240 
PHE CG   C Y N 241 
PHE CD1  C Y N 242 
PHE CD2  C Y N 243 
PHE CE1  C Y N 244 
PHE CE2  C Y N 245 
PHE CZ   C Y N 246 
PHE OXT  O N N 247 
PHE H    H N N 248 
PHE H2   H N N 249 
PHE HA   H N N 250 
PHE HB2  H N N 251 
PHE HB3  H N N 252 
PHE HD1  H N N 253 
PHE HD2  H N N 254 
PHE HE1  H N N 255 
PHE HE2  H N N 256 
PHE HZ   H N N 257 
PHE HXT  H N N 258 
PRO N    N N N 259 
PRO CA   C N S 260 
PRO C    C N N 261 
PRO O    O N N 262 
PRO CB   C N N 263 
PRO CG   C N N 264 
PRO CD   C N N 265 
PRO OXT  O N N 266 
PRO H    H N N 267 
PRO HA   H N N 268 
PRO HB2  H N N 269 
PRO HB3  H N N 270 
PRO HG2  H N N 271 
PRO HG3  H N N 272 
PRO HD2  H N N 273 
PRO HD3  H N N 274 
PRO HXT  H N N 275 
SER N    N N N 276 
SER CA   C N S 277 
SER C    C N N 278 
SER O    O N N 279 
SER CB   C N N 280 
SER OG   O N N 281 
SER OXT  O N N 282 
SER H    H N N 283 
SER H2   H N N 284 
SER HA   H N N 285 
SER HB2  H N N 286 
SER HB3  H N N 287 
SER HG   H N N 288 
SER HXT  H N N 289 
SO4 S    S N N 290 
SO4 O1   O N N 291 
SO4 O2   O N N 292 
SO4 O3   O N N 293 
SO4 O4   O N N 294 
THR N    N N N 295 
THR CA   C N S 296 
THR C    C N N 297 
THR O    O N N 298 
THR CB   C N R 299 
THR OG1  O N N 300 
THR CG2  C N N 301 
THR OXT  O N N 302 
THR H    H N N 303 
THR H2   H N N 304 
THR HA   H N N 305 
THR HB   H N N 306 
THR HG1  H N N 307 
THR HG21 H N N 308 
THR HG22 H N N 309 
THR HG23 H N N 310 
THR HXT  H N N 311 
TRP N    N N N 312 
TRP CA   C N S 313 
TRP C    C N N 314 
TRP O    O N N 315 
TRP CB   C N N 316 
TRP CG   C Y N 317 
TRP CD1  C Y N 318 
TRP CD2  C Y N 319 
TRP NE1  N Y N 320 
TRP CE2  C Y N 321 
TRP CE3  C Y N 322 
TRP CZ2  C Y N 323 
TRP CZ3  C Y N 324 
TRP CH2  C Y N 325 
TRP OXT  O N N 326 
TRP H    H N N 327 
TRP H2   H N N 328 
TRP HA   H N N 329 
TRP HB2  H N N 330 
TRP HB3  H N N 331 
TRP HD1  H N N 332 
TRP HE1  H N N 333 
TRP HE3  H N N 334 
TRP HZ2  H N N 335 
TRP HZ3  H N N 336 
TRP HH2  H N N 337 
TRP HXT  H N N 338 
TYR N    N N N 339 
TYR CA   C N S 340 
TYR C    C N N 341 
TYR O    O N N 342 
TYR CB   C N N 343 
TYR CG   C Y N 344 
TYR CD1  C Y N 345 
TYR CD2  C Y N 346 
TYR CE1  C Y N 347 
TYR CE2  C Y N 348 
TYR CZ   C Y N 349 
TYR OH   O N N 350 
TYR OXT  O N N 351 
TYR H    H N N 352 
TYR H2   H N N 353 
TYR HA   H N N 354 
TYR HB2  H N N 355 
TYR HB3  H N N 356 
TYR HD1  H N N 357 
TYR HD2  H N N 358 
TYR HE1  H N N 359 
TYR HE2  H N N 360 
TYR HH   H N N 361 
TYR HXT  H N N 362 
VAL N    N N N 363 
VAL CA   C N S 364 
VAL C    C N N 365 
VAL O    O N N 366 
VAL CB   C N N 367 
VAL CG1  C N N 368 
VAL CG2  C N N 369 
VAL OXT  O N N 370 
VAL H    H N N 371 
VAL H2   H N N 372 
VAL HA   H N N 373 
VAL HB   H N N 374 
VAL HG11 H N N 375 
VAL HG12 H N N 376 
VAL HG13 H N N 377 
VAL HG21 H N N 378 
VAL HG22 H N N 379 
VAL HG23 H N N 380 
VAL HXT  H N N 381 
# 
loop_
_chem_comp_bond.comp_id 
_chem_comp_bond.atom_id_1 
_chem_comp_bond.atom_id_2 
_chem_comp_bond.value_order 
_chem_comp_bond.pdbx_aromatic_flag 
_chem_comp_bond.pdbx_stereo_config 
_chem_comp_bond.pdbx_ordinal 
ALA N   CA   sing N N 1   
ALA N   H    sing N N 2   
ALA N   H2   sing N N 3   
ALA CA  C    sing N N 4   
ALA CA  CB   sing N N 5   
ALA CA  HA   sing N N 6   
ALA C   O    doub N N 7   
ALA C   OXT  sing N N 8   
ALA CB  HB1  sing N N 9   
ALA CB  HB2  sing N N 10  
ALA CB  HB3  sing N N 11  
ALA OXT HXT  sing N N 12  
ARG N   CA   sing N N 13  
ARG N   H    sing N N 14  
ARG N   H2   sing N N 15  
ARG CA  C    sing N N 16  
ARG CA  CB   sing N N 17  
ARG CA  HA   sing N N 18  
ARG C   O    doub N N 19  
ARG C   OXT  sing N N 20  
ARG CB  CG   sing N N 21  
ARG CB  HB2  sing N N 22  
ARG CB  HB3  sing N N 23  
ARG CG  CD   sing N N 24  
ARG CG  HG2  sing N N 25  
ARG CG  HG3  sing N N 26  
ARG CD  NE   sing N N 27  
ARG CD  HD2  sing N N 28  
ARG CD  HD3  sing N N 29  
ARG NE  CZ   sing N N 30  
ARG NE  HE   sing N N 31  
ARG CZ  NH1  sing N N 32  
ARG CZ  NH2  doub N N 33  
ARG NH1 HH11 sing N N 34  
ARG NH1 HH12 sing N N 35  
ARG NH2 HH21 sing N N 36  
ARG NH2 HH22 sing N N 37  
ARG OXT HXT  sing N N 38  
ASN N   CA   sing N N 39  
ASN N   H    sing N N 40  
ASN N   H2   sing N N 41  
ASN CA  C    sing N N 42  
ASN CA  CB   sing N N 43  
ASN CA  HA   sing N N 44  
ASN C   O    doub N N 45  
ASN C   OXT  sing N N 46  
ASN CB  CG   sing N N 47  
ASN CB  HB2  sing N N 48  
ASN CB  HB3  sing N N 49  
ASN CG  OD1  doub N N 50  
ASN CG  ND2  sing N N 51  
ASN ND2 HD21 sing N N 52  
ASN ND2 HD22 sing N N 53  
ASN OXT HXT  sing N N 54  
ASP N   CA   sing N N 55  
ASP N   H    sing N N 56  
ASP N   H2   sing N N 57  
ASP CA  C    sing N N 58  
ASP CA  CB   sing N N 59  
ASP CA  HA   sing N N 60  
ASP C   O    doub N N 61  
ASP C   OXT  sing N N 62  
ASP CB  CG   sing N N 63  
ASP CB  HB2  sing N N 64  
ASP CB  HB3  sing N N 65  
ASP CG  OD1  doub N N 66  
ASP CG  OD2  sing N N 67  
ASP OD2 HD2  sing N N 68  
ASP OXT HXT  sing N N 69  
GLN N   CA   sing N N 70  
GLN N   H    sing N N 71  
GLN N   H2   sing N N 72  
GLN CA  C    sing N N 73  
GLN CA  CB   sing N N 74  
GLN CA  HA   sing N N 75  
GLN C   O    doub N N 76  
GLN C   OXT  sing N N 77  
GLN CB  CG   sing N N 78  
GLN CB  HB2  sing N N 79  
GLN CB  HB3  sing N N 80  
GLN CG  CD   sing N N 81  
GLN CG  HG2  sing N N 82  
GLN CG  HG3  sing N N 83  
GLN CD  OE1  doub N N 84  
GLN CD  NE2  sing N N 85  
GLN NE2 HE21 sing N N 86  
GLN NE2 HE22 sing N N 87  
GLN OXT HXT  sing N N 88  
GLU N   CA   sing N N 89  
GLU N   H    sing N N 90  
GLU N   H2   sing N N 91  
GLU CA  C    sing N N 92  
GLU CA  CB   sing N N 93  
GLU CA  HA   sing N N 94  
GLU C   O    doub N N 95  
GLU C   OXT  sing N N 96  
GLU CB  CG   sing N N 97  
GLU CB  HB2  sing N N 98  
GLU CB  HB3  sing N N 99  
GLU CG  CD   sing N N 100 
GLU CG  HG2  sing N N 101 
GLU CG  HG3  sing N N 102 
GLU CD  OE1  doub N N 103 
GLU CD  OE2  sing N N 104 
GLU OE2 HE2  sing N N 105 
GLU OXT HXT  sing N N 106 
GLY N   CA   sing N N 107 
GLY N   H    sing N N 108 
GLY N   H2   sing N N 109 
GLY CA  C    sing N N 110 
GLY CA  HA2  sing N N 111 
GLY CA  HA3  sing N N 112 
GLY C   O    doub N N 113 
GLY C   OXT  sing N N 114 
GLY OXT HXT  sing N N 115 
HIS N   CA   sing N N 116 
HIS N   H    sing N N 117 
HIS N   H2   sing N N 118 
HIS CA  C    sing N N 119 
HIS CA  CB   sing N N 120 
HIS CA  HA   sing N N 121 
HIS C   O    doub N N 122 
HIS C   OXT  sing N N 123 
HIS CB  CG   sing N N 124 
HIS CB  HB2  sing N N 125 
HIS CB  HB3  sing N N 126 
HIS CG  ND1  sing Y N 127 
HIS CG  CD2  doub Y N 128 
HIS ND1 CE1  doub Y N 129 
HIS ND1 HD1  sing N N 130 
HIS CD2 NE2  sing Y N 131 
HIS CD2 HD2  sing N N 132 
HIS CE1 NE2  sing Y N 133 
HIS CE1 HE1  sing N N 134 
HIS NE2 HE2  sing N N 135 
HIS OXT HXT  sing N N 136 
HOH O   H1   sing N N 137 
HOH O   H2   sing N N 138 
ILE N   CA   sing N N 139 
ILE N   H    sing N N 140 
ILE N   H2   sing N N 141 
ILE CA  C    sing N N 142 
ILE CA  CB   sing N N 143 
ILE CA  HA   sing N N 144 
ILE C   O    doub N N 145 
ILE C   OXT  sing N N 146 
ILE CB  CG1  sing N N 147 
ILE CB  CG2  sing N N 148 
ILE CB  HB   sing N N 149 
ILE CG1 CD1  sing N N 150 
ILE CG1 HG12 sing N N 151 
ILE CG1 HG13 sing N N 152 
ILE CG2 HG21 sing N N 153 
ILE CG2 HG22 sing N N 154 
ILE CG2 HG23 sing N N 155 
ILE CD1 HD11 sing N N 156 
ILE CD1 HD12 sing N N 157 
ILE CD1 HD13 sing N N 158 
ILE OXT HXT  sing N N 159 
LEU N   CA   sing N N 160 
LEU N   H    sing N N 161 
LEU N   H2   sing N N 162 
LEU CA  C    sing N N 163 
LEU CA  CB   sing N N 164 
LEU CA  HA   sing N N 165 
LEU C   O    doub N N 166 
LEU C   OXT  sing N N 167 
LEU CB  CG   sing N N 168 
LEU CB  HB2  sing N N 169 
LEU CB  HB3  sing N N 170 
LEU CG  CD1  sing N N 171 
LEU CG  CD2  sing N N 172 
LEU CG  HG   sing N N 173 
LEU CD1 HD11 sing N N 174 
LEU CD1 HD12 sing N N 175 
LEU CD1 HD13 sing N N 176 
LEU CD2 HD21 sing N N 177 
LEU CD2 HD22 sing N N 178 
LEU CD2 HD23 sing N N 179 
LEU OXT HXT  sing N N 180 
LYS N   CA   sing N N 181 
LYS N   H    sing N N 182 
LYS N   H2   sing N N 183 
LYS CA  C    sing N N 184 
LYS CA  CB   sing N N 185 
LYS CA  HA   sing N N 186 
LYS C   O    doub N N 187 
LYS C   OXT  sing N N 188 
LYS CB  CG   sing N N 189 
LYS CB  HB2  sing N N 190 
LYS CB  HB3  sing N N 191 
LYS CG  CD   sing N N 192 
LYS CG  HG2  sing N N 193 
LYS CG  HG3  sing N N 194 
LYS CD  CE   sing N N 195 
LYS CD  HD2  sing N N 196 
LYS CD  HD3  sing N N 197 
LYS CE  NZ   sing N N 198 
LYS CE  HE2  sing N N 199 
LYS CE  HE3  sing N N 200 
LYS NZ  HZ1  sing N N 201 
LYS NZ  HZ2  sing N N 202 
LYS NZ  HZ3  sing N N 203 
LYS OXT HXT  sing N N 204 
MET N   CA   sing N N 205 
MET N   H    sing N N 206 
MET N   H2   sing N N 207 
MET CA  C    sing N N 208 
MET CA  CB   sing N N 209 
MET CA  HA   sing N N 210 
MET C   O    doub N N 211 
MET C   OXT  sing N N 212 
MET CB  CG   sing N N 213 
MET CB  HB2  sing N N 214 
MET CB  HB3  sing N N 215 
MET CG  SD   sing N N 216 
MET CG  HG2  sing N N 217 
MET CG  HG3  sing N N 218 
MET SD  CE   sing N N 219 
MET CE  HE1  sing N N 220 
MET CE  HE2  sing N N 221 
MET CE  HE3  sing N N 222 
MET OXT HXT  sing N N 223 
PHE N   CA   sing N N 224 
PHE N   H    sing N N 225 
PHE N   H2   sing N N 226 
PHE CA  C    sing N N 227 
PHE CA  CB   sing N N 228 
PHE CA  HA   sing N N 229 
PHE C   O    doub N N 230 
PHE C   OXT  sing N N 231 
PHE CB  CG   sing N N 232 
PHE CB  HB2  sing N N 233 
PHE CB  HB3  sing N N 234 
PHE CG  CD1  doub Y N 235 
PHE CG  CD2  sing Y N 236 
PHE CD1 CE1  sing Y N 237 
PHE CD1 HD1  sing N N 238 
PHE CD2 CE2  doub Y N 239 
PHE CD2 HD2  sing N N 240 
PHE CE1 CZ   doub Y N 241 
PHE CE1 HE1  sing N N 242 
PHE CE2 CZ   sing Y N 243 
PHE CE2 HE2  sing N N 244 
PHE CZ  HZ   sing N N 245 
PHE OXT HXT  sing N N 246 
PRO N   CA   sing N N 247 
PRO N   CD   sing N N 248 
PRO N   H    sing N N 249 
PRO CA  C    sing N N 250 
PRO CA  CB   sing N N 251 
PRO CA  HA   sing N N 252 
PRO C   O    doub N N 253 
PRO C   OXT  sing N N 254 
PRO CB  CG   sing N N 255 
PRO CB  HB2  sing N N 256 
PRO CB  HB3  sing N N 257 
PRO CG  CD   sing N N 258 
PRO CG  HG2  sing N N 259 
PRO CG  HG3  sing N N 260 
PRO CD  HD2  sing N N 261 
PRO CD  HD3  sing N N 262 
PRO OXT HXT  sing N N 263 
SER N   CA   sing N N 264 
SER N   H    sing N N 265 
SER N   H2   sing N N 266 
SER CA  C    sing N N 267 
SER CA  CB   sing N N 268 
SER CA  HA   sing N N 269 
SER C   O    doub N N 270 
SER C   OXT  sing N N 271 
SER CB  OG   sing N N 272 
SER CB  HB2  sing N N 273 
SER CB  HB3  sing N N 274 
SER OG  HG   sing N N 275 
SER OXT HXT  sing N N 276 
SO4 S   O1   doub N N 277 
SO4 S   O2   doub N N 278 
SO4 S   O3   sing N N 279 
SO4 S   O4   sing N N 280 
THR N   CA   sing N N 281 
THR N   H    sing N N 282 
THR N   H2   sing N N 283 
THR CA  C    sing N N 284 
THR CA  CB   sing N N 285 
THR CA  HA   sing N N 286 
THR C   O    doub N N 287 
THR C   OXT  sing N N 288 
THR CB  OG1  sing N N 289 
THR CB  CG2  sing N N 290 
THR CB  HB   sing N N 291 
THR OG1 HG1  sing N N 292 
THR CG2 HG21 sing N N 293 
THR CG2 HG22 sing N N 294 
THR CG2 HG23 sing N N 295 
THR OXT HXT  sing N N 296 
TRP N   CA   sing N N 297 
TRP N   H    sing N N 298 
TRP N   H2   sing N N 299 
TRP CA  C    sing N N 300 
TRP CA  CB   sing N N 301 
TRP CA  HA   sing N N 302 
TRP C   O    doub N N 303 
TRP C   OXT  sing N N 304 
TRP CB  CG   sing N N 305 
TRP CB  HB2  sing N N 306 
TRP CB  HB3  sing N N 307 
TRP CG  CD1  doub Y N 308 
TRP CG  CD2  sing Y N 309 
TRP CD1 NE1  sing Y N 310 
TRP CD1 HD1  sing N N 311 
TRP CD2 CE2  doub Y N 312 
TRP CD2 CE3  sing Y N 313 
TRP NE1 CE2  sing Y N 314 
TRP NE1 HE1  sing N N 315 
TRP CE2 CZ2  sing Y N 316 
TRP CE3 CZ3  doub Y N 317 
TRP CE3 HE3  sing N N 318 
TRP CZ2 CH2  doub Y N 319 
TRP CZ2 HZ2  sing N N 320 
TRP CZ3 CH2  sing Y N 321 
TRP CZ3 HZ3  sing N N 322 
TRP CH2 HH2  sing N N 323 
TRP OXT HXT  sing N N 324 
TYR N   CA   sing N N 325 
TYR N   H    sing N N 326 
TYR N   H2   sing N N 327 
TYR CA  C    sing N N 328 
TYR CA  CB   sing N N 329 
TYR CA  HA   sing N N 330 
TYR C   O    doub N N 331 
TYR C   OXT  sing N N 332 
TYR CB  CG   sing N N 333 
TYR CB  HB2  sing N N 334 
TYR CB  HB3  sing N N 335 
TYR CG  CD1  doub Y N 336 
TYR CG  CD2  sing Y N 337 
TYR CD1 CE1  sing Y N 338 
TYR CD1 HD1  sing N N 339 
TYR CD2 CE2  doub Y N 340 
TYR CD2 HD2  sing N N 341 
TYR CE1 CZ   doub Y N 342 
TYR CE1 HE1  sing N N 343 
TYR CE2 CZ   sing Y N 344 
TYR CE2 HE2  sing N N 345 
TYR CZ  OH   sing N N 346 
TYR OH  HH   sing N N 347 
TYR OXT HXT  sing N N 348 
VAL N   CA   sing N N 349 
VAL N   H    sing N N 350 
VAL N   H2   sing N N 351 
VAL CA  C    sing N N 352 
VAL CA  CB   sing N N 353 
VAL CA  HA   sing N N 354 
VAL C   O    doub N N 355 
VAL C   OXT  sing N N 356 
VAL CB  CG1  sing N N 357 
VAL CB  CG2  sing N N 358 
VAL CB  HB   sing N N 359 
VAL CG1 HG11 sing N N 360 
VAL CG1 HG12 sing N N 361 
VAL CG1 HG13 sing N N 362 
VAL CG2 HG21 sing N N 363 
VAL CG2 HG22 sing N N 364 
VAL CG2 HG23 sing N N 365 
VAL OXT HXT  sing N N 366 
# 
loop_
_pdbx_audit_support.funding_organization 
_pdbx_audit_support.country 
_pdbx_audit_support.grant_number 
_pdbx_audit_support.ordinal 
'Australian Research Council (ARC)'                               Australia DP160101743 1 
'National Health and Medical Research Council (NHMRC, Australia)' Australia APP1099114  2 
'National Health and Medical Research Council (NHMRC, Australia)' Australia APP1136021  3 
# 
loop_
_pdbx_entity_nonpoly.entity_id 
_pdbx_entity_nonpoly.name 
_pdbx_entity_nonpoly.comp_id 
2 'SULFATE ION' SO4 
3 water         HOH 
# 
_pdbx_initial_refinement_model.id               1 
_pdbx_initial_refinement_model.entity_id_list   ? 
_pdbx_initial_refinement_model.type             'experimental model' 
_pdbx_initial_refinement_model.source_name      PDB 
_pdbx_initial_refinement_model.accession_code   4IKD 
_pdbx_initial_refinement_model.details          ? 
# 
_pdbx_struct_assembly_auth_evidence.id                     1 
_pdbx_struct_assembly_auth_evidence.assembly_id            1 
_pdbx_struct_assembly_auth_evidence.experimental_support   'gel filtration' 
_pdbx_struct_assembly_auth_evidence.details                'Domain swapped dimer by gel filtration' 
# 
